data_2KC1
#
_entry.id   2KC1
#
_entity_poly.entity_id   1
_entity_poly.type   'polypeptide(L)'
_entity_poly.pdbx_seq_one_letter_code
;GIDPFTMVALSLKISIGNVVKTMQFEPSTMVYDACRMIRERIPEALAGPPNDFGLFLSDDDPKKGIWLEAGKALDYYMLR
NGDTMEYRKKQ
;
_entity_poly.pdbx_strand_id   A
#
# COMPACT_ATOMS: atom_id res chain seq x y z
N GLY A 1 13.79 -1.18 -7.13
CA GLY A 1 12.81 -0.22 -7.69
C GLY A 1 13.12 1.20 -7.29
N ILE A 2 12.19 2.12 -7.53
CA ILE A 2 12.40 3.53 -7.24
C ILE A 2 11.20 4.12 -6.50
N ASP A 3 11.48 5.08 -5.62
CA ASP A 3 10.42 5.75 -4.87
C ASP A 3 9.56 6.60 -5.79
N PRO A 4 8.25 6.32 -5.84
CA PRO A 4 7.30 7.01 -6.72
C PRO A 4 6.91 8.40 -6.21
N PHE A 5 6.58 9.27 -7.16
CA PHE A 5 6.20 10.65 -6.86
C PHE A 5 5.91 11.42 -8.14
N THR A 6 5.73 10.68 -9.24
CA THR A 6 5.65 11.28 -10.55
C THR A 6 4.28 11.91 -10.80
N MET A 7 4.27 13.22 -11.03
CA MET A 7 3.04 13.95 -11.33
C MET A 7 2.03 13.75 -10.19
N VAL A 8 0.79 13.46 -10.55
CA VAL A 8 -0.21 13.12 -9.56
C VAL A 8 0.05 11.72 -9.01
N ALA A 9 0.47 11.65 -7.75
CA ALA A 9 0.79 10.39 -7.11
C ALA A 9 -0.18 10.10 -5.96
N LEU A 10 -0.56 8.85 -5.83
CA LEU A 10 -1.45 8.43 -4.77
C LEU A 10 -0.69 8.29 -3.47
N SER A 11 -0.84 9.27 -2.59
CA SER A 11 -0.20 9.24 -1.29
C SER A 11 -1.09 8.51 -0.28
N LEU A 12 -0.73 7.28 0.03
CA LEU A 12 -1.49 6.51 1.00
C LEU A 12 -0.70 6.33 2.28
N LYS A 13 -1.42 6.18 3.37
CA LYS A 13 -0.79 5.96 4.65
C LYS A 13 -0.65 4.46 4.87
N ILE A 14 0.57 3.97 4.71
CA ILE A 14 0.85 2.54 4.81
C ILE A 14 1.07 2.13 6.25
N SER A 15 0.20 1.26 6.73
CA SER A 15 0.30 0.78 8.09
C SER A 15 0.93 -0.62 8.10
N ILE A 16 2.10 -0.72 8.69
CA ILE A 16 2.71 -2.02 8.94
C ILE A 16 2.79 -2.23 10.44
N GLY A 17 1.85 -3.00 10.96
CA GLY A 17 1.77 -3.21 12.40
C GLY A 17 1.38 -1.95 13.13
N ASN A 18 2.39 -1.21 13.58
CA ASN A 18 2.16 0.05 14.30
C ASN A 18 2.85 1.19 13.57
N VAL A 19 3.50 0.88 12.45
CA VAL A 19 4.23 1.87 11.69
C VAL A 19 3.37 2.41 10.55
N VAL A 20 2.93 3.65 10.70
CA VAL A 20 2.13 4.30 9.67
C VAL A 20 3.01 5.27 8.89
N LYS A 21 3.27 4.93 7.63
CA LYS A 21 4.13 5.73 6.78
C LYS A 21 3.38 6.23 5.55
N THR A 22 3.34 7.54 5.38
CA THR A 22 2.74 8.12 4.19
C THR A 22 3.61 7.84 2.98
N MET A 23 3.14 6.98 2.10
CA MET A 23 3.90 6.56 0.93
C MET A 23 3.24 7.08 -0.34
N GLN A 24 4.07 7.54 -1.27
CA GLN A 24 3.57 8.04 -2.54
C GLN A 24 3.69 6.94 -3.59
N PHE A 25 2.56 6.52 -4.13
CA PHE A 25 2.54 5.49 -5.15
C PHE A 25 2.08 6.06 -6.48
N GLU A 26 2.48 5.44 -7.57
CA GLU A 26 2.00 5.84 -8.89
C GLU A 26 0.61 5.24 -9.10
N PRO A 27 -0.28 5.94 -9.81
CA PRO A 27 -1.67 5.52 -9.99
C PRO A 27 -1.81 4.17 -10.69
N SER A 28 -0.99 3.95 -11.71
CA SER A 28 -1.07 2.73 -12.50
C SER A 28 -0.24 1.61 -11.86
N THR A 29 0.24 1.83 -10.65
CA THR A 29 1.04 0.86 -9.95
C THR A 29 0.20 -0.34 -9.51
N MET A 30 0.68 -1.53 -9.86
CA MET A 30 0.00 -2.76 -9.50
C MET A 30 0.24 -3.07 -8.03
N VAL A 31 -0.65 -3.85 -7.44
CA VAL A 31 -0.58 -4.16 -6.02
C VAL A 31 0.71 -4.90 -5.65
N TYR A 32 1.14 -5.84 -6.49
CA TYR A 32 2.39 -6.56 -6.22
C TYR A 32 3.58 -5.62 -6.34
N ASP A 33 3.41 -4.59 -7.15
CA ASP A 33 4.46 -3.61 -7.38
C ASP A 33 4.50 -2.60 -6.25
N ALA A 34 3.33 -2.28 -5.71
CA ALA A 34 3.23 -1.42 -4.55
C ALA A 34 3.88 -2.09 -3.34
N CYS A 35 3.67 -3.40 -3.23
CA CYS A 35 4.35 -4.20 -2.21
C CYS A 35 5.86 -4.14 -2.41
N ARG A 36 6.29 -4.22 -3.67
CA ARG A 36 7.69 -4.09 -4.05
C ARG A 36 8.26 -2.75 -3.56
N MET A 37 7.41 -1.74 -3.56
CA MET A 37 7.83 -0.41 -3.13
C MET A 37 7.98 -0.35 -1.61
N ILE A 38 7.02 -0.91 -0.88
CA ILE A 38 7.09 -0.84 0.58
C ILE A 38 8.26 -1.62 1.13
N ARG A 39 8.44 -2.85 0.64
CA ARG A 39 9.54 -3.70 1.09
C ARG A 39 10.87 -2.97 0.98
N GLU A 40 10.99 -2.15 -0.06
CA GLU A 40 12.22 -1.44 -0.33
C GLU A 40 12.32 -0.13 0.46
N ARG A 41 11.19 0.49 0.77
CA ARG A 41 11.20 1.77 1.46
C ARG A 41 11.08 1.58 2.98
N ILE A 42 10.32 0.56 3.36
CA ILE A 42 10.14 0.20 4.76
C ILE A 42 10.55 -1.26 4.97
N PRO A 43 11.52 -1.53 5.83
CA PRO A 43 12.10 -2.87 5.97
C PRO A 43 11.16 -3.83 6.67
N GLU A 44 10.20 -3.28 7.41
CA GLU A 44 9.35 -4.10 8.25
C GLU A 44 8.43 -4.97 7.39
N ALA A 45 8.20 -4.55 6.15
CA ALA A 45 7.43 -5.32 5.19
C ALA A 45 8.07 -6.70 4.93
N LEU A 46 9.37 -6.79 5.18
CA LEU A 46 10.12 -8.01 4.96
C LEU A 46 10.09 -8.91 6.20
N ALA A 47 9.03 -8.78 7.00
CA ALA A 47 8.89 -9.56 8.22
C ALA A 47 8.51 -11.00 7.92
N GLY A 48 8.14 -11.26 6.67
CA GLY A 48 7.76 -12.61 6.29
C GLY A 48 7.71 -12.76 4.78
N PRO A 49 7.13 -13.85 4.27
CA PRO A 49 7.03 -14.12 2.84
C PRO A 49 6.11 -13.15 2.14
N PRO A 50 6.49 -12.77 0.91
CA PRO A 50 5.82 -11.71 0.18
C PRO A 50 4.35 -12.01 -0.12
N ASN A 51 4.03 -13.28 -0.37
CA ASN A 51 2.65 -13.66 -0.68
C ASN A 51 1.88 -13.96 0.60
N ASP A 52 2.61 -14.11 1.69
CA ASP A 52 1.99 -14.38 2.97
C ASP A 52 1.41 -13.09 3.52
N PHE A 53 2.07 -11.99 3.18
CA PHE A 53 1.58 -10.66 3.49
C PHE A 53 0.78 -10.12 2.31
N GLY A 54 0.18 -8.95 2.47
CA GLY A 54 -0.56 -8.35 1.39
C GLY A 54 -1.02 -6.94 1.73
N LEU A 55 -1.59 -6.27 0.75
CA LEU A 55 -2.10 -4.92 0.94
C LEU A 55 -3.56 -4.97 1.37
N PHE A 56 -3.86 -4.32 2.48
CA PHE A 56 -5.20 -4.30 3.03
C PHE A 56 -5.76 -2.89 2.99
N LEU A 57 -6.73 -2.67 2.13
CA LEU A 57 -7.37 -1.36 2.00
C LEU A 57 -8.12 -1.05 3.28
N SER A 58 -7.71 -0.01 3.98
CA SER A 58 -8.33 0.33 5.24
C SER A 58 -9.44 1.36 5.06
N ASP A 59 -10.57 1.09 5.68
CA ASP A 59 -11.73 1.97 5.61
C ASP A 59 -12.01 2.48 7.01
N ASP A 60 -13.23 2.96 7.26
CA ASP A 60 -13.60 3.45 8.58
C ASP A 60 -14.03 2.27 9.46
N ASP A 61 -14.52 1.23 8.81
CA ASP A 61 -14.92 0.00 9.49
C ASP A 61 -14.01 -1.15 9.06
N PRO A 62 -13.57 -1.99 10.01
CA PRO A 62 -12.66 -3.10 9.74
C PRO A 62 -13.24 -4.12 8.75
N LYS A 63 -14.56 -4.20 8.67
CA LYS A 63 -15.20 -5.18 7.81
C LYS A 63 -15.33 -4.65 6.39
N LYS A 64 -15.06 -3.37 6.22
CA LYS A 64 -15.11 -2.74 4.91
C LYS A 64 -13.75 -2.83 4.23
N GLY A 65 -12.74 -3.20 5.01
CA GLY A 65 -11.40 -3.34 4.48
C GLY A 65 -11.26 -4.59 3.64
N ILE A 66 -10.69 -4.45 2.46
CA ILE A 66 -10.54 -5.56 1.53
C ILE A 66 -9.08 -5.80 1.16
N TRP A 67 -8.78 -6.99 0.69
CA TRP A 67 -7.42 -7.35 0.31
C TRP A 67 -7.18 -7.08 -1.18
N LEU A 68 -6.26 -6.19 -1.47
CA LEU A 68 -5.92 -5.85 -2.84
C LEU A 68 -5.21 -7.00 -3.53
N GLU A 69 -5.73 -7.40 -4.69
CA GLU A 69 -5.13 -8.47 -5.47
C GLU A 69 -3.89 -7.97 -6.20
N ALA A 70 -2.83 -8.76 -6.16
CA ALA A 70 -1.56 -8.42 -6.80
C ALA A 70 -1.75 -8.08 -8.28
N GLY A 71 -2.70 -8.73 -8.94
CA GLY A 71 -2.88 -8.53 -10.36
C GLY A 71 -3.71 -7.31 -10.69
N LYS A 72 -4.10 -6.57 -9.66
CA LYS A 72 -4.86 -5.34 -9.86
C LYS A 72 -3.98 -4.13 -9.54
N ALA A 73 -4.44 -2.96 -9.91
CA ALA A 73 -3.69 -1.73 -9.65
C ALA A 73 -4.29 -0.96 -8.48
N LEU A 74 -3.56 0.02 -7.99
CA LEU A 74 -4.01 0.83 -6.86
C LEU A 74 -5.20 1.70 -7.25
N ASP A 75 -5.10 2.36 -8.41
CA ASP A 75 -6.19 3.20 -8.91
C ASP A 75 -7.46 2.37 -9.11
N TYR A 76 -7.26 1.10 -9.44
CA TYR A 76 -8.35 0.16 -9.67
C TYR A 76 -9.21 0.01 -8.42
N TYR A 77 -8.60 0.20 -7.26
CA TYR A 77 -9.30 0.03 -5.99
C TYR A 77 -9.79 1.35 -5.41
N MET A 78 -9.88 2.37 -6.26
CA MET A 78 -10.41 3.68 -5.88
C MET A 78 -9.56 4.35 -4.81
N LEU A 79 -8.28 3.99 -4.78
CA LEU A 79 -7.35 4.58 -3.80
C LEU A 79 -7.02 6.03 -4.16
N ARG A 80 -6.85 6.85 -3.14
CA ARG A 80 -6.61 8.28 -3.33
C ARG A 80 -5.50 8.74 -2.39
N ASN A 81 -5.10 10.00 -2.54
CA ASN A 81 -4.13 10.60 -1.63
C ASN A 81 -4.81 10.96 -0.31
N GLY A 82 -4.40 10.28 0.74
CA GLY A 82 -4.99 10.50 2.05
C GLY A 82 -5.60 9.24 2.61
N ASP A 83 -5.77 8.23 1.76
CA ASP A 83 -6.34 6.96 2.20
C ASP A 83 -5.33 6.17 3.02
N THR A 84 -5.83 5.22 3.78
CA THR A 84 -4.99 4.38 4.59
C THR A 84 -5.01 2.95 4.07
N MET A 85 -3.84 2.35 3.96
CA MET A 85 -3.75 0.95 3.59
C MET A 85 -2.77 0.26 4.48
N GLU A 86 -3.17 -0.86 5.04
CA GLU A 86 -2.34 -1.58 5.96
C GLU A 86 -1.70 -2.76 5.27
N TYR A 87 -0.40 -2.65 4.98
CA TYR A 87 0.34 -3.79 4.48
C TYR A 87 0.63 -4.72 5.65
N ARG A 88 -0.13 -5.81 5.70
CA ARG A 88 -0.09 -6.73 6.82
C ARG A 88 -0.11 -8.17 6.32
N LYS A 89 0.06 -9.10 7.23
CA LYS A 89 0.05 -10.51 6.90
C LYS A 89 -1.38 -10.99 6.64
N LYS A 90 -1.54 -11.83 5.63
CA LYS A 90 -2.80 -12.49 5.37
C LYS A 90 -2.99 -13.62 6.38
N GLN A 91 -4.23 -13.82 6.83
CA GLN A 91 -4.56 -14.83 7.84
C GLN A 91 -3.54 -14.89 8.98
N GLY A 1 16.33 14.07 -10.96
CA GLY A 1 16.24 12.63 -11.32
C GLY A 1 14.82 12.19 -11.58
N ILE A 2 14.51 10.95 -11.26
CA ILE A 2 13.17 10.44 -11.41
C ILE A 2 12.45 10.46 -10.06
N ASP A 3 11.44 11.31 -9.97
CA ASP A 3 10.69 11.48 -8.73
C ASP A 3 9.71 10.34 -8.52
N PRO A 4 9.40 10.01 -7.25
CA PRO A 4 8.39 9.00 -6.93
C PRO A 4 7.00 9.42 -7.40
N PHE A 5 6.76 10.72 -7.37
CA PHE A 5 5.51 11.29 -7.85
C PHE A 5 5.65 11.68 -9.32
N THR A 6 4.53 11.80 -10.02
CA THR A 6 4.56 12.10 -11.43
C THR A 6 3.24 12.73 -11.89
N MET A 7 3.17 14.06 -11.77
CA MET A 7 1.96 14.84 -12.11
C MET A 7 0.83 14.55 -11.15
N VAL A 8 0.38 13.33 -11.16
CA VAL A 8 -0.67 12.86 -10.27
C VAL A 8 -0.27 11.50 -9.68
N ALA A 9 -0.16 11.44 -8.36
CA ALA A 9 0.22 10.22 -7.66
C ALA A 9 -0.76 9.92 -6.55
N LEU A 10 -0.58 8.77 -5.91
CA LEU A 10 -1.46 8.35 -4.83
C LEU A 10 -0.69 8.31 -3.52
N SER A 11 -0.90 9.31 -2.68
CA SER A 11 -0.24 9.38 -1.39
C SER A 11 -1.10 8.76 -0.30
N LEU A 12 -0.76 7.55 0.10
CA LEU A 12 -1.52 6.83 1.10
C LEU A 12 -0.69 6.56 2.34
N LYS A 13 -1.38 6.28 3.44
CA LYS A 13 -0.72 5.93 4.68
C LYS A 13 -0.60 4.42 4.80
N ILE A 14 0.63 3.92 4.84
CA ILE A 14 0.84 2.49 4.93
C ILE A 14 1.15 2.08 6.37
N SER A 15 0.29 1.24 6.92
CA SER A 15 0.44 0.79 8.28
C SER A 15 0.99 -0.63 8.31
N ILE A 16 2.29 -0.76 8.57
CA ILE A 16 2.88 -2.07 8.76
C ILE A 16 2.76 -2.43 10.23
N GLY A 17 1.70 -3.14 10.58
CA GLY A 17 1.39 -3.40 11.97
C GLY A 17 0.67 -2.21 12.58
N ASN A 18 1.41 -1.38 13.29
CA ASN A 18 0.85 -0.15 13.85
C ASN A 18 1.69 1.04 13.42
N VAL A 19 2.86 0.76 12.86
CA VAL A 19 3.75 1.81 12.39
C VAL A 19 3.30 2.33 11.03
N VAL A 20 2.90 3.59 10.98
CA VAL A 20 2.38 4.18 9.76
C VAL A 20 3.47 4.94 9.00
N LYS A 21 3.61 4.60 7.73
CA LYS A 21 4.57 5.25 6.87
C LYS A 21 3.84 5.96 5.72
N THR A 22 4.18 7.21 5.50
CA THR A 22 3.63 7.96 4.36
C THR A 22 4.34 7.54 3.08
N MET A 23 3.59 6.97 2.15
CA MET A 23 4.17 6.50 0.90
C MET A 23 3.37 7.02 -0.29
N GLN A 24 4.08 7.45 -1.32
CA GLN A 24 3.45 7.93 -2.53
C GLN A 24 3.57 6.89 -3.64
N PHE A 25 2.44 6.38 -4.08
CA PHE A 25 2.41 5.38 -5.12
C PHE A 25 1.94 6.00 -6.44
N GLU A 26 2.00 5.24 -7.50
CA GLU A 26 1.50 5.69 -8.79
C GLU A 26 0.19 4.98 -9.11
N PRO A 27 -0.78 5.68 -9.71
CA PRO A 27 -2.06 5.09 -10.10
C PRO A 27 -1.87 3.87 -11.00
N SER A 28 -0.89 3.94 -11.90
CA SER A 28 -0.64 2.89 -12.86
C SER A 28 0.18 1.74 -12.24
N THR A 29 0.40 1.80 -10.94
CA THR A 29 1.13 0.76 -10.24
C THR A 29 0.21 -0.37 -9.81
N MET A 30 0.63 -1.60 -10.06
CA MET A 30 -0.12 -2.77 -9.63
C MET A 30 0.15 -3.02 -8.15
N VAL A 31 -0.79 -3.67 -7.48
CA VAL A 31 -0.70 -3.87 -6.03
C VAL A 31 0.54 -4.67 -5.64
N TYR A 32 0.90 -5.69 -6.43
CA TYR A 32 2.09 -6.48 -6.12
C TYR A 32 3.33 -5.60 -6.25
N ASP A 33 3.24 -4.61 -7.13
CA ASP A 33 4.38 -3.72 -7.37
C ASP A 33 4.42 -2.64 -6.29
N ALA A 34 3.25 -2.29 -5.78
CA ALA A 34 3.15 -1.38 -4.64
C ALA A 34 3.75 -2.04 -3.40
N CYS A 35 3.56 -3.35 -3.30
CA CYS A 35 4.19 -4.13 -2.25
C CYS A 35 5.71 -4.03 -2.35
N ARG A 36 6.20 -4.02 -3.60
CA ARG A 36 7.62 -3.83 -3.87
C ARG A 36 8.07 -2.46 -3.35
N MET A 37 7.26 -1.44 -3.60
CA MET A 37 7.58 -0.08 -3.20
C MET A 37 7.73 0.02 -1.69
N ILE A 38 6.99 -0.79 -0.95
CA ILE A 38 7.10 -0.80 0.50
C ILE A 38 8.37 -1.51 0.95
N ARG A 39 8.63 -2.70 0.41
CA ARG A 39 9.76 -3.49 0.86
C ARG A 39 11.11 -2.90 0.45
N GLU A 40 11.15 -2.20 -0.68
CA GLU A 40 12.40 -1.60 -1.14
C GLU A 40 12.68 -0.29 -0.43
N ARG A 41 11.62 0.43 -0.07
CA ARG A 41 11.76 1.73 0.58
C ARG A 41 11.86 1.56 2.09
N ILE A 42 11.06 0.66 2.63
CA ILE A 42 11.01 0.41 4.06
C ILE A 42 11.43 -1.02 4.38
N PRO A 43 12.50 -1.19 5.17
CA PRO A 43 13.06 -2.51 5.50
C PRO A 43 12.18 -3.24 6.50
N GLU A 44 11.32 -2.47 7.15
CA GLU A 44 10.47 -2.99 8.21
C GLU A 44 9.48 -4.02 7.68
N ALA A 45 9.17 -3.91 6.39
CA ALA A 45 8.26 -4.84 5.74
C ALA A 45 8.90 -6.21 5.52
N LEU A 46 10.23 -6.25 5.54
CA LEU A 46 10.95 -7.48 5.28
C LEU A 46 10.97 -8.40 6.50
N ALA A 47 10.10 -9.39 6.49
CA ALA A 47 10.06 -10.41 7.52
C ALA A 47 9.80 -11.77 6.89
N GLY A 48 10.09 -11.85 5.60
CA GLY A 48 9.83 -13.07 4.86
C GLY A 48 9.57 -12.78 3.39
N PRO A 49 8.87 -13.68 2.68
CA PRO A 49 8.53 -13.47 1.28
C PRO A 49 7.50 -12.41 1.08
N PRO A 50 7.63 -11.65 -0.01
CA PRO A 50 6.79 -10.49 -0.24
C PRO A 50 5.34 -10.85 -0.44
N ASN A 51 5.09 -12.09 -0.88
CA ASN A 51 3.74 -12.56 -1.15
C ASN A 51 3.06 -13.05 0.12
N ASP A 52 3.80 -13.05 1.22
CA ASP A 52 3.22 -13.37 2.51
C ASP A 52 2.55 -12.13 3.08
N PHE A 53 2.96 -10.99 2.56
CA PHE A 53 2.41 -9.71 2.95
C PHE A 53 1.57 -9.15 1.82
N GLY A 54 0.68 -8.23 2.14
CA GLY A 54 -0.15 -7.63 1.13
C GLY A 54 -0.70 -6.28 1.58
N LEU A 55 -1.42 -5.63 0.69
CA LEU A 55 -2.02 -4.34 1.00
C LEU A 55 -3.45 -4.52 1.45
N PHE A 56 -3.75 -3.99 2.63
CA PHE A 56 -5.07 -4.10 3.19
C PHE A 56 -5.74 -2.73 3.25
N LEU A 57 -6.75 -2.53 2.44
CA LEU A 57 -7.48 -1.28 2.39
C LEU A 57 -8.24 -1.09 3.70
N SER A 58 -7.86 -0.08 4.46
CA SER A 58 -8.48 0.16 5.74
C SER A 58 -9.62 1.17 5.61
N ASP A 59 -10.75 0.81 6.20
CA ASP A 59 -11.94 1.65 6.18
C ASP A 59 -12.22 2.13 7.59
N ASP A 60 -13.18 3.02 7.77
CA ASP A 60 -13.52 3.49 9.10
C ASP A 60 -14.27 2.41 9.86
N ASP A 61 -14.79 1.43 9.13
CA ASP A 61 -15.38 0.25 9.74
C ASP A 61 -14.60 -0.99 9.30
N PRO A 62 -14.16 -1.80 10.29
CA PRO A 62 -13.24 -2.92 10.04
C PRO A 62 -13.73 -3.94 9.01
N LYS A 63 -15.02 -4.22 8.98
CA LYS A 63 -15.54 -5.26 8.09
C LYS A 63 -15.65 -4.75 6.66
N LYS A 64 -15.40 -3.47 6.46
CA LYS A 64 -15.43 -2.88 5.12
C LYS A 64 -14.04 -2.96 4.49
N GLY A 65 -13.04 -3.28 5.31
CA GLY A 65 -11.67 -3.36 4.83
C GLY A 65 -11.43 -4.60 3.99
N ILE A 66 -10.70 -4.45 2.91
CA ILE A 66 -10.46 -5.57 1.98
C ILE A 66 -8.99 -5.66 1.61
N TRP A 67 -8.56 -6.85 1.24
CA TRP A 67 -7.22 -7.06 0.74
C TRP A 67 -7.17 -6.76 -0.76
N LEU A 68 -6.22 -5.94 -1.18
CA LEU A 68 -6.05 -5.63 -2.59
C LEU A 68 -5.37 -6.79 -3.31
N GLU A 69 -5.87 -7.12 -4.48
CA GLU A 69 -5.28 -8.17 -5.29
C GLU A 69 -3.97 -7.70 -5.91
N ALA A 70 -2.92 -8.46 -5.68
CA ALA A 70 -1.59 -8.15 -6.19
C ALA A 70 -1.60 -7.98 -7.72
N GLY A 71 -2.42 -8.77 -8.38
CA GLY A 71 -2.50 -8.71 -9.83
C GLY A 71 -3.41 -7.59 -10.33
N LYS A 72 -3.91 -6.78 -9.41
CA LYS A 72 -4.72 -5.62 -9.79
C LYS A 72 -3.90 -4.35 -9.60
N ALA A 73 -4.43 -3.23 -10.08
CA ALA A 73 -3.75 -1.95 -9.97
C ALA A 73 -4.33 -1.10 -8.84
N LEU A 74 -3.55 -0.13 -8.38
CA LEU A 74 -3.99 0.76 -7.31
C LEU A 74 -5.13 1.66 -7.79
N ASP A 75 -5.02 2.13 -9.04
CA ASP A 75 -6.04 2.99 -9.63
C ASP A 75 -7.35 2.23 -9.79
N TYR A 76 -7.25 0.92 -9.98
CA TYR A 76 -8.41 0.05 -10.09
C TYR A 76 -9.30 0.17 -8.85
N TYR A 77 -8.65 0.26 -7.71
CA TYR A 77 -9.34 0.37 -6.44
C TYR A 77 -9.73 1.82 -6.14
N MET A 78 -9.31 2.72 -7.03
CA MET A 78 -9.61 4.14 -6.92
C MET A 78 -9.09 4.73 -5.61
N LEU A 79 -7.88 4.32 -5.25
CA LEU A 79 -7.21 4.84 -4.05
C LEU A 79 -6.87 6.31 -4.25
N ARG A 80 -6.88 7.08 -3.18
CA ARG A 80 -6.62 8.51 -3.25
C ARG A 80 -5.74 8.95 -2.09
N ASN A 81 -5.27 10.19 -2.16
CA ASN A 81 -4.45 10.77 -1.10
C ASN A 81 -5.23 10.79 0.22
N GLY A 82 -4.61 10.29 1.27
CA GLY A 82 -5.22 10.38 2.57
C GLY A 82 -5.74 9.05 3.08
N ASP A 83 -5.92 8.09 2.18
CA ASP A 83 -6.43 6.78 2.57
C ASP A 83 -5.35 5.97 3.27
N THR A 84 -5.77 5.03 4.10
CA THR A 84 -4.85 4.23 4.87
C THR A 84 -4.91 2.76 4.44
N MET A 85 -3.76 2.17 4.20
CA MET A 85 -3.68 0.76 3.88
C MET A 85 -2.65 0.10 4.76
N GLU A 86 -2.98 -1.07 5.25
CA GLU A 86 -2.04 -1.84 6.05
C GLU A 86 -1.24 -2.78 5.18
N TYR A 87 0.03 -2.49 5.01
CA TYR A 87 0.92 -3.47 4.42
C TYR A 87 1.30 -4.46 5.52
N ARG A 88 0.69 -5.63 5.46
CA ARG A 88 0.77 -6.60 6.54
C ARG A 88 0.66 -8.01 5.98
N LYS A 89 0.90 -9.00 6.84
CA LYS A 89 0.78 -10.41 6.43
C LYS A 89 -0.64 -10.67 5.95
N LYS A 90 -0.77 -11.06 4.68
CA LYS A 90 -2.07 -11.25 4.08
C LYS A 90 -2.71 -12.55 4.55
N GLN A 91 -4.02 -12.59 4.53
CA GLN A 91 -4.77 -13.77 4.93
C GLN A 91 -5.95 -13.97 3.98
N GLY A 1 2.22 23.87 -2.31
CA GLY A 1 3.59 23.35 -2.50
C GLY A 1 3.68 21.87 -2.19
N ILE A 2 3.19 21.05 -3.11
CA ILE A 2 3.25 19.60 -2.96
C ILE A 2 3.89 19.00 -4.20
N ASP A 3 4.91 18.17 -4.00
CA ASP A 3 5.60 17.54 -5.11
C ASP A 3 4.89 16.25 -5.51
N PRO A 4 4.78 15.99 -6.82
CA PRO A 4 4.01 14.85 -7.34
C PRO A 4 4.75 13.52 -7.27
N PHE A 5 6.07 13.58 -7.07
CA PHE A 5 6.93 12.39 -7.10
C PHE A 5 6.96 11.79 -8.50
N THR A 6 5.91 11.06 -8.86
CA THR A 6 5.77 10.48 -10.18
C THR A 6 4.29 10.43 -10.57
N MET A 7 3.93 11.15 -11.64
CA MET A 7 2.55 11.21 -12.11
C MET A 7 1.66 11.87 -11.05
N VAL A 8 0.36 11.66 -11.13
CA VAL A 8 -0.52 12.10 -10.06
C VAL A 8 -0.53 11.05 -8.95
N ALA A 9 0.49 11.14 -8.10
CA ALA A 9 0.78 10.10 -7.12
C ALA A 9 -0.35 9.91 -6.10
N LEU A 10 -0.49 8.67 -5.66
CA LEU A 10 -1.43 8.32 -4.62
C LEU A 10 -0.69 8.21 -3.29
N SER A 11 -0.90 9.19 -2.42
CA SER A 11 -0.25 9.17 -1.13
C SER A 11 -1.15 8.49 -0.11
N LEU A 12 -0.83 7.25 0.23
CA LEU A 12 -1.62 6.52 1.20
C LEU A 12 -0.85 6.34 2.49
N LYS A 13 -1.58 6.30 3.59
CA LYS A 13 -0.99 6.03 4.87
C LYS A 13 -0.82 4.53 5.00
N ILE A 14 0.39 4.04 4.84
CA ILE A 14 0.63 2.61 4.87
C ILE A 14 0.89 2.15 6.29
N SER A 15 -0.09 1.51 6.87
CA SER A 15 0.01 0.99 8.20
C SER A 15 0.71 -0.37 8.20
N ILE A 16 1.98 -0.36 8.55
CA ILE A 16 2.79 -1.57 8.57
C ILE A 16 2.99 -2.04 10.01
N GLY A 17 2.19 -3.02 10.41
CA GLY A 17 2.29 -3.54 11.77
C GLY A 17 1.78 -2.55 12.80
N ASN A 18 2.66 -1.66 13.24
CA ASN A 18 2.29 -0.65 14.21
C ASN A 18 2.73 0.74 13.77
N VAL A 19 3.43 0.81 12.65
CA VAL A 19 3.96 2.07 12.17
C VAL A 19 3.22 2.54 10.92
N VAL A 20 2.83 3.81 10.91
CA VAL A 20 2.13 4.38 9.77
C VAL A 20 3.11 5.14 8.87
N LYS A 21 3.33 4.60 7.68
CA LYS A 21 4.25 5.21 6.74
C LYS A 21 3.49 5.87 5.60
N THR A 22 3.57 7.19 5.53
CA THR A 22 2.94 7.94 4.46
C THR A 22 3.87 8.01 3.26
N MET A 23 3.53 7.30 2.20
CA MET A 23 4.35 7.29 0.99
C MET A 23 3.48 7.54 -0.22
N GLN A 24 4.11 7.82 -1.36
CA GLN A 24 3.38 8.10 -2.59
C GLN A 24 3.62 7.04 -3.64
N PHE A 25 2.54 6.47 -4.14
CA PHE A 25 2.61 5.47 -5.21
C PHE A 25 2.03 6.08 -6.48
N GLU A 26 1.99 5.30 -7.55
CA GLU A 26 1.33 5.73 -8.78
C GLU A 26 0.00 5.00 -8.92
N PRO A 27 -1.00 5.65 -9.53
CA PRO A 27 -2.28 4.99 -9.82
C PRO A 27 -2.09 3.76 -10.71
N SER A 28 -1.08 3.83 -11.57
CA SER A 28 -0.80 2.76 -12.52
C SER A 28 0.03 1.66 -11.87
N THR A 29 0.35 1.82 -10.58
CA THR A 29 1.13 0.84 -9.86
C THR A 29 0.30 -0.40 -9.53
N MET A 30 0.80 -1.56 -9.94
CA MET A 30 0.18 -2.83 -9.60
C MET A 30 0.28 -3.08 -8.10
N VAL A 31 -0.69 -3.78 -7.54
CA VAL A 31 -0.71 -4.04 -6.11
C VAL A 31 0.56 -4.73 -5.62
N TYR A 32 1.03 -5.73 -6.36
CA TYR A 32 2.24 -6.47 -5.97
C TYR A 32 3.47 -5.59 -6.16
N ASP A 33 3.37 -4.59 -7.01
CA ASP A 33 4.49 -3.67 -7.24
C ASP A 33 4.51 -2.62 -6.12
N ALA A 34 3.33 -2.29 -5.62
CA ALA A 34 3.19 -1.33 -4.54
C ALA A 34 3.75 -1.91 -3.23
N CYS A 35 3.42 -3.15 -2.95
CA CYS A 35 3.94 -3.81 -1.76
C CYS A 35 5.43 -4.06 -1.91
N ARG A 36 5.88 -4.19 -3.15
CA ARG A 36 7.30 -4.30 -3.45
C ARG A 36 8.02 -3.01 -3.10
N MET A 37 7.38 -1.88 -3.41
CA MET A 37 7.93 -0.56 -3.10
C MET A 37 8.14 -0.42 -1.60
N ILE A 38 7.18 -0.90 -0.82
CA ILE A 38 7.29 -0.84 0.63
C ILE A 38 8.53 -1.59 1.11
N ARG A 39 8.81 -2.73 0.49
CA ARG A 39 9.92 -3.57 0.89
C ARG A 39 11.27 -2.96 0.53
N GLU A 40 11.34 -2.24 -0.59
CA GLU A 40 12.61 -1.66 -1.03
C GLU A 40 12.88 -0.35 -0.30
N ARG A 41 11.82 0.37 0.06
CA ARG A 41 11.96 1.67 0.72
C ARG A 41 12.04 1.48 2.24
N ILE A 42 11.26 0.55 2.75
CA ILE A 42 11.17 0.32 4.18
C ILE A 42 11.60 -1.11 4.52
N PRO A 43 12.58 -1.26 5.43
CA PRO A 43 13.14 -2.57 5.77
C PRO A 43 12.21 -3.37 6.65
N GLU A 44 11.27 -2.67 7.27
CA GLU A 44 10.35 -3.25 8.22
C GLU A 44 9.40 -4.20 7.50
N ALA A 45 9.24 -3.98 6.21
CA ALA A 45 8.37 -4.78 5.36
C ALA A 45 8.91 -6.21 5.18
N LEU A 46 10.19 -6.37 5.43
CA LEU A 46 10.85 -7.64 5.22
C LEU A 46 10.86 -8.45 6.52
N ALA A 47 9.81 -9.23 6.71
CA ALA A 47 9.68 -10.06 7.90
C ALA A 47 9.00 -11.38 7.53
N GLY A 48 9.18 -11.81 6.30
CA GLY A 48 8.56 -13.03 5.84
C GLY A 48 8.49 -13.10 4.33
N PRO A 49 8.03 -14.23 3.78
CA PRO A 49 7.90 -14.42 2.33
C PRO A 49 6.93 -13.45 1.70
N PRO A 50 7.15 -13.14 0.42
CA PRO A 50 6.44 -12.06 -0.24
C PRO A 50 4.93 -12.27 -0.31
N ASN A 51 4.52 -13.52 -0.45
CA ASN A 51 3.10 -13.85 -0.62
C ASN A 51 2.42 -14.00 0.74
N ASP A 52 3.19 -13.84 1.80
CA ASP A 52 2.66 -13.92 3.15
C ASP A 52 2.22 -12.54 3.63
N PHE A 53 2.65 -11.53 2.91
CA PHE A 53 2.28 -10.15 3.20
C PHE A 53 1.40 -9.61 2.08
N GLY A 54 0.51 -8.70 2.40
CA GLY A 54 -0.37 -8.14 1.39
C GLY A 54 -0.82 -6.74 1.71
N LEU A 55 -1.53 -6.13 0.78
CA LEU A 55 -2.05 -4.79 0.96
C LEU A 55 -3.52 -4.85 1.39
N PHE A 56 -3.80 -4.32 2.56
CA PHE A 56 -5.14 -4.35 3.12
C PHE A 56 -5.76 -2.95 3.09
N LEU A 57 -6.69 -2.74 2.16
CA LEU A 57 -7.36 -1.47 2.05
C LEU A 57 -8.19 -1.21 3.30
N SER A 58 -7.84 -0.17 4.04
CA SER A 58 -8.54 0.17 5.26
C SER A 58 -9.63 1.20 4.96
N ASP A 59 -10.74 1.07 5.66
CA ASP A 59 -11.85 1.99 5.50
C ASP A 59 -12.56 2.19 6.83
N ASP A 60 -13.34 3.25 6.94
CA ASP A 60 -14.12 3.49 8.15
C ASP A 60 -15.09 2.34 8.38
N ASP A 61 -15.57 1.78 7.28
CA ASP A 61 -16.45 0.61 7.33
C ASP A 61 -15.61 -0.66 7.36
N PRO A 62 -15.76 -1.48 8.41
CA PRO A 62 -14.94 -2.68 8.62
C PRO A 62 -15.15 -3.75 7.55
N LYS A 63 -16.28 -3.68 6.86
CA LYS A 63 -16.61 -4.67 5.84
C LYS A 63 -16.11 -4.22 4.48
N LYS A 64 -15.71 -2.96 4.39
CA LYS A 64 -15.14 -2.42 3.15
C LYS A 64 -13.63 -2.64 3.13
N GLY A 65 -13.10 -3.10 4.27
CA GLY A 65 -11.69 -3.43 4.34
C GLY A 65 -11.39 -4.70 3.58
N ILE A 66 -10.65 -4.58 2.49
CA ILE A 66 -10.40 -5.72 1.61
C ILE A 66 -8.92 -5.87 1.32
N TRP A 67 -8.50 -7.10 1.08
CA TRP A 67 -7.14 -7.39 0.66
C TRP A 67 -7.02 -7.22 -0.84
N LEU A 68 -6.13 -6.35 -1.28
CA LEU A 68 -6.00 -6.03 -2.69
C LEU A 68 -5.29 -7.14 -3.44
N GLU A 69 -5.75 -7.40 -4.66
CA GLU A 69 -5.18 -8.45 -5.49
C GLU A 69 -3.97 -7.94 -6.28
N ALA A 70 -2.90 -8.73 -6.27
CA ALA A 70 -1.67 -8.38 -6.98
C ALA A 70 -1.93 -8.08 -8.45
N GLY A 71 -2.87 -8.80 -9.05
CA GLY A 71 -3.18 -8.61 -10.46
C GLY A 71 -3.99 -7.36 -10.75
N LYS A 72 -4.26 -6.57 -9.71
CA LYS A 72 -4.98 -5.33 -9.87
C LYS A 72 -4.03 -4.14 -9.63
N ALA A 73 -4.47 -2.96 -9.99
CA ALA A 73 -3.67 -1.76 -9.75
C ALA A 73 -4.24 -0.96 -8.58
N LEU A 74 -3.52 0.06 -8.16
CA LEU A 74 -3.97 0.89 -7.04
C LEU A 74 -5.14 1.78 -7.45
N ASP A 75 -5.13 2.24 -8.70
CA ASP A 75 -6.20 3.09 -9.22
C ASP A 75 -7.47 2.27 -9.40
N TYR A 76 -7.29 0.96 -9.52
CA TYR A 76 -8.38 0.01 -9.67
C TYR A 76 -9.35 0.12 -8.49
N TYR A 77 -8.77 0.25 -7.30
CA TYR A 77 -9.55 0.29 -6.08
C TYR A 77 -9.89 1.73 -5.68
N MET A 78 -9.70 2.65 -6.63
CA MET A 78 -10.07 4.06 -6.46
C MET A 78 -9.28 4.72 -5.33
N LEU A 79 -8.07 4.24 -5.09
CA LEU A 79 -7.22 4.80 -4.04
C LEU A 79 -6.75 6.20 -4.41
N ARG A 80 -6.56 7.06 -3.41
CA ARG A 80 -6.10 8.42 -3.64
C ARG A 80 -5.25 8.90 -2.47
N ASN A 81 -4.78 10.14 -2.59
CA ASN A 81 -4.03 10.79 -1.52
C ASN A 81 -4.89 10.95 -0.27
N GLY A 82 -4.44 10.34 0.82
CA GLY A 82 -5.15 10.48 2.07
C GLY A 82 -5.71 9.15 2.57
N ASP A 83 -5.82 8.18 1.69
CA ASP A 83 -6.32 6.86 2.05
C ASP A 83 -5.35 6.14 2.98
N THR A 84 -5.85 5.13 3.68
CA THR A 84 -5.03 4.33 4.56
C THR A 84 -5.07 2.87 4.14
N MET A 85 -3.92 2.26 4.00
CA MET A 85 -3.84 0.87 3.62
C MET A 85 -2.81 0.16 4.48
N GLU A 86 -3.18 -0.97 5.02
CA GLU A 86 -2.29 -1.73 5.87
C GLU A 86 -1.50 -2.75 5.06
N TYR A 87 -0.25 -2.45 4.81
CA TYR A 87 0.65 -3.47 4.30
C TYR A 87 1.13 -4.31 5.46
N ARG A 88 0.58 -5.51 5.57
CA ARG A 88 0.82 -6.36 6.73
C ARG A 88 0.79 -7.82 6.35
N LYS A 89 1.17 -8.66 7.28
CA LYS A 89 1.14 -10.10 7.11
C LYS A 89 -0.31 -10.56 6.97
N LYS A 90 -0.63 -11.12 5.81
CA LYS A 90 -2.00 -11.53 5.54
C LYS A 90 -2.22 -12.97 5.98
N GLN A 91 -3.29 -13.19 6.74
CA GLN A 91 -3.61 -14.49 7.27
C GLN A 91 -5.11 -14.70 7.25
N GLY A 1 18.37 13.95 -4.32
CA GLY A 1 17.51 13.02 -3.54
C GLY A 1 16.43 12.41 -4.40
N ILE A 2 15.29 12.11 -3.81
CA ILE A 2 14.16 11.58 -4.56
C ILE A 2 13.24 12.71 -5.00
N ASP A 3 12.43 12.45 -6.01
CA ASP A 3 11.51 13.46 -6.54
C ASP A 3 10.26 13.54 -5.66
N PRO A 4 9.83 14.77 -5.33
CA PRO A 4 8.70 15.01 -4.41
C PRO A 4 7.41 14.28 -4.76
N PHE A 5 7.12 14.13 -6.05
CA PHE A 5 5.87 13.49 -6.48
C PHE A 5 5.96 12.96 -7.91
N THR A 6 6.61 13.73 -8.78
CA THR A 6 6.82 13.34 -10.18
C THR A 6 5.54 13.45 -11.00
N MET A 7 4.49 12.76 -10.56
CA MET A 7 3.21 12.77 -11.25
C MET A 7 2.10 12.84 -10.22
N VAL A 8 0.88 12.46 -10.60
CA VAL A 8 -0.22 12.38 -9.65
C VAL A 8 -0.02 11.17 -8.76
N ALA A 9 0.90 11.28 -7.82
CA ALA A 9 1.27 10.17 -6.97
C ALA A 9 0.28 10.01 -5.83
N LEU A 10 -0.24 8.80 -5.70
CA LEU A 10 -1.21 8.46 -4.68
C LEU A 10 -0.50 8.33 -3.33
N SER A 11 -0.71 9.29 -2.46
CA SER A 11 -0.06 9.29 -1.16
C SER A 11 -0.99 8.71 -0.10
N LEU A 12 -0.74 7.47 0.27
CA LEU A 12 -1.58 6.78 1.23
C LEU A 12 -0.88 6.63 2.57
N LYS A 13 -1.67 6.42 3.61
CA LYS A 13 -1.13 6.08 4.91
C LYS A 13 -0.97 4.58 5.00
N ILE A 14 0.26 4.12 4.87
CA ILE A 14 0.54 2.70 4.89
C ILE A 14 0.82 2.24 6.31
N SER A 15 -0.09 1.45 6.85
CA SER A 15 0.06 0.95 8.19
C SER A 15 0.76 -0.41 8.16
N ILE A 16 2.04 -0.40 8.46
CA ILE A 16 2.82 -1.62 8.53
C ILE A 16 2.78 -2.12 9.97
N GLY A 17 1.84 -2.99 10.25
CA GLY A 17 1.58 -3.38 11.62
C GLY A 17 0.88 -2.24 12.35
N ASN A 18 1.64 -1.47 13.10
CA ASN A 18 1.12 -0.27 13.73
C ASN A 18 1.95 0.95 13.29
N VAL A 19 2.91 0.70 12.41
CA VAL A 19 3.76 1.76 11.89
C VAL A 19 3.14 2.41 10.67
N VAL A 20 2.57 3.60 10.86
CA VAL A 20 1.94 4.32 9.76
C VAL A 20 2.97 5.17 9.01
N LYS A 21 3.11 4.90 7.72
CA LYS A 21 4.03 5.63 6.87
C LYS A 21 3.31 6.27 5.69
N THR A 22 3.66 7.50 5.38
CA THR A 22 3.08 8.19 4.23
C THR A 22 3.89 7.84 2.99
N MET A 23 3.30 7.01 2.13
CA MET A 23 3.99 6.54 0.94
C MET A 23 3.29 7.03 -0.32
N GLN A 24 4.07 7.32 -1.34
CA GLN A 24 3.53 7.82 -2.59
C GLN A 24 3.73 6.80 -3.71
N PHE A 25 2.62 6.37 -4.29
CA PHE A 25 2.66 5.40 -5.38
C PHE A 25 2.13 6.04 -6.65
N GLU A 26 2.16 5.31 -7.75
CA GLU A 26 1.60 5.80 -8.99
C GLU A 26 0.23 5.16 -9.24
N PRO A 27 -0.67 5.88 -9.93
CA PRO A 27 -1.99 5.33 -10.29
C PRO A 27 -1.88 4.00 -11.02
N SER A 28 -0.88 3.88 -11.89
CA SER A 28 -0.71 2.70 -12.73
C SER A 28 -0.03 1.57 -11.98
N THR A 29 0.40 1.82 -10.76
CA THR A 29 1.09 0.81 -9.97
C THR A 29 0.17 -0.34 -9.58
N MET A 30 0.61 -1.56 -9.85
CA MET A 30 -0.12 -2.75 -9.45
C MET A 30 0.08 -3.02 -7.97
N VAL A 31 -0.88 -3.68 -7.36
CA VAL A 31 -0.86 -3.93 -5.92
C VAL A 31 0.40 -4.68 -5.48
N TYR A 32 0.73 -5.76 -6.18
CA TYR A 32 1.90 -6.57 -5.82
C TYR A 32 3.19 -5.75 -6.00
N ASP A 33 3.14 -4.80 -6.93
CA ASP A 33 4.27 -3.95 -7.21
C ASP A 33 4.37 -2.85 -6.16
N ALA A 34 3.23 -2.36 -5.72
CA ALA A 34 3.17 -1.36 -4.66
C ALA A 34 3.64 -1.97 -3.34
N CYS A 35 3.35 -3.26 -3.15
CA CYS A 35 3.88 -4.00 -2.01
C CYS A 35 5.40 -3.98 -2.07
N ARG A 36 5.92 -4.21 -3.26
CA ARG A 36 7.36 -4.18 -3.51
C ARG A 36 7.91 -2.76 -3.32
N MET A 37 7.11 -1.75 -3.64
CA MET A 37 7.54 -0.36 -3.45
C MET A 37 7.79 -0.05 -1.98
N ILE A 38 7.01 -0.69 -1.10
CA ILE A 38 7.21 -0.52 0.34
C ILE A 38 8.56 -1.08 0.76
N ARG A 39 8.86 -2.31 0.35
CA ARG A 39 10.11 -2.95 0.73
C ARG A 39 11.32 -2.26 0.08
N GLU A 40 11.10 -1.64 -1.08
CA GLU A 40 12.15 -0.87 -1.75
C GLU A 40 12.57 0.33 -0.91
N ARG A 41 11.59 1.10 -0.46
CA ARG A 41 11.85 2.34 0.27
C ARG A 41 12.05 2.07 1.74
N ILE A 42 11.38 1.05 2.24
CA ILE A 42 11.44 0.68 3.64
C ILE A 42 11.84 -0.79 3.76
N PRO A 43 13.11 -1.06 4.12
CA PRO A 43 13.61 -2.44 4.27
C PRO A 43 13.04 -3.07 5.53
N GLU A 44 12.53 -2.19 6.38
CA GLU A 44 12.01 -2.59 7.67
C GLU A 44 10.75 -3.43 7.49
N ALA A 45 10.03 -3.19 6.40
CA ALA A 45 8.77 -3.87 6.14
C ALA A 45 8.96 -5.18 5.40
N LEU A 46 10.21 -5.59 5.23
CA LEU A 46 10.51 -6.86 4.57
C LEU A 46 10.12 -8.04 5.46
N ALA A 47 10.90 -8.24 6.53
CA ALA A 47 10.67 -9.31 7.51
C ALA A 47 10.86 -10.71 6.91
N GLY A 48 10.04 -11.06 5.93
CA GLY A 48 10.11 -12.37 5.32
C GLY A 48 9.79 -12.33 3.84
N PRO A 49 9.24 -13.42 3.30
CA PRO A 49 8.93 -13.53 1.86
C PRO A 49 7.81 -12.61 1.42
N PRO A 50 7.99 -12.01 0.25
CA PRO A 50 7.12 -10.93 -0.22
C PRO A 50 5.65 -11.33 -0.37
N ASN A 51 5.39 -12.56 -0.85
CA ASN A 51 4.02 -12.99 -1.10
C ASN A 51 3.28 -13.29 0.19
N ASP A 52 4.03 -13.33 1.29
CA ASP A 52 3.41 -13.50 2.60
C ASP A 52 2.87 -12.16 3.10
N PHE A 53 3.24 -11.10 2.41
CA PHE A 53 2.77 -9.77 2.75
C PHE A 53 1.89 -9.24 1.63
N GLY A 54 1.01 -8.30 1.96
CA GLY A 54 0.11 -7.75 0.96
C GLY A 54 -0.45 -6.41 1.37
N LEU A 55 -1.26 -5.83 0.49
CA LEU A 55 -1.88 -4.55 0.77
C LEU A 55 -3.32 -4.75 1.19
N PHE A 56 -3.63 -4.28 2.39
CA PHE A 56 -4.95 -4.43 2.96
C PHE A 56 -5.62 -3.07 3.09
N LEU A 57 -6.57 -2.80 2.22
CA LEU A 57 -7.31 -1.54 2.26
C LEU A 57 -8.16 -1.51 3.52
N SER A 58 -7.72 -0.79 4.53
CA SER A 58 -8.38 -0.80 5.82
C SER A 58 -9.55 0.17 5.85
N ASP A 59 -10.45 -0.07 6.80
CA ASP A 59 -11.61 0.78 7.01
C ASP A 59 -11.84 0.90 8.51
N ASP A 60 -10.73 1.07 9.23
CA ASP A 60 -10.70 1.06 10.70
C ASP A 60 -10.98 -0.32 11.25
N ASP A 61 -12.15 -0.87 10.95
CA ASP A 61 -12.50 -2.22 11.36
C ASP A 61 -11.86 -3.23 10.42
N PRO A 62 -11.19 -4.25 10.97
CA PRO A 62 -10.45 -5.25 10.17
C PRO A 62 -11.33 -6.05 9.22
N LYS A 63 -12.62 -6.12 9.50
CA LYS A 63 -13.52 -6.90 8.66
C LYS A 63 -14.13 -6.02 7.57
N LYS A 64 -14.03 -4.71 7.75
CA LYS A 64 -14.51 -3.77 6.75
C LYS A 64 -13.44 -3.54 5.70
N GLY A 65 -12.24 -4.01 6.00
CA GLY A 65 -11.14 -3.89 5.08
C GLY A 65 -11.04 -5.07 4.14
N ILE A 66 -10.34 -4.88 3.03
CA ILE A 66 -10.21 -5.91 2.01
C ILE A 66 -8.77 -6.03 1.54
N TRP A 67 -8.35 -7.23 1.19
CA TRP A 67 -7.03 -7.45 0.64
C TRP A 67 -7.04 -7.17 -0.86
N LEU A 68 -6.11 -6.36 -1.31
CA LEU A 68 -6.07 -5.97 -2.72
C LEU A 68 -5.37 -7.05 -3.53
N GLU A 69 -5.91 -7.33 -4.71
CA GLU A 69 -5.37 -8.38 -5.57
C GLU A 69 -4.07 -7.93 -6.22
N ALA A 70 -3.09 -8.83 -6.23
CA ALA A 70 -1.77 -8.56 -6.78
C ALA A 70 -1.85 -8.18 -8.26
N GLY A 71 -2.76 -8.83 -8.98
CA GLY A 71 -2.90 -8.56 -10.40
C GLY A 71 -3.73 -7.33 -10.71
N LYS A 72 -4.16 -6.62 -9.68
CA LYS A 72 -4.93 -5.40 -9.86
C LYS A 72 -4.04 -4.20 -9.54
N ALA A 73 -4.42 -3.03 -10.02
CA ALA A 73 -3.67 -1.82 -9.78
C ALA A 73 -4.25 -1.02 -8.62
N LEU A 74 -3.51 -0.02 -8.16
CA LEU A 74 -3.99 0.85 -7.09
C LEU A 74 -5.13 1.72 -7.59
N ASP A 75 -5.07 2.08 -8.87
CA ASP A 75 -6.14 2.84 -9.52
C ASP A 75 -7.44 2.06 -9.49
N TYR A 76 -7.31 0.74 -9.60
CA TYR A 76 -8.46 -0.16 -9.59
C TYR A 76 -9.32 0.06 -8.35
N TYR A 77 -8.66 0.25 -7.22
CA TYR A 77 -9.35 0.39 -5.95
C TYR A 77 -9.57 1.85 -5.60
N MET A 78 -9.28 2.74 -6.56
CA MET A 78 -9.49 4.17 -6.41
C MET A 78 -8.77 4.72 -5.18
N LEU A 79 -7.51 4.30 -5.02
CA LEU A 79 -6.70 4.79 -3.92
C LEU A 79 -6.26 6.22 -4.21
N ARG A 80 -6.29 7.06 -3.18
CA ARG A 80 -5.99 8.48 -3.34
C ARG A 80 -5.10 8.97 -2.20
N ASN A 81 -4.83 10.25 -2.18
CA ASN A 81 -4.06 10.87 -1.11
C ASN A 81 -4.88 10.93 0.17
N GLY A 82 -4.41 10.30 1.21
CA GLY A 82 -5.10 10.34 2.49
C GLY A 82 -5.73 9.02 2.87
N ASP A 83 -5.89 8.13 1.88
CA ASP A 83 -6.47 6.82 2.14
C ASP A 83 -5.53 5.97 3.00
N THR A 84 -6.11 5.10 3.81
CA THR A 84 -5.33 4.27 4.70
C THR A 84 -5.27 2.83 4.20
N MET A 85 -4.09 2.26 4.14
CA MET A 85 -3.92 0.89 3.70
C MET A 85 -2.85 0.20 4.51
N GLU A 86 -3.13 -1.02 4.95
CA GLU A 86 -2.22 -1.76 5.79
C GLU A 86 -1.32 -2.66 4.94
N TYR A 87 -0.06 -2.28 4.77
CA TYR A 87 0.91 -3.23 4.22
C TYR A 87 1.38 -4.14 5.34
N ARG A 88 0.89 -5.37 5.34
CA ARG A 88 1.17 -6.30 6.42
C ARG A 88 1.17 -7.73 5.90
N LYS A 89 1.59 -8.65 6.75
CA LYS A 89 1.59 -10.06 6.40
C LYS A 89 0.15 -10.58 6.26
N LYS A 90 -0.12 -11.22 5.14
CA LYS A 90 -1.44 -11.75 4.86
C LYS A 90 -1.47 -13.26 5.08
N GLN A 91 -2.63 -13.76 5.44
CA GLN A 91 -2.80 -15.19 5.64
C GLN A 91 -3.50 -15.77 4.42
N GLY A 1 11.80 16.26 3.26
CA GLY A 1 10.47 16.57 2.68
C GLY A 1 9.80 15.34 2.13
N ILE A 2 9.00 15.51 1.10
CA ILE A 2 8.38 14.39 0.41
C ILE A 2 9.24 13.97 -0.77
N ASP A 3 8.90 12.84 -1.38
CA ASP A 3 9.61 12.39 -2.56
C ASP A 3 9.00 13.02 -3.80
N PRO A 4 9.84 13.39 -4.78
CA PRO A 4 9.38 14.02 -6.02
C PRO A 4 8.47 13.10 -6.83
N PHE A 5 7.23 13.51 -7.03
CA PHE A 5 6.29 12.75 -7.83
C PHE A 5 6.14 13.38 -9.20
N THR A 6 5.92 12.55 -10.21
CA THR A 6 5.88 13.03 -11.58
C THR A 6 4.43 13.16 -12.06
N MET A 7 3.95 14.40 -12.10
CA MET A 7 2.56 14.73 -12.44
C MET A 7 1.59 14.17 -11.42
N VAL A 8 1.09 12.98 -11.70
CA VAL A 8 0.09 12.35 -10.85
C VAL A 8 0.72 11.30 -9.93
N ALA A 9 0.08 11.08 -8.79
CA ALA A 9 0.56 10.13 -7.81
C ALA A 9 -0.55 9.76 -6.84
N LEU A 10 -0.28 8.78 -5.99
CA LEU A 10 -1.22 8.36 -4.98
C LEU A 10 -0.57 8.45 -3.60
N SER A 11 -0.91 9.48 -2.83
CA SER A 11 -0.32 9.66 -1.52
C SER A 11 -1.18 9.03 -0.43
N LEU A 12 -0.80 7.86 0.02
CA LEU A 12 -1.59 7.11 0.98
C LEU A 12 -0.80 6.81 2.24
N LYS A 13 -1.54 6.45 3.30
CA LYS A 13 -0.93 6.06 4.56
C LYS A 13 -0.82 4.56 4.63
N ILE A 14 0.39 4.04 4.76
CA ILE A 14 0.60 2.61 4.80
C ILE A 14 1.03 2.16 6.19
N SER A 15 0.20 1.33 6.81
CA SER A 15 0.50 0.81 8.13
C SER A 15 1.08 -0.59 8.02
N ILE A 16 2.34 -0.73 8.40
CA ILE A 16 2.99 -2.05 8.38
C ILE A 16 3.20 -2.54 9.81
N GLY A 17 2.25 -3.33 10.29
CA GLY A 17 2.33 -3.84 11.64
C GLY A 17 1.92 -2.81 12.67
N ASN A 18 2.70 -1.74 12.78
CA ASN A 18 2.43 -0.66 13.72
C ASN A 18 2.90 0.67 13.17
N VAL A 19 4.00 0.64 12.42
CA VAL A 19 4.56 1.85 11.82
C VAL A 19 3.73 2.28 10.61
N VAL A 20 3.28 3.53 10.63
CA VAL A 20 2.49 4.08 9.53
C VAL A 20 3.30 5.06 8.71
N LYS A 21 3.54 4.73 7.46
CA LYS A 21 4.35 5.55 6.58
C LYS A 21 3.49 6.23 5.52
N THR A 22 3.84 7.46 5.18
CA THR A 22 3.15 8.17 4.12
C THR A 22 3.87 7.92 2.80
N MET A 23 3.30 7.05 1.99
CA MET A 23 3.96 6.64 0.76
C MET A 23 3.23 7.18 -0.46
N GLN A 24 4.01 7.62 -1.43
CA GLN A 24 3.46 8.13 -2.67
C GLN A 24 3.64 7.08 -3.76
N PHE A 25 2.54 6.49 -4.15
CA PHE A 25 2.54 5.50 -5.22
C PHE A 25 2.12 6.17 -6.51
N GLU A 26 2.02 5.41 -7.59
CA GLU A 26 1.58 5.98 -8.86
C GLU A 26 0.29 5.31 -9.30
N PRO A 27 -0.57 6.04 -10.03
CA PRO A 27 -1.89 5.57 -10.44
C PRO A 27 -1.84 4.51 -11.53
N SER A 28 -0.72 3.81 -11.64
CA SER A 28 -0.59 2.70 -12.56
C SER A 28 0.20 1.57 -11.91
N THR A 29 0.50 1.73 -10.62
CA THR A 29 1.29 0.77 -9.89
C THR A 29 0.46 -0.47 -9.56
N MET A 30 1.02 -1.65 -9.85
CA MET A 30 0.38 -2.91 -9.49
C MET A 30 0.47 -3.12 -7.99
N VAL A 31 -0.53 -3.76 -7.41
CA VAL A 31 -0.57 -3.99 -5.97
C VAL A 31 0.63 -4.81 -5.49
N TYR A 32 0.99 -5.85 -6.24
CA TYR A 32 2.13 -6.70 -5.85
C TYR A 32 3.43 -5.91 -5.92
N ASP A 33 3.44 -4.89 -6.77
CA ASP A 33 4.62 -4.06 -6.91
C ASP A 33 4.63 -3.02 -5.78
N ALA A 34 3.47 -2.44 -5.52
CA ALA A 34 3.32 -1.44 -4.47
C ALA A 34 3.67 -2.02 -3.11
N CYS A 35 3.28 -3.27 -2.87
CA CYS A 35 3.57 -3.93 -1.60
C CYS A 35 5.08 -4.16 -1.48
N ARG A 36 5.74 -4.35 -2.61
CA ARG A 36 7.18 -4.55 -2.60
C ARG A 36 7.88 -3.21 -2.41
N MET A 37 7.31 -2.15 -2.99
CA MET A 37 7.84 -0.80 -2.80
C MET A 37 8.02 -0.50 -1.32
N ILE A 38 7.09 -0.98 -0.50
CA ILE A 38 7.17 -0.79 0.93
C ILE A 38 8.40 -1.49 1.50
N ARG A 39 8.54 -2.79 1.24
CA ARG A 39 9.59 -3.58 1.85
C ARG A 39 10.98 -3.20 1.33
N GLU A 40 11.06 -2.73 0.10
CA GLU A 40 12.35 -2.32 -0.47
C GLU A 40 12.91 -1.13 0.29
N ARG A 41 12.07 -0.12 0.53
CA ARG A 41 12.52 1.10 1.19
C ARG A 41 12.42 0.96 2.70
N ILE A 42 11.27 0.49 3.16
CA ILE A 42 10.97 0.41 4.58
C ILE A 42 11.27 -1.00 5.10
N PRO A 43 12.04 -1.11 6.19
CA PRO A 43 12.47 -2.41 6.74
C PRO A 43 11.34 -3.13 7.45
N GLU A 44 10.29 -2.38 7.74
CA GLU A 44 9.19 -2.88 8.55
C GLU A 44 8.52 -4.08 7.89
N ALA A 45 8.35 -4.01 6.57
CA ALA A 45 7.64 -5.03 5.82
C ALA A 45 8.52 -6.26 5.55
N LEU A 46 9.78 -6.17 5.93
CA LEU A 46 10.72 -7.26 5.68
C LEU A 46 10.66 -8.28 6.81
N ALA A 47 9.90 -9.34 6.59
CA ALA A 47 9.76 -10.42 7.55
C ALA A 47 9.37 -11.70 6.84
N GLY A 48 8.25 -11.64 6.14
CA GLY A 48 7.82 -12.75 5.31
C GLY A 48 7.70 -12.33 3.87
N PRO A 49 7.78 -13.27 2.92
CA PRO A 49 7.72 -12.96 1.49
C PRO A 49 6.42 -12.30 1.09
N PRO A 50 6.46 -11.56 -0.02
CA PRO A 50 5.34 -10.72 -0.44
C PRO A 50 4.09 -11.50 -0.84
N ASN A 51 4.19 -12.83 -0.81
CA ASN A 51 3.09 -13.68 -1.21
C ASN A 51 2.04 -13.80 -0.10
N ASP A 52 2.50 -14.01 1.14
CA ASP A 52 1.58 -14.18 2.25
C ASP A 52 1.37 -12.85 2.98
N PHE A 53 2.09 -11.82 2.54
CA PHE A 53 1.83 -10.47 2.98
C PHE A 53 1.02 -9.73 1.92
N GLY A 54 0.10 -8.88 2.34
CA GLY A 54 -0.76 -8.23 1.38
C GLY A 54 -1.18 -6.84 1.81
N LEU A 55 -1.64 -6.07 0.84
CA LEU A 55 -2.13 -4.73 1.09
C LEU A 55 -3.60 -4.77 1.48
N PHE A 56 -3.86 -4.51 2.75
CA PHE A 56 -5.21 -4.54 3.27
C PHE A 56 -5.78 -3.13 3.30
N LEU A 57 -6.83 -2.91 2.54
CA LEU A 57 -7.49 -1.61 2.54
C LEU A 57 -8.29 -1.48 3.82
N SER A 58 -7.73 -0.77 4.78
CA SER A 58 -8.33 -0.65 6.09
C SER A 58 -9.36 0.46 6.15
N ASP A 59 -10.48 0.18 6.79
CA ASP A 59 -11.54 1.15 7.00
C ASP A 59 -11.95 1.09 8.46
N ASP A 60 -12.68 2.09 8.94
CA ASP A 60 -13.14 2.09 10.32
C ASP A 60 -14.25 1.06 10.50
N ASP A 61 -14.82 0.61 9.39
CA ASP A 61 -15.75 -0.50 9.39
C ASP A 61 -15.04 -1.75 8.90
N PRO A 62 -14.99 -2.81 9.73
CA PRO A 62 -14.27 -4.05 9.42
C PRO A 62 -14.81 -4.76 8.18
N LYS A 63 -16.07 -4.49 7.84
CA LYS A 63 -16.72 -5.13 6.71
C LYS A 63 -16.23 -4.53 5.40
N LYS A 64 -15.71 -3.31 5.46
CA LYS A 64 -15.23 -2.61 4.26
C LYS A 64 -13.79 -2.99 3.94
N GLY A 65 -13.13 -3.63 4.90
CA GLY A 65 -11.74 -3.99 4.73
C GLY A 65 -11.55 -5.09 3.71
N ILE A 66 -10.79 -4.80 2.66
CA ILE A 66 -10.57 -5.76 1.58
C ILE A 66 -9.09 -5.93 1.29
N TRP A 67 -8.70 -7.13 0.88
CA TRP A 67 -7.32 -7.39 0.49
C TRP A 67 -7.14 -7.08 -0.99
N LEU A 68 -6.24 -6.16 -1.29
CA LEU A 68 -6.02 -5.74 -2.66
C LEU A 68 -5.32 -6.85 -3.45
N GLU A 69 -5.82 -7.11 -4.65
CA GLU A 69 -5.26 -8.16 -5.49
C GLU A 69 -3.91 -7.75 -6.06
N ALA A 70 -2.91 -8.60 -5.85
CA ALA A 70 -1.55 -8.37 -6.29
C ALA A 70 -1.48 -7.96 -7.77
N GLY A 71 -2.30 -8.59 -8.59
CA GLY A 71 -2.25 -8.34 -10.03
C GLY A 71 -3.06 -7.13 -10.46
N LYS A 72 -3.75 -6.48 -9.53
CA LYS A 72 -4.57 -5.34 -9.85
C LYS A 72 -3.81 -4.03 -9.61
N ALA A 73 -4.41 -2.93 -10.02
CA ALA A 73 -3.78 -1.63 -9.88
C ALA A 73 -4.34 -0.87 -8.68
N LEU A 74 -3.59 0.10 -8.20
CA LEU A 74 -4.01 0.89 -7.05
C LEU A 74 -5.15 1.82 -7.42
N ASP A 75 -5.05 2.44 -8.59
CA ASP A 75 -6.08 3.37 -9.07
C ASP A 75 -7.38 2.61 -9.33
N TYR A 76 -7.25 1.32 -9.60
CA TYR A 76 -8.39 0.45 -9.86
C TYR A 76 -9.29 0.37 -8.64
N TYR A 77 -8.68 0.52 -7.47
CA TYR A 77 -9.40 0.44 -6.23
C TYR A 77 -9.91 1.81 -5.79
N MET A 78 -9.71 2.80 -6.66
CA MET A 78 -10.25 4.15 -6.46
C MET A 78 -9.72 4.80 -5.18
N LEU A 79 -8.56 4.34 -4.72
CA LEU A 79 -7.93 4.93 -3.55
C LEU A 79 -7.31 6.28 -3.92
N ARG A 80 -7.23 7.17 -2.95
CA ARG A 80 -6.79 8.55 -3.21
C ARG A 80 -5.86 9.01 -2.11
N ASN A 81 -5.31 10.21 -2.29
CA ASN A 81 -4.48 10.83 -1.28
C ASN A 81 -5.27 11.00 0.01
N GLY A 82 -4.78 10.40 1.09
CA GLY A 82 -5.49 10.46 2.34
C GLY A 82 -6.01 9.10 2.78
N ASP A 83 -6.19 8.20 1.81
CA ASP A 83 -6.65 6.85 2.13
C ASP A 83 -5.56 6.07 2.87
N THR A 84 -6.00 5.09 3.66
CA THR A 84 -5.08 4.32 4.47
C THR A 84 -5.09 2.85 4.04
N MET A 85 -3.91 2.30 3.82
CA MET A 85 -3.76 0.89 3.51
C MET A 85 -2.83 0.24 4.52
N GLU A 86 -3.21 -0.94 4.96
CA GLU A 86 -2.44 -1.65 5.97
C GLU A 86 -1.71 -2.83 5.34
N TYR A 87 -0.42 -2.68 5.13
CA TYR A 87 0.39 -3.74 4.56
C TYR A 87 0.81 -4.70 5.66
N ARG A 88 0.16 -5.86 5.69
CA ARG A 88 0.32 -6.80 6.78
C ARG A 88 0.29 -8.23 6.27
N LYS A 89 0.60 -9.15 7.16
CA LYS A 89 0.54 -10.58 6.85
C LYS A 89 -0.92 -11.01 6.65
N LYS A 90 -1.19 -11.62 5.51
CA LYS A 90 -2.53 -12.09 5.18
C LYS A 90 -2.90 -13.30 6.03
N GLN A 91 -4.15 -13.39 6.43
CA GLN A 91 -4.63 -14.52 7.20
C GLN A 91 -4.81 -15.72 6.28
N GLY A 1 12.27 2.46 -13.95
CA GLY A 1 11.37 3.61 -14.22
C GLY A 1 10.84 4.22 -12.94
N ILE A 2 11.56 5.19 -12.41
CA ILE A 2 11.20 5.81 -11.15
C ILE A 2 10.90 7.30 -11.31
N ASP A 3 9.65 7.66 -11.13
CA ASP A 3 9.24 9.05 -11.14
C ASP A 3 9.28 9.60 -9.72
N PRO A 4 9.75 10.84 -9.54
CA PRO A 4 9.85 11.48 -8.22
C PRO A 4 8.48 11.80 -7.59
N PHE A 5 7.41 11.33 -8.23
CA PHE A 5 6.05 11.49 -7.73
C PHE A 5 5.60 12.95 -7.84
N THR A 6 4.84 13.22 -8.90
CA THR A 6 4.39 14.57 -9.18
C THR A 6 3.05 14.53 -9.93
N MET A 7 2.00 15.02 -9.27
CA MET A 7 0.63 15.03 -9.81
C MET A 7 0.03 13.64 -9.84
N VAL A 8 0.58 12.80 -10.67
CA VAL A 8 0.11 11.43 -10.83
C VAL A 8 0.72 10.54 -9.74
N ALA A 9 0.38 10.84 -8.50
CA ALA A 9 0.88 10.09 -7.37
C ALA A 9 -0.20 9.95 -6.31
N LEU A 10 -0.35 8.75 -5.80
CA LEU A 10 -1.34 8.47 -4.77
C LEU A 10 -0.65 8.38 -3.41
N SER A 11 -0.79 9.43 -2.61
CA SER A 11 -0.17 9.45 -1.31
C SER A 11 -1.07 8.79 -0.27
N LEU A 12 -0.75 7.56 0.09
CA LEU A 12 -1.52 6.82 1.06
C LEU A 12 -0.70 6.56 2.31
N LYS A 13 -1.39 6.35 3.41
CA LYS A 13 -0.73 6.06 4.67
C LYS A 13 -0.64 4.55 4.85
N ILE A 14 0.55 4.02 4.66
CA ILE A 14 0.77 2.59 4.73
C ILE A 14 1.13 2.18 6.15
N SER A 15 0.21 1.49 6.79
CA SER A 15 0.43 1.03 8.15
C SER A 15 1.06 -0.35 8.14
N ILE A 16 2.34 -0.41 8.48
CA ILE A 16 3.07 -1.67 8.52
C ILE A 16 3.13 -2.18 9.95
N GLY A 17 2.32 -3.19 10.24
CA GLY A 17 2.32 -3.79 11.57
C GLY A 17 1.70 -2.88 12.60
N ASN A 18 2.48 -1.94 13.11
CA ASN A 18 2.02 -1.02 14.14
C ASN A 18 2.44 0.41 13.83
N VAL A 19 3.11 0.61 12.71
CA VAL A 19 3.63 1.92 12.35
C VAL A 19 3.05 2.40 11.03
N VAL A 20 2.44 3.58 11.04
CA VAL A 20 1.86 4.16 9.85
C VAL A 20 2.90 5.00 9.11
N LYS A 21 3.13 4.68 7.86
CA LYS A 21 4.12 5.37 7.04
C LYS A 21 3.47 5.95 5.79
N THR A 22 3.56 7.26 5.61
CA THR A 22 3.02 7.90 4.41
C THR A 22 3.86 7.54 3.20
N MET A 23 3.25 6.89 2.22
CA MET A 23 3.94 6.49 1.01
C MET A 23 3.19 6.98 -0.22
N GLN A 24 3.93 7.50 -1.18
CA GLN A 24 3.34 7.97 -2.42
C GLN A 24 3.54 6.92 -3.50
N PHE A 25 2.45 6.42 -4.05
CA PHE A 25 2.51 5.43 -5.11
C PHE A 25 2.05 6.05 -6.42
N GLU A 26 2.04 5.24 -7.47
CA GLU A 26 1.47 5.66 -8.74
C GLU A 26 0.12 4.96 -8.93
N PRO A 27 -0.86 5.63 -9.54
CA PRO A 27 -2.14 5.02 -9.84
C PRO A 27 -2.00 3.74 -10.67
N SER A 28 -1.09 3.79 -11.64
CA SER A 28 -0.87 2.67 -12.54
C SER A 28 -0.14 1.52 -11.83
N THR A 29 0.41 1.80 -10.65
CA THR A 29 1.13 0.79 -9.88
C THR A 29 0.19 -0.33 -9.44
N MET A 30 0.60 -1.55 -9.75
CA MET A 30 -0.15 -2.74 -9.36
C MET A 30 0.10 -3.07 -7.89
N VAL A 31 -0.84 -3.78 -7.27
CA VAL A 31 -0.79 -4.08 -5.85
C VAL A 31 0.49 -4.79 -5.44
N TYR A 32 0.81 -5.90 -6.12
CA TYR A 32 2.01 -6.67 -5.78
C TYR A 32 3.27 -5.83 -6.02
N ASP A 33 3.15 -4.89 -6.94
CA ASP A 33 4.24 -4.02 -7.31
C ASP A 33 4.42 -2.93 -6.26
N ALA A 34 3.29 -2.47 -5.71
CA ALA A 34 3.29 -1.48 -4.64
C ALA A 34 3.84 -2.08 -3.35
N CYS A 35 3.54 -3.36 -3.11
CA CYS A 35 4.09 -4.07 -1.96
C CYS A 35 5.62 -4.01 -1.98
N ARG A 36 6.18 -4.08 -3.17
CA ARG A 36 7.62 -4.01 -3.34
C ARG A 36 8.12 -2.59 -3.11
N MET A 37 7.32 -1.61 -3.54
CA MET A 37 7.69 -0.21 -3.41
C MET A 37 7.96 0.16 -1.96
N ILE A 38 7.15 -0.38 -1.05
CA ILE A 38 7.32 -0.09 0.37
C ILE A 38 8.58 -0.72 0.91
N ARG A 39 8.77 -2.01 0.65
CA ARG A 39 9.92 -2.73 1.17
C ARG A 39 11.23 -2.19 0.61
N GLU A 40 11.18 -1.65 -0.61
CA GLU A 40 12.36 -1.05 -1.22
C GLU A 40 12.65 0.33 -0.62
N ARG A 41 11.66 0.92 0.04
CA ARG A 41 11.86 2.23 0.66
C ARG A 41 11.98 2.10 2.16
N ILE A 42 10.97 1.52 2.78
CA ILE A 42 10.91 1.38 4.23
C ILE A 42 11.26 -0.05 4.62
N PRO A 43 12.24 -0.22 5.52
CA PRO A 43 12.75 -1.53 5.91
C PRO A 43 11.78 -2.26 6.82
N GLU A 44 10.85 -1.51 7.39
CA GLU A 44 9.87 -2.07 8.31
C GLU A 44 9.04 -3.14 7.62
N ALA A 45 8.81 -2.98 6.32
CA ALA A 45 8.08 -3.96 5.52
C ALA A 45 8.87 -5.26 5.36
N LEU A 46 10.18 -5.17 5.56
CA LEU A 46 11.07 -6.33 5.42
C LEU A 46 11.19 -7.08 6.74
N ALA A 47 10.09 -7.16 7.47
CA ALA A 47 10.06 -7.86 8.75
C ALA A 47 10.06 -9.37 8.53
N GLY A 48 9.72 -9.79 7.32
CA GLY A 48 9.68 -11.19 7.00
C GLY A 48 9.67 -11.44 5.50
N PRO A 49 9.04 -12.53 5.05
CA PRO A 49 8.92 -12.86 3.64
C PRO A 49 7.97 -11.92 2.93
N PRO A 50 8.32 -11.58 1.67
CA PRO A 50 7.60 -10.56 0.93
C PRO A 50 6.17 -10.95 0.58
N ASN A 51 5.86 -12.24 0.67
CA ASN A 51 4.52 -12.73 0.39
C ASN A 51 3.82 -13.14 1.67
N ASP A 52 4.46 -12.89 2.80
CA ASP A 52 3.86 -13.17 4.11
C ASP A 52 2.99 -11.99 4.50
N PHE A 53 3.32 -10.85 3.92
CA PHE A 53 2.59 -9.62 4.14
C PHE A 53 1.82 -9.24 2.87
N GLY A 54 0.79 -8.42 3.02
CA GLY A 54 0.02 -7.99 1.88
C GLY A 54 -0.60 -6.62 2.11
N LEU A 55 -1.14 -6.04 1.05
CA LEU A 55 -1.80 -4.76 1.15
C LEU A 55 -3.26 -4.93 1.58
N PHE A 56 -3.59 -4.38 2.72
CA PHE A 56 -4.94 -4.47 3.26
C PHE A 56 -5.57 -3.08 3.29
N LEU A 57 -6.57 -2.87 2.47
CA LEU A 57 -7.23 -1.59 2.38
C LEU A 57 -8.24 -1.45 3.51
N SER A 58 -7.86 -0.74 4.56
CA SER A 58 -8.76 -0.50 5.67
C SER A 58 -9.74 0.61 5.31
N ASP A 59 -11.02 0.29 5.44
CA ASP A 59 -12.07 1.20 5.02
C ASP A 59 -12.70 1.85 6.24
N ASP A 60 -11.85 2.50 7.04
CA ASP A 60 -12.24 3.09 8.33
C ASP A 60 -12.55 1.99 9.35
N ASP A 61 -13.36 1.04 8.94
CA ASP A 61 -13.63 -0.15 9.70
C ASP A 61 -12.95 -1.34 9.03
N PRO A 62 -12.17 -2.13 9.79
CA PRO A 62 -11.40 -3.26 9.24
C PRO A 62 -12.28 -4.36 8.65
N LYS A 63 -13.52 -4.41 9.10
CA LYS A 63 -14.47 -5.40 8.61
C LYS A 63 -14.91 -5.02 7.18
N LYS A 64 -14.89 -3.72 6.90
CA LYS A 64 -15.20 -3.21 5.57
C LYS A 64 -13.94 -3.19 4.71
N GLY A 65 -12.83 -3.57 5.32
CA GLY A 65 -11.57 -3.59 4.62
C GLY A 65 -11.39 -4.82 3.78
N ILE A 66 -10.50 -4.76 2.80
CA ILE A 66 -10.31 -5.86 1.85
C ILE A 66 -8.84 -6.05 1.53
N TRP A 67 -8.50 -7.25 1.05
CA TRP A 67 -7.15 -7.55 0.59
C TRP A 67 -7.05 -7.31 -0.91
N LEU A 68 -6.16 -6.43 -1.31
CA LEU A 68 -6.02 -6.07 -2.71
C LEU A 68 -5.36 -7.19 -3.50
N GLU A 69 -5.86 -7.41 -4.71
CA GLU A 69 -5.34 -8.47 -5.57
C GLU A 69 -4.06 -8.03 -6.25
N ALA A 70 -3.09 -8.94 -6.31
CA ALA A 70 -1.79 -8.66 -6.91
C ALA A 70 -1.91 -8.19 -8.35
N GLY A 71 -2.86 -8.76 -9.09
CA GLY A 71 -3.00 -8.45 -10.51
C GLY A 71 -3.80 -7.20 -10.77
N LYS A 72 -4.13 -6.48 -9.70
CA LYS A 72 -4.90 -5.25 -9.83
C LYS A 72 -4.00 -4.05 -9.55
N ALA A 73 -4.36 -2.91 -10.13
CA ALA A 73 -3.63 -1.67 -9.88
C ALA A 73 -4.28 -0.89 -8.74
N LEU A 74 -3.56 0.08 -8.19
CA LEU A 74 -4.09 0.92 -7.13
C LEU A 74 -5.20 1.81 -7.66
N ASP A 75 -5.07 2.21 -8.93
CA ASP A 75 -6.08 3.00 -9.62
C ASP A 75 -7.38 2.21 -9.78
N TYR A 76 -7.25 0.89 -9.85
CA TYR A 76 -8.40 0.00 -9.96
C TYR A 76 -9.31 0.16 -8.76
N TYR A 77 -8.69 0.28 -7.60
CA TYR A 77 -9.41 0.40 -6.34
C TYR A 77 -9.75 1.85 -6.05
N MET A 78 -9.36 2.73 -6.96
CA MET A 78 -9.61 4.18 -6.83
C MET A 78 -9.02 4.72 -5.54
N LEU A 79 -7.78 4.35 -5.24
CA LEU A 79 -7.09 4.86 -4.08
C LEU A 79 -6.68 6.31 -4.34
N ARG A 80 -6.72 7.13 -3.30
CA ARG A 80 -6.41 8.55 -3.42
C ARG A 80 -5.51 8.99 -2.29
N ASN A 81 -4.97 10.19 -2.39
CA ASN A 81 -4.16 10.74 -1.31
C ASN A 81 -5.01 10.90 -0.06
N GLY A 82 -4.49 10.45 1.07
CA GLY A 82 -5.21 10.58 2.32
C GLY A 82 -5.73 9.25 2.82
N ASP A 83 -5.91 8.29 1.91
CA ASP A 83 -6.41 6.98 2.30
C ASP A 83 -5.37 6.21 3.10
N THR A 84 -5.83 5.26 3.89
CA THR A 84 -4.95 4.47 4.72
C THR A 84 -5.03 3.00 4.34
N MET A 85 -3.90 2.45 3.93
CA MET A 85 -3.82 1.03 3.60
C MET A 85 -2.75 0.38 4.44
N GLU A 86 -3.08 -0.72 5.05
CA GLU A 86 -2.17 -1.38 5.95
C GLU A 86 -1.42 -2.51 5.23
N TYR A 87 -0.15 -2.27 4.93
CA TYR A 87 0.70 -3.36 4.48
C TYR A 87 1.06 -4.18 5.72
N ARG A 88 0.39 -5.30 5.86
CA ARG A 88 0.44 -6.08 7.09
C ARG A 88 0.59 -7.55 6.79
N LYS A 89 0.89 -8.32 7.82
CA LYS A 89 1.02 -9.76 7.70
C LYS A 89 -0.32 -10.38 7.35
N LYS A 90 -0.33 -11.22 6.33
CA LYS A 90 -1.55 -11.86 5.87
C LYS A 90 -2.09 -12.83 6.92
N GLN A 91 -3.26 -12.50 7.45
CA GLN A 91 -3.90 -13.33 8.45
C GLN A 91 -5.21 -13.89 7.90
N GLY A 1 10.40 25.09 -7.89
CA GLY A 1 9.02 24.58 -7.65
C GLY A 1 8.99 23.07 -7.53
N ILE A 2 8.41 22.58 -6.43
CA ILE A 2 8.36 21.16 -6.18
C ILE A 2 6.91 20.71 -6.06
N ASP A 3 6.54 19.68 -6.83
CA ASP A 3 5.19 19.17 -6.82
C ASP A 3 4.97 18.29 -5.62
N PRO A 4 3.84 18.46 -4.91
CA PRO A 4 3.46 17.61 -3.79
C PRO A 4 3.36 16.15 -4.22
N PHE A 5 2.91 15.96 -5.45
CA PHE A 5 2.89 14.65 -6.07
C PHE A 5 3.20 14.79 -7.55
N THR A 6 4.22 14.06 -8.01
CA THR A 6 4.64 14.12 -9.39
C THR A 6 3.55 13.60 -10.33
N MET A 7 3.08 14.47 -11.22
CA MET A 7 2.01 14.14 -12.16
C MET A 7 0.75 13.73 -11.42
N VAL A 8 0.54 12.44 -11.35
CA VAL A 8 -0.55 11.87 -10.57
C VAL A 8 0.00 10.77 -9.68
N ALA A 9 -0.09 10.97 -8.37
CA ALA A 9 0.41 10.00 -7.42
C ALA A 9 -0.55 9.81 -6.26
N LEU A 10 -0.69 8.57 -5.84
CA LEU A 10 -1.57 8.19 -4.75
C LEU A 10 -0.79 8.19 -3.44
N SER A 11 -1.03 9.18 -2.61
CA SER A 11 -0.33 9.30 -1.35
C SER A 11 -1.20 8.79 -0.20
N LEU A 12 -0.91 7.60 0.27
CA LEU A 12 -1.72 6.97 1.30
C LEU A 12 -0.93 6.83 2.61
N LYS A 13 -1.66 6.52 3.66
CA LYS A 13 -1.07 6.17 4.95
C LYS A 13 -0.91 4.66 5.00
N ILE A 14 0.32 4.18 4.85
CA ILE A 14 0.56 2.75 4.83
C ILE A 14 1.08 2.26 6.17
N SER A 15 0.21 1.61 6.93
CA SER A 15 0.59 1.10 8.23
C SER A 15 1.13 -0.31 8.12
N ILE A 16 2.44 -0.45 8.27
CA ILE A 16 3.09 -1.74 8.24
C ILE A 16 2.95 -2.40 9.60
N GLY A 17 1.91 -3.22 9.74
CA GLY A 17 1.61 -3.84 11.02
C GLY A 17 0.96 -2.86 11.98
N ASN A 18 1.64 -1.74 12.21
CA ASN A 18 1.15 -0.68 13.08
C ASN A 18 1.98 0.58 12.87
N VAL A 19 3.18 0.40 12.34
CA VAL A 19 4.05 1.51 12.00
C VAL A 19 3.61 2.09 10.65
N VAL A 20 2.96 3.23 10.68
CA VAL A 20 2.39 3.81 9.48
C VAL A 20 3.35 4.80 8.84
N LYS A 21 3.64 4.55 7.57
CA LYS A 21 4.46 5.46 6.77
C LYS A 21 3.62 5.95 5.60
N THR A 22 3.70 7.23 5.30
CA THR A 22 2.95 7.76 4.18
C THR A 22 3.79 7.64 2.90
N MET A 23 3.28 6.89 1.94
CA MET A 23 4.00 6.63 0.71
C MET A 23 3.23 7.13 -0.50
N GLN A 24 3.96 7.58 -1.50
CA GLN A 24 3.34 8.07 -2.72
C GLN A 24 3.54 7.06 -3.84
N PHE A 25 2.45 6.40 -4.21
CA PHE A 25 2.48 5.42 -5.29
C PHE A 25 1.90 6.07 -6.55
N GLU A 26 1.83 5.31 -7.63
CA GLU A 26 1.20 5.80 -8.84
C GLU A 26 -0.04 4.97 -9.14
N PRO A 27 -0.99 5.53 -9.90
CA PRO A 27 -2.23 4.84 -10.23
C PRO A 27 -1.99 3.61 -11.08
N SER A 28 -0.90 3.65 -11.83
CA SER A 28 -0.55 2.57 -12.73
C SER A 28 0.25 1.48 -12.01
N THR A 29 0.56 1.74 -10.73
CA THR A 29 1.32 0.79 -9.93
C THR A 29 0.45 -0.42 -9.58
N MET A 30 0.96 -1.60 -9.87
CA MET A 30 0.26 -2.84 -9.52
C MET A 30 0.41 -3.11 -8.04
N VAL A 31 -0.58 -3.75 -7.45
CA VAL A 31 -0.59 -3.99 -6.00
C VAL A 31 0.64 -4.78 -5.54
N TYR A 32 0.98 -5.85 -6.26
CA TYR A 32 2.13 -6.68 -5.89
C TYR A 32 3.41 -5.87 -5.99
N ASP A 33 3.40 -4.87 -6.86
CA ASP A 33 4.57 -4.03 -7.09
C ASP A 33 4.65 -2.96 -6.00
N ALA A 34 3.50 -2.44 -5.61
CA ALA A 34 3.42 -1.48 -4.51
C ALA A 34 3.91 -2.12 -3.22
N CYS A 35 3.65 -3.42 -3.07
CA CYS A 35 4.13 -4.17 -1.92
C CYS A 35 5.66 -4.21 -1.92
N ARG A 36 6.24 -4.17 -3.11
CA ARG A 36 7.69 -4.16 -3.26
C ARG A 36 8.23 -2.78 -2.92
N MET A 37 7.50 -1.73 -3.32
CA MET A 37 7.89 -0.36 -3.01
C MET A 37 8.04 -0.15 -1.52
N ILE A 38 7.11 -0.72 -0.75
CA ILE A 38 7.18 -0.65 0.70
C ILE A 38 8.44 -1.34 1.23
N ARG A 39 8.76 -2.49 0.65
CA ARG A 39 9.89 -3.29 1.11
C ARG A 39 11.24 -2.66 0.72
N GLU A 40 11.28 -1.98 -0.42
CA GLU A 40 12.52 -1.38 -0.88
C GLU A 40 12.79 -0.04 -0.20
N ARG A 41 11.73 0.71 0.06
CA ARG A 41 11.86 2.02 0.69
C ARG A 41 11.97 1.87 2.21
N ILE A 42 11.09 1.07 2.78
CA ILE A 42 11.03 0.88 4.22
C ILE A 42 11.55 -0.51 4.57
N PRO A 43 12.63 -0.59 5.35
CA PRO A 43 13.25 -1.87 5.72
C PRO A 43 12.42 -2.61 6.76
N GLU A 44 11.52 -1.88 7.38
CA GLU A 44 10.71 -2.40 8.46
C GLU A 44 9.82 -3.54 7.97
N ALA A 45 9.40 -3.45 6.71
CA ALA A 45 8.51 -4.45 6.12
C ALA A 45 9.27 -5.70 5.68
N LEU A 46 10.58 -5.70 5.86
CA LEU A 46 11.41 -6.82 5.46
C LEU A 46 11.53 -7.83 6.58
N ALA A 47 10.77 -8.92 6.46
CA ALA A 47 10.80 -9.99 7.44
C ALA A 47 10.48 -11.32 6.76
N GLY A 48 9.27 -11.44 6.25
CA GLY A 48 8.87 -12.63 5.53
C GLY A 48 8.78 -12.38 4.05
N PRO A 49 8.34 -13.39 3.27
CA PRO A 49 8.23 -13.29 1.81
C PRO A 49 7.30 -12.18 1.37
N PRO A 50 7.57 -11.62 0.18
CA PRO A 50 6.89 -10.43 -0.29
C PRO A 50 5.38 -10.62 -0.43
N ASN A 51 4.97 -11.77 -0.97
CA ASN A 51 3.57 -12.06 -1.18
C ASN A 51 2.94 -12.73 0.04
N ASP A 52 3.74 -12.92 1.08
CA ASP A 52 3.23 -13.45 2.34
C ASP A 52 2.56 -12.31 3.10
N PHE A 53 3.04 -11.11 2.85
CA PHE A 53 2.38 -9.90 3.32
C PHE A 53 1.45 -9.38 2.24
N GLY A 54 0.89 -8.20 2.42
CA GLY A 54 0.04 -7.65 1.40
C GLY A 54 -0.52 -6.30 1.78
N LEU A 55 -1.25 -5.71 0.85
CA LEU A 55 -1.88 -4.42 1.08
C LEU A 55 -3.33 -4.62 1.50
N PHE A 56 -3.68 -4.06 2.64
CA PHE A 56 -5.02 -4.17 3.19
C PHE A 56 -5.68 -2.80 3.20
N LEU A 57 -6.64 -2.60 2.32
CA LEU A 57 -7.35 -1.34 2.24
C LEU A 57 -8.25 -1.22 3.46
N SER A 58 -7.85 -0.41 4.42
CA SER A 58 -8.57 -0.30 5.66
C SER A 58 -9.72 0.68 5.53
N ASP A 59 -10.77 0.42 6.29
CA ASP A 59 -11.93 1.29 6.33
C ASP A 59 -12.25 1.60 7.79
N ASP A 60 -13.20 2.48 8.04
CA ASP A 60 -13.58 2.81 9.41
C ASP A 60 -14.15 1.57 10.09
N ASP A 61 -14.71 0.69 9.27
CA ASP A 61 -15.15 -0.62 9.73
C ASP A 61 -14.30 -1.71 9.09
N PRO A 62 -13.78 -2.65 9.89
CA PRO A 62 -12.85 -3.68 9.42
C PRO A 62 -13.45 -4.62 8.37
N LYS A 63 -14.78 -4.70 8.31
CA LYS A 63 -15.42 -5.60 7.35
C LYS A 63 -15.37 -5.03 5.95
N LYS A 64 -15.26 -3.71 5.86
CA LYS A 64 -15.15 -3.04 4.58
C LYS A 64 -13.70 -3.00 4.14
N GLY A 65 -12.82 -3.48 5.00
CA GLY A 65 -11.42 -3.58 4.66
C GLY A 65 -11.16 -4.77 3.78
N ILE A 66 -10.50 -4.55 2.65
CA ILE A 66 -10.29 -5.61 1.69
C ILE A 66 -8.82 -5.75 1.32
N TRP A 67 -8.42 -6.96 0.98
CA TRP A 67 -7.06 -7.22 0.52
C TRP A 67 -6.97 -6.95 -0.98
N LEU A 68 -5.99 -6.16 -1.37
CA LEU A 68 -5.80 -5.81 -2.76
C LEU A 68 -5.13 -6.96 -3.51
N GLU A 69 -5.75 -7.38 -4.60
CA GLU A 69 -5.20 -8.43 -5.46
C GLU A 69 -3.88 -7.99 -6.08
N ALA A 70 -2.90 -8.88 -6.08
CA ALA A 70 -1.60 -8.61 -6.68
C ALA A 70 -1.72 -8.26 -8.15
N GLY A 71 -2.65 -8.92 -8.84
CA GLY A 71 -2.82 -8.71 -10.27
C GLY A 71 -3.72 -7.51 -10.59
N LYS A 72 -3.95 -6.65 -9.62
CA LYS A 72 -4.71 -5.43 -9.85
C LYS A 72 -3.84 -4.21 -9.58
N ALA A 73 -4.23 -3.07 -10.11
CA ALA A 73 -3.49 -1.83 -9.90
C ALA A 73 -4.08 -1.05 -8.74
N LEU A 74 -3.37 -0.02 -8.30
CA LEU A 74 -3.82 0.80 -7.18
C LEU A 74 -4.98 1.70 -7.58
N ASP A 75 -4.97 2.19 -8.81
CA ASP A 75 -6.05 3.07 -9.30
C ASP A 75 -7.37 2.30 -9.36
N TYR A 76 -7.25 0.98 -9.48
CA TYR A 76 -8.40 0.08 -9.53
C TYR A 76 -9.29 0.27 -8.31
N TYR A 77 -8.66 0.55 -7.17
CA TYR A 77 -9.37 0.61 -5.90
C TYR A 77 -9.72 2.04 -5.54
N MET A 78 -9.49 2.97 -6.47
CA MET A 78 -9.83 4.39 -6.27
C MET A 78 -9.10 4.97 -5.07
N LEU A 79 -7.88 4.51 -4.83
CA LEU A 79 -7.09 4.98 -3.71
C LEU A 79 -6.79 6.47 -3.87
N ARG A 80 -6.98 7.23 -2.79
CA ARG A 80 -6.82 8.67 -2.84
C ARG A 80 -5.71 9.11 -1.90
N ASN A 81 -5.18 10.31 -2.14
CA ASN A 81 -4.24 10.91 -1.23
C ASN A 81 -4.93 11.23 0.09
N GLY A 82 -4.52 10.53 1.13
CA GLY A 82 -5.16 10.66 2.42
C GLY A 82 -5.80 9.38 2.89
N ASP A 83 -5.98 8.43 1.97
CA ASP A 83 -6.57 7.13 2.31
C ASP A 83 -5.59 6.31 3.13
N THR A 84 -6.11 5.34 3.86
CA THR A 84 -5.26 4.50 4.71
C THR A 84 -5.24 3.06 4.20
N MET A 85 -4.05 2.49 4.12
CA MET A 85 -3.90 1.10 3.74
C MET A 85 -2.87 0.43 4.63
N GLU A 86 -3.21 -0.71 5.16
CA GLU A 86 -2.34 -1.39 6.10
C GLU A 86 -1.53 -2.48 5.41
N TYR A 87 -0.23 -2.24 5.25
CA TYR A 87 0.68 -3.25 4.76
C TYR A 87 0.93 -4.27 5.88
N ARG A 88 0.32 -5.43 5.76
CA ARG A 88 0.39 -6.43 6.82
C ARG A 88 0.34 -7.83 6.22
N LYS A 89 0.57 -8.82 7.05
CA LYS A 89 0.63 -10.21 6.59
C LYS A 89 -0.76 -10.74 6.30
N LYS A 90 -0.98 -11.15 5.06
CA LYS A 90 -2.28 -11.67 4.65
C LYS A 90 -2.48 -13.08 5.20
N GLN A 91 -3.67 -13.33 5.73
CA GLN A 91 -3.98 -14.62 6.33
C GLN A 91 -4.25 -15.66 5.25
N GLY A 1 17.90 16.15 -6.25
CA GLY A 1 16.88 16.08 -5.18
C GLY A 1 15.58 15.49 -5.67
N ILE A 2 14.87 14.79 -4.80
CA ILE A 2 13.60 14.18 -5.17
C ILE A 2 12.45 15.15 -4.94
N ASP A 3 11.57 15.26 -5.92
CA ASP A 3 10.43 16.18 -5.85
C ASP A 3 9.21 15.48 -5.25
N PRO A 4 8.31 16.25 -4.62
CA PRO A 4 7.06 15.72 -4.06
C PRO A 4 6.14 15.18 -5.15
N PHE A 5 5.56 14.02 -4.91
CA PHE A 5 4.72 13.38 -5.91
C PHE A 5 3.28 13.87 -5.80
N THR A 6 3.04 15.08 -6.29
CA THR A 6 1.69 15.61 -6.34
C THR A 6 1.09 15.36 -7.73
N MET A 7 1.97 15.03 -8.67
CA MET A 7 1.58 14.78 -10.06
C MET A 7 0.95 13.39 -10.22
N VAL A 8 -0.38 13.38 -10.34
CA VAL A 8 -1.18 12.14 -10.48
C VAL A 8 -0.64 10.99 -9.65
N ALA A 9 -0.30 11.29 -8.41
CA ALA A 9 0.26 10.30 -7.52
C ALA A 9 -0.69 9.99 -6.39
N LEU A 10 -0.69 8.75 -5.95
CA LEU A 10 -1.56 8.32 -4.89
C LEU A 10 -0.80 8.29 -3.57
N SER A 11 -1.04 9.30 -2.74
CA SER A 11 -0.38 9.38 -1.45
C SER A 11 -1.25 8.73 -0.37
N LEU A 12 -0.88 7.52 0.04
CA LEU A 12 -1.64 6.78 1.01
C LEU A 12 -0.79 6.49 2.25
N LYS A 13 -1.47 6.30 3.37
CA LYS A 13 -0.80 5.97 4.62
C LYS A 13 -0.77 4.46 4.78
N ILE A 14 0.42 3.91 4.91
CA ILE A 14 0.58 2.47 5.00
C ILE A 14 0.93 2.05 6.43
N SER A 15 0.08 1.20 7.00
CA SER A 15 0.30 0.67 8.33
C SER A 15 1.04 -0.67 8.25
N ILE A 16 2.31 -0.65 8.60
CA ILE A 16 3.10 -1.88 8.68
C ILE A 16 3.27 -2.27 10.14
N GLY A 17 2.46 -3.21 10.60
CA GLY A 17 2.49 -3.61 11.98
C GLY A 17 2.01 -2.49 12.90
N ASN A 18 2.95 -1.80 13.52
CA ASN A 18 2.64 -0.68 14.39
C ASN A 18 3.24 0.60 13.82
N VAL A 19 3.84 0.50 12.65
CA VAL A 19 4.49 1.64 12.01
C VAL A 19 3.69 2.11 10.80
N VAL A 20 2.96 3.21 10.96
CA VAL A 20 2.20 3.78 9.86
C VAL A 20 2.98 4.90 9.20
N LYS A 21 3.24 4.75 7.91
CA LYS A 21 4.01 5.73 7.16
C LYS A 21 3.30 6.07 5.85
N THR A 22 3.33 7.34 5.48
CA THR A 22 2.67 7.79 4.27
C THR A 22 3.62 7.70 3.07
N MET A 23 3.17 7.05 2.01
CA MET A 23 3.98 6.92 0.80
C MET A 23 3.17 7.34 -0.42
N GLN A 24 3.89 7.78 -1.45
CA GLN A 24 3.25 8.26 -2.67
C GLN A 24 3.50 7.28 -3.81
N PHE A 25 2.44 6.69 -4.34
CA PHE A 25 2.54 5.68 -5.39
C PHE A 25 2.08 6.22 -6.74
N GLU A 26 2.29 5.42 -7.78
CA GLU A 26 1.80 5.72 -9.12
C GLU A 26 0.46 5.01 -9.34
N PRO A 27 -0.43 5.60 -10.16
CA PRO A 27 -1.77 5.01 -10.40
C PRO A 27 -1.70 3.65 -11.08
N SER A 28 -0.77 3.49 -12.00
CA SER A 28 -0.64 2.24 -12.76
C SER A 28 0.21 1.21 -12.01
N THR A 29 0.45 1.45 -10.73
CA THR A 29 1.24 0.53 -9.92
C THR A 29 0.43 -0.70 -9.56
N MET A 30 0.94 -1.87 -9.94
CA MET A 30 0.37 -3.14 -9.54
C MET A 30 0.49 -3.28 -8.03
N VAL A 31 -0.50 -3.88 -7.39
CA VAL A 31 -0.50 -4.02 -5.95
C VAL A 31 0.74 -4.75 -5.45
N TYR A 32 1.17 -5.80 -6.15
CA TYR A 32 2.36 -6.55 -5.75
C TYR A 32 3.60 -5.66 -5.90
N ASP A 33 3.54 -4.72 -6.84
CA ASP A 33 4.67 -3.82 -7.08
C ASP A 33 4.65 -2.71 -6.04
N ALA A 34 3.47 -2.36 -5.57
CA ALA A 34 3.31 -1.42 -4.47
C ALA A 34 3.85 -2.03 -3.19
N CYS A 35 3.56 -3.32 -2.98
CA CYS A 35 4.13 -4.06 -1.88
C CYS A 35 5.64 -4.14 -2.02
N ARG A 36 6.09 -4.27 -3.26
CA ARG A 36 7.51 -4.26 -3.61
C ARG A 36 8.14 -2.92 -3.23
N MET A 37 7.40 -1.84 -3.47
CA MET A 37 7.86 -0.51 -3.07
C MET A 37 7.94 -0.43 -1.55
N ILE A 38 6.89 -0.88 -0.87
CA ILE A 38 6.81 -0.81 0.59
C ILE A 38 8.03 -1.44 1.25
N ARG A 39 8.40 -2.65 0.82
CA ARG A 39 9.50 -3.37 1.45
C ARG A 39 10.83 -2.63 1.28
N GLU A 40 11.06 -2.10 0.08
CA GLU A 40 12.34 -1.47 -0.26
C GLU A 40 12.41 -0.02 0.22
N ARG A 41 11.26 0.61 0.38
CA ARG A 41 11.20 1.99 0.89
C ARG A 41 11.17 1.99 2.41
N ILE A 42 10.51 0.99 2.98
CA ILE A 42 10.41 0.84 4.42
C ILE A 42 10.89 -0.55 4.83
N PRO A 43 11.94 -0.64 5.66
CA PRO A 43 12.59 -1.92 5.97
C PRO A 43 11.71 -2.78 6.85
N GLU A 44 10.69 -2.16 7.43
CA GLU A 44 9.84 -2.84 8.38
C GLU A 44 9.08 -3.97 7.70
N ALA A 45 8.83 -3.80 6.41
CA ALA A 45 8.09 -4.79 5.63
C ALA A 45 9.00 -5.89 5.09
N LEU A 46 10.31 -5.72 5.24
CA LEU A 46 11.25 -6.71 4.77
C LEU A 46 11.31 -7.89 5.73
N ALA A 47 10.34 -8.78 5.63
CA ALA A 47 10.27 -9.96 6.46
C ALA A 47 9.70 -11.13 5.68
N GLY A 48 9.76 -11.04 4.36
CA GLY A 48 9.21 -12.08 3.51
C GLY A 48 8.86 -11.55 2.14
N PRO A 49 8.30 -12.41 1.28
CA PRO A 49 7.93 -12.04 -0.09
C PRO A 49 6.64 -11.23 -0.15
N PRO A 50 6.57 -10.30 -1.11
CA PRO A 50 5.50 -9.34 -1.18
C PRO A 50 4.15 -9.97 -1.50
N ASN A 51 4.17 -11.22 -1.92
CA ASN A 51 2.94 -11.95 -2.25
C ASN A 51 2.43 -12.73 -1.06
N ASP A 52 3.24 -12.81 0.00
CA ASP A 52 2.81 -13.45 1.23
C ASP A 52 2.13 -12.42 2.10
N PHE A 53 2.64 -11.21 2.02
CA PHE A 53 1.99 -10.06 2.61
C PHE A 53 1.05 -9.45 1.58
N GLY A 54 0.48 -8.31 1.88
CA GLY A 54 -0.36 -7.64 0.92
C GLY A 54 -0.87 -6.32 1.43
N LEU A 55 -1.55 -5.59 0.55
CA LEU A 55 -2.13 -4.32 0.92
C LEU A 55 -3.58 -4.52 1.33
N PHE A 56 -3.92 -3.96 2.48
CA PHE A 56 -5.26 -4.07 3.02
C PHE A 56 -5.87 -2.69 3.17
N LEU A 57 -6.85 -2.38 2.35
CA LEU A 57 -7.50 -1.08 2.40
C LEU A 57 -8.29 -0.97 3.70
N SER A 58 -7.82 -0.15 4.61
CA SER A 58 -8.39 -0.07 5.94
C SER A 58 -9.55 0.93 5.99
N ASP A 59 -10.52 0.61 6.82
CA ASP A 59 -11.65 1.49 7.08
C ASP A 59 -12.14 1.22 8.49
N ASP A 60 -12.92 2.13 9.06
CA ASP A 60 -13.45 1.91 10.40
C ASP A 60 -14.47 0.78 10.39
N ASP A 61 -15.02 0.50 9.22
CA ASP A 61 -15.91 -0.62 9.03
C ASP A 61 -15.14 -1.81 8.45
N PRO A 62 -15.16 -2.96 9.15
CA PRO A 62 -14.38 -4.13 8.75
C PRO A 62 -14.82 -4.76 7.42
N LYS A 63 -16.00 -4.36 6.94
CA LYS A 63 -16.51 -4.89 5.67
C LYS A 63 -15.99 -4.04 4.51
N LYS A 64 -15.69 -2.78 4.81
CA LYS A 64 -15.07 -1.90 3.83
C LYS A 64 -13.59 -2.23 3.69
N GLY A 65 -13.04 -2.84 4.72
CA GLY A 65 -11.66 -3.29 4.69
C GLY A 65 -11.48 -4.46 3.74
N ILE A 66 -10.78 -4.24 2.65
CA ILE A 66 -10.61 -5.25 1.62
C ILE A 66 -9.14 -5.44 1.25
N TRP A 67 -8.83 -6.63 0.75
CA TRP A 67 -7.48 -6.94 0.29
C TRP A 67 -7.30 -6.55 -1.17
N LEU A 68 -6.21 -5.89 -1.47
CA LEU A 68 -5.88 -5.53 -2.83
C LEU A 68 -5.19 -6.69 -3.54
N GLU A 69 -5.72 -7.06 -4.70
CA GLU A 69 -5.16 -8.15 -5.49
C GLU A 69 -3.87 -7.70 -6.16
N ALA A 70 -2.87 -8.57 -6.12
CA ALA A 70 -1.56 -8.30 -6.72
C ALA A 70 -1.68 -7.93 -8.19
N GLY A 71 -2.60 -8.57 -8.89
CA GLY A 71 -2.73 -8.37 -10.33
C GLY A 71 -3.62 -7.20 -10.66
N LYS A 72 -3.89 -6.36 -9.68
CA LYS A 72 -4.71 -5.17 -9.88
C LYS A 72 -3.87 -3.93 -9.65
N ALA A 73 -4.30 -2.81 -10.20
CA ALA A 73 -3.63 -1.54 -10.00
C ALA A 73 -4.19 -0.85 -8.76
N LEU A 74 -3.44 0.10 -8.23
CA LEU A 74 -3.90 0.88 -7.08
C LEU A 74 -5.09 1.74 -7.48
N ASP A 75 -5.11 2.16 -8.75
CA ASP A 75 -6.22 2.94 -9.29
C ASP A 75 -7.49 2.10 -9.34
N TYR A 76 -7.32 0.79 -9.45
CA TYR A 76 -8.45 -0.15 -9.53
C TYR A 76 -9.35 -0.02 -8.32
N TYR A 77 -8.75 0.27 -7.18
CA TYR A 77 -9.48 0.32 -5.92
C TYR A 77 -9.88 1.75 -5.56
N MET A 78 -9.73 2.66 -6.53
CA MET A 78 -10.14 4.06 -6.37
C MET A 78 -9.42 4.70 -5.18
N LEU A 79 -8.16 4.34 -5.02
CA LEU A 79 -7.34 4.91 -3.95
C LEU A 79 -6.95 6.34 -4.29
N ARG A 80 -6.90 7.19 -3.28
CA ARG A 80 -6.56 8.60 -3.46
C ARG A 80 -5.67 9.08 -2.33
N ASN A 81 -5.28 10.33 -2.37
CA ASN A 81 -4.47 10.90 -1.30
C ASN A 81 -5.26 10.97 0.00
N GLY A 82 -4.66 10.49 1.08
CA GLY A 82 -5.31 10.54 2.36
C GLY A 82 -5.86 9.20 2.78
N ASP A 83 -5.98 8.27 1.83
CA ASP A 83 -6.48 6.95 2.13
C ASP A 83 -5.46 6.14 2.92
N THR A 84 -5.94 5.21 3.73
CA THR A 84 -5.07 4.43 4.59
C THR A 84 -5.13 2.95 4.23
N MET A 85 -3.97 2.32 4.10
CA MET A 85 -3.89 0.90 3.85
C MET A 85 -2.94 0.24 4.83
N GLU A 86 -3.26 -0.97 5.23
CA GLU A 86 -2.43 -1.71 6.15
C GLU A 86 -1.65 -2.78 5.41
N TYR A 87 -0.35 -2.57 5.27
CA TYR A 87 0.53 -3.58 4.71
C TYR A 87 0.77 -4.66 5.75
N ARG A 88 0.15 -5.81 5.54
CA ARG A 88 0.21 -6.89 6.50
C ARG A 88 0.24 -8.23 5.77
N LYS A 89 0.71 -9.25 6.47
CA LYS A 89 0.69 -10.61 5.95
C LYS A 89 -0.76 -11.01 5.65
N LYS A 90 -0.98 -11.64 4.50
CA LYS A 90 -2.32 -12.03 4.10
C LYS A 90 -2.95 -12.93 5.14
N GLN A 91 -4.13 -12.53 5.62
CA GLN A 91 -4.88 -13.27 6.64
C GLN A 91 -4.09 -13.34 7.94
N GLY A 1 14.18 16.30 2.90
CA GLY A 1 12.77 16.57 2.53
C GLY A 1 12.15 15.40 1.80
N ILE A 2 11.30 15.70 0.83
CA ILE A 2 10.69 14.67 0.01
C ILE A 2 11.04 14.90 -1.45
N ASP A 3 11.40 13.82 -2.15
CA ASP A 3 11.83 13.92 -3.54
C ASP A 3 10.64 14.28 -4.44
N PRO A 4 10.81 15.29 -5.30
CA PRO A 4 9.76 15.78 -6.20
C PRO A 4 9.13 14.68 -7.04
N PHE A 5 7.81 14.61 -7.04
CA PHE A 5 7.10 13.56 -7.77
C PHE A 5 6.66 14.05 -9.14
N THR A 6 6.27 13.12 -10.00
CA THR A 6 5.81 13.46 -11.34
C THR A 6 4.45 12.80 -11.59
N MET A 7 3.51 13.58 -12.16
CA MET A 7 2.14 13.09 -12.42
C MET A 7 1.37 12.96 -11.10
N VAL A 8 0.05 12.96 -11.18
CA VAL A 8 -0.79 12.82 -9.99
C VAL A 8 -0.51 11.48 -9.30
N ALA A 9 0.09 11.55 -8.13
CA ALA A 9 0.44 10.36 -7.38
C ALA A 9 -0.59 10.07 -6.29
N LEU A 10 -0.66 8.81 -5.89
CA LEU A 10 -1.56 8.38 -4.84
C LEU A 10 -0.79 8.29 -3.53
N SER A 11 -0.98 9.28 -2.67
CA SER A 11 -0.28 9.33 -1.39
C SER A 11 -1.10 8.66 -0.31
N LEU A 12 -0.72 7.44 0.06
CA LEU A 12 -1.47 6.68 1.05
C LEU A 12 -0.62 6.43 2.29
N LYS A 13 -1.30 6.14 3.38
CA LYS A 13 -0.64 5.80 4.63
C LYS A 13 -0.46 4.30 4.75
N ILE A 14 0.79 3.85 4.72
CA ILE A 14 1.10 2.45 4.86
C ILE A 14 1.22 2.08 6.34
N SER A 15 0.35 1.20 6.79
CA SER A 15 0.32 0.81 8.18
C SER A 15 0.84 -0.61 8.38
N ILE A 16 2.04 -0.72 8.89
CA ILE A 16 2.62 -2.02 9.24
C ILE A 16 2.45 -2.25 10.73
N GLY A 17 1.40 -2.98 11.10
CA GLY A 17 1.08 -3.14 12.50
C GLY A 17 0.45 -1.90 13.07
N ASN A 18 1.28 -0.99 13.57
CA ASN A 18 0.82 0.31 14.01
C ASN A 18 1.77 1.39 13.52
N VAL A 19 2.74 0.98 12.70
CA VAL A 19 3.73 1.88 12.14
C VAL A 19 3.22 2.44 10.82
N VAL A 20 3.06 3.75 10.76
CA VAL A 20 2.46 4.38 9.58
C VAL A 20 3.48 5.23 8.82
N LYS A 21 3.73 4.84 7.57
CA LYS A 21 4.59 5.60 6.68
C LYS A 21 3.81 6.09 5.46
N THR A 22 3.98 7.35 5.13
CA THR A 22 3.31 7.93 3.97
C THR A 22 4.08 7.61 2.70
N MET A 23 3.41 6.93 1.77
CA MET A 23 4.04 6.53 0.52
C MET A 23 3.25 7.06 -0.67
N GLN A 24 3.96 7.54 -1.68
CA GLN A 24 3.32 8.07 -2.88
C GLN A 24 3.44 7.07 -4.02
N PHE A 25 2.34 6.43 -4.35
CA PHE A 25 2.32 5.41 -5.38
C PHE A 25 1.83 5.99 -6.70
N GLU A 26 2.15 5.31 -7.78
CA GLU A 26 1.69 5.72 -9.10
C GLU A 26 0.32 5.10 -9.35
N PRO A 27 -0.52 5.73 -10.17
CA PRO A 27 -1.84 5.20 -10.49
C PRO A 27 -1.74 3.86 -11.22
N SER A 28 -0.70 3.72 -12.03
CA SER A 28 -0.50 2.49 -12.79
C SER A 28 0.24 1.43 -11.98
N THR A 29 0.50 1.72 -10.71
CA THR A 29 1.17 0.77 -9.84
C THR A 29 0.24 -0.35 -9.43
N MET A 30 0.62 -1.58 -9.76
CA MET A 30 -0.14 -2.77 -9.38
C MET A 30 0.10 -3.08 -7.92
N VAL A 31 -0.81 -3.83 -7.31
CA VAL A 31 -0.75 -4.13 -5.88
C VAL A 31 0.56 -4.82 -5.49
N TYR A 32 0.95 -5.86 -6.23
CA TYR A 32 2.19 -6.59 -5.92
C TYR A 32 3.40 -5.69 -6.14
N ASP A 33 3.23 -4.69 -6.97
CA ASP A 33 4.30 -3.74 -7.26
C ASP A 33 4.36 -2.69 -6.16
N ALA A 34 3.20 -2.31 -5.66
CA ALA A 34 3.08 -1.32 -4.58
C ALA A 34 3.66 -1.87 -3.29
N CYS A 35 3.31 -3.09 -2.95
CA CYS A 35 3.83 -3.74 -1.74
C CYS A 35 5.33 -3.94 -1.88
N ARG A 36 5.78 -4.06 -3.12
CA ARG A 36 7.19 -4.22 -3.42
C ARG A 36 7.95 -2.95 -3.10
N MET A 37 7.36 -1.82 -3.49
CA MET A 37 7.97 -0.51 -3.27
C MET A 37 8.25 -0.28 -1.79
N ILE A 38 7.35 -0.73 -0.94
CA ILE A 38 7.49 -0.51 0.49
C ILE A 38 8.69 -1.25 1.03
N ARG A 39 8.89 -2.48 0.60
CA ARG A 39 10.02 -3.27 1.07
C ARG A 39 11.31 -2.60 0.68
N GLU A 40 11.28 -1.90 -0.44
CA GLU A 40 12.45 -1.21 -0.94
C GLU A 40 12.64 0.13 -0.23
N ARG A 41 11.53 0.84 0.01
CA ARG A 41 11.60 2.19 0.57
C ARG A 41 11.68 2.14 2.08
N ILE A 42 10.95 1.21 2.67
CA ILE A 42 10.90 1.06 4.12
C ILE A 42 11.50 -0.29 4.51
N PRO A 43 12.48 -0.31 5.42
CA PRO A 43 13.18 -1.55 5.80
C PRO A 43 12.28 -2.45 6.63
N GLU A 44 11.22 -1.84 7.15
CA GLU A 44 10.34 -2.50 8.08
C GLU A 44 9.50 -3.56 7.37
N ALA A 45 9.25 -3.36 6.08
CA ALA A 45 8.50 -4.31 5.27
C ALA A 45 9.38 -5.49 4.84
N LEU A 46 10.67 -5.42 5.15
CA LEU A 46 11.61 -6.46 4.76
C LEU A 46 11.70 -7.57 5.79
N ALA A 47 10.91 -7.45 6.86
CA ALA A 47 10.91 -8.44 7.93
C ALA A 47 10.15 -9.70 7.53
N GLY A 48 9.50 -9.64 6.37
CA GLY A 48 8.77 -10.78 5.87
C GLY A 48 8.60 -10.72 4.38
N PRO A 49 8.37 -11.87 3.72
CA PRO A 49 8.19 -11.94 2.26
C PRO A 49 6.88 -11.33 1.81
N PRO A 50 6.89 -10.75 0.61
CA PRO A 50 5.77 -9.97 0.13
C PRO A 50 4.55 -10.82 -0.20
N ASN A 51 4.76 -12.12 -0.41
CA ASN A 51 3.67 -13.04 -0.68
C ASN A 51 3.09 -13.58 0.63
N ASP A 52 3.91 -13.56 1.66
CA ASP A 52 3.47 -13.97 3.00
C ASP A 52 2.69 -12.82 3.63
N PHE A 53 3.04 -11.62 3.20
CA PHE A 53 2.33 -10.41 3.58
C PHE A 53 1.37 -10.02 2.47
N GLY A 54 0.79 -8.83 2.57
CA GLY A 54 -0.09 -8.34 1.53
C GLY A 54 -0.57 -6.94 1.82
N LEU A 55 -1.31 -6.37 0.87
CA LEU A 55 -1.86 -5.04 1.03
C LEU A 55 -3.32 -5.12 1.47
N PHE A 56 -3.62 -4.48 2.59
CA PHE A 56 -4.96 -4.52 3.16
C PHE A 56 -5.54 -3.12 3.21
N LEU A 57 -6.58 -2.88 2.44
CA LEU A 57 -7.25 -1.59 2.42
C LEU A 57 -7.98 -1.41 3.75
N SER A 58 -7.46 -0.51 4.57
CA SER A 58 -7.98 -0.32 5.91
C SER A 58 -9.31 0.41 5.92
N ASP A 59 -10.22 -0.06 6.74
CA ASP A 59 -11.51 0.59 6.93
C ASP A 59 -11.72 0.79 8.43
N ASP A 60 -12.90 1.23 8.82
CA ASP A 60 -13.21 1.40 10.23
C ASP A 60 -13.61 0.06 10.84
N ASP A 61 -14.03 -0.84 9.98
CA ASP A 61 -14.35 -2.20 10.38
C ASP A 61 -13.34 -3.16 9.75
N PRO A 62 -12.72 -4.02 10.57
CA PRO A 62 -11.66 -4.94 10.12
C PRO A 62 -12.12 -5.91 9.04
N LYS A 63 -13.40 -6.27 9.04
CA LYS A 63 -13.91 -7.25 8.10
C LYS A 63 -14.44 -6.56 6.84
N LYS A 64 -14.66 -5.25 6.95
CA LYS A 64 -15.08 -4.47 5.79
C LYS A 64 -13.86 -4.05 4.97
N GLY A 65 -12.69 -4.20 5.56
CA GLY A 65 -11.45 -3.98 4.83
C GLY A 65 -11.18 -5.13 3.88
N ILE A 66 -10.45 -4.86 2.82
CA ILE A 66 -10.24 -5.85 1.78
C ILE A 66 -8.76 -6.04 1.45
N TRP A 67 -8.41 -7.26 1.06
CA TRP A 67 -7.07 -7.54 0.59
C TRP A 67 -7.01 -7.30 -0.91
N LEU A 68 -6.10 -6.42 -1.32
CA LEU A 68 -6.01 -6.03 -2.72
C LEU A 68 -5.36 -7.12 -3.57
N GLU A 69 -5.97 -7.38 -4.72
CA GLU A 69 -5.49 -8.35 -5.68
C GLU A 69 -4.20 -7.87 -6.34
N ALA A 70 -3.16 -8.70 -6.27
CA ALA A 70 -1.83 -8.37 -6.80
C ALA A 70 -1.88 -8.03 -8.28
N GLY A 71 -2.76 -8.69 -9.01
CA GLY A 71 -2.86 -8.48 -10.44
C GLY A 71 -3.66 -7.24 -10.80
N LYS A 72 -4.11 -6.51 -9.80
CA LYS A 72 -4.86 -5.30 -10.03
C LYS A 72 -4.03 -4.08 -9.64
N ALA A 73 -4.32 -2.95 -10.25
CA ALA A 73 -3.59 -1.72 -9.97
C ALA A 73 -4.25 -0.95 -8.82
N LEU A 74 -3.52 0.01 -8.27
CA LEU A 74 -4.04 0.84 -7.18
C LEU A 74 -5.15 1.76 -7.69
N ASP A 75 -5.01 2.21 -8.93
CA ASP A 75 -6.01 3.09 -9.55
C ASP A 75 -7.33 2.36 -9.73
N TYR A 76 -7.25 1.04 -9.80
CA TYR A 76 -8.42 0.19 -9.95
C TYR A 76 -9.37 0.37 -8.77
N TYR A 77 -8.78 0.61 -7.61
CA TYR A 77 -9.52 0.68 -6.36
C TYR A 77 -9.91 2.11 -6.01
N MET A 78 -9.47 3.05 -6.84
CA MET A 78 -9.72 4.48 -6.62
C MET A 78 -9.14 4.93 -5.27
N LEU A 79 -7.88 4.59 -5.04
CA LEU A 79 -7.20 5.00 -3.84
C LEU A 79 -6.83 6.48 -3.92
N ARG A 80 -6.95 7.18 -2.81
CA ARG A 80 -6.76 8.62 -2.81
C ARG A 80 -5.69 9.01 -1.79
N ASN A 81 -5.30 10.27 -1.82
CA ASN A 81 -4.38 10.79 -0.82
C ASN A 81 -5.05 10.80 0.55
N GLY A 82 -4.38 10.23 1.53
CA GLY A 82 -4.90 10.22 2.87
C GLY A 82 -5.55 8.89 3.21
N ASP A 83 -5.73 8.03 2.21
CA ASP A 83 -6.28 6.71 2.45
C ASP A 83 -5.25 5.84 3.14
N THR A 84 -5.71 4.99 4.04
CA THR A 84 -4.82 4.16 4.81
C THR A 84 -4.88 2.71 4.33
N MET A 85 -3.72 2.15 4.03
CA MET A 85 -3.64 0.76 3.64
C MET A 85 -2.56 0.06 4.46
N GLU A 86 -2.91 -1.07 5.01
CA GLU A 86 -1.99 -1.79 5.87
C GLU A 86 -1.21 -2.84 5.11
N TYR A 87 0.06 -2.56 4.86
CA TYR A 87 0.95 -3.62 4.42
C TYR A 87 1.31 -4.48 5.62
N ARG A 88 0.70 -5.65 5.68
CA ARG A 88 0.80 -6.48 6.87
C ARG A 88 0.85 -7.94 6.46
N LYS A 89 1.13 -8.82 7.41
CA LYS A 89 1.14 -10.24 7.15
C LYS A 89 -0.30 -10.75 7.13
N LYS A 90 -0.66 -11.42 6.05
CA LYS A 90 -2.04 -11.82 5.83
C LYS A 90 -2.35 -13.14 6.53
N GLN A 91 -3.57 -13.24 7.04
CA GLN A 91 -4.05 -14.47 7.65
C GLN A 91 -5.57 -14.55 7.52
N GLY A 1 9.45 24.68 -1.15
CA GLY A 1 9.71 23.24 -0.92
C GLY A 1 8.76 22.36 -1.71
N ILE A 2 9.31 21.48 -2.53
CA ILE A 2 8.52 20.57 -3.32
C ILE A 2 9.20 19.21 -3.43
N ASP A 3 8.47 18.15 -3.16
CA ASP A 3 9.03 16.81 -3.20
C ASP A 3 9.02 16.28 -4.63
N PRO A 4 9.99 15.42 -4.98
CA PRO A 4 10.11 14.85 -6.31
C PRO A 4 9.13 13.71 -6.55
N PHE A 5 8.10 13.97 -7.36
CA PHE A 5 7.17 12.94 -7.78
C PHE A 5 6.91 13.02 -9.28
N THR A 6 6.90 14.26 -9.79
CA THR A 6 6.75 14.54 -11.22
C THR A 6 5.36 14.16 -11.74
N MET A 7 5.09 12.86 -11.86
CA MET A 7 3.80 12.38 -12.35
C MET A 7 2.78 12.41 -11.21
N VAL A 8 1.52 12.15 -11.56
CA VAL A 8 0.48 12.07 -10.55
C VAL A 8 0.79 10.95 -9.56
N ALA A 9 0.93 11.32 -8.30
CA ALA A 9 1.30 10.36 -7.27
C ALA A 9 0.22 10.25 -6.21
N LEU A 10 -0.02 9.03 -5.77
CA LEU A 10 -1.03 8.78 -4.75
C LEU A 10 -0.37 8.66 -3.38
N SER A 11 -0.60 9.66 -2.54
CA SER A 11 -0.07 9.65 -1.19
C SER A 11 -0.99 8.86 -0.27
N LEU A 12 -0.60 7.65 0.06
CA LEU A 12 -1.39 6.82 0.96
C LEU A 12 -0.70 6.62 2.28
N LYS A 13 -1.50 6.39 3.30
CA LYS A 13 -1.00 6.10 4.62
C LYS A 13 -0.87 4.59 4.77
N ILE A 14 0.35 4.10 4.73
CA ILE A 14 0.59 2.67 4.77
C ILE A 14 1.01 2.22 6.15
N SER A 15 0.07 1.64 6.89
CA SER A 15 0.31 1.15 8.21
C SER A 15 1.01 -0.20 8.18
N ILE A 16 2.31 -0.18 8.41
CA ILE A 16 3.10 -1.41 8.45
C ILE A 16 3.00 -2.04 9.83
N GLY A 17 2.06 -2.97 9.97
CA GLY A 17 1.82 -3.58 11.26
C GLY A 17 1.17 -2.61 12.23
N ASN A 18 1.98 -1.76 12.84
CA ASN A 18 1.49 -0.77 13.78
C ASN A 18 1.89 0.64 13.35
N VAL A 19 3.04 0.74 12.67
CA VAL A 19 3.59 2.03 12.27
C VAL A 19 3.23 2.36 10.83
N VAL A 20 2.49 3.43 10.65
CA VAL A 20 2.07 3.85 9.31
C VAL A 20 3.01 4.88 8.72
N LYS A 21 3.40 4.64 7.47
CA LYS A 21 4.28 5.54 6.73
C LYS A 21 3.51 6.21 5.60
N THR A 22 3.81 7.47 5.35
CA THR A 22 3.21 8.17 4.23
C THR A 22 3.99 7.89 2.95
N MET A 23 3.40 7.11 2.06
CA MET A 23 4.08 6.70 0.84
C MET A 23 3.35 7.20 -0.38
N GLN A 24 4.11 7.62 -1.39
CA GLN A 24 3.54 8.12 -2.62
C GLN A 24 3.72 7.11 -3.75
N PHE A 25 2.64 6.48 -4.14
CA PHE A 25 2.66 5.51 -5.23
C PHE A 25 2.16 6.17 -6.51
N GLU A 26 2.07 5.41 -7.59
CA GLU A 26 1.44 5.89 -8.80
C GLU A 26 0.14 5.14 -9.02
N PRO A 27 -0.88 5.83 -9.58
CA PRO A 27 -2.17 5.21 -9.91
C PRO A 27 -2.01 3.96 -10.79
N SER A 28 -1.00 3.97 -11.65
CA SER A 28 -0.78 2.87 -12.58
C SER A 28 0.00 1.73 -11.92
N THR A 29 0.40 1.92 -10.67
CA THR A 29 1.12 0.90 -9.93
C THR A 29 0.19 -0.26 -9.56
N MET A 30 0.70 -1.48 -9.71
CA MET A 30 -0.07 -2.67 -9.38
C MET A 30 0.10 -3.01 -7.91
N VAL A 31 -0.88 -3.69 -7.34
CA VAL A 31 -0.91 -3.96 -5.90
C VAL A 31 0.33 -4.70 -5.41
N TYR A 32 0.68 -5.81 -6.04
CA TYR A 32 1.83 -6.61 -5.59
C TYR A 32 3.12 -5.82 -5.73
N ASP A 33 3.12 -4.91 -6.70
CA ASP A 33 4.29 -4.09 -6.96
C ASP A 33 4.38 -2.97 -5.94
N ALA A 34 3.22 -2.44 -5.54
CA ALA A 34 3.16 -1.45 -4.48
C ALA A 34 3.62 -2.05 -3.16
N CYS A 35 3.35 -3.34 -2.99
CA CYS A 35 3.84 -4.07 -1.82
C CYS A 35 5.36 -4.09 -1.84
N ARG A 36 5.93 -4.31 -3.02
CA ARG A 36 7.37 -4.31 -3.18
C ARG A 36 7.94 -2.92 -2.90
N MET A 37 7.19 -1.89 -3.28
CA MET A 37 7.61 -0.51 -3.05
C MET A 37 7.81 -0.24 -1.56
N ILE A 38 6.95 -0.82 -0.73
CA ILE A 38 7.06 -0.62 0.71
C ILE A 38 8.33 -1.25 1.27
N ARG A 39 8.62 -2.49 0.88
CA ARG A 39 9.79 -3.18 1.40
C ARG A 39 11.09 -2.59 0.86
N GLU A 40 11.06 -2.04 -0.35
CA GLU A 40 12.25 -1.47 -0.95
C GLU A 40 12.52 -0.06 -0.42
N ARG A 41 11.49 0.78 -0.44
CA ARG A 41 11.66 2.16 0.00
C ARG A 41 11.72 2.25 1.52
N ILE A 42 11.07 1.31 2.19
CA ILE A 42 11.09 1.26 3.64
C ILE A 42 11.72 -0.05 4.10
N PRO A 43 12.91 0.03 4.73
CA PRO A 43 13.64 -1.17 5.16
C PRO A 43 12.99 -1.80 6.36
N GLU A 44 12.13 -1.01 7.00
CA GLU A 44 11.48 -1.43 8.22
C GLU A 44 10.45 -2.51 7.94
N ALA A 45 9.87 -2.47 6.74
CA ALA A 45 8.88 -3.47 6.33
C ALA A 45 9.52 -4.78 5.90
N LEU A 46 10.84 -4.79 5.77
CA LEU A 46 11.57 -5.98 5.37
C LEU A 46 11.63 -6.99 6.50
N ALA A 47 10.66 -7.89 6.52
CA ALA A 47 10.61 -8.97 7.50
C ALA A 47 10.05 -10.22 6.84
N GLY A 48 10.19 -10.30 5.53
CA GLY A 48 9.67 -11.41 4.79
C GLY A 48 9.53 -11.11 3.30
N PRO A 49 9.22 -12.14 2.49
CA PRO A 49 9.08 -11.99 1.04
C PRO A 49 7.90 -11.11 0.64
N PRO A 50 7.92 -10.61 -0.60
CA PRO A 50 7.03 -9.54 -1.05
C PRO A 50 5.54 -9.82 -0.84
N ASN A 51 5.09 -11.02 -1.19
CA ASN A 51 3.67 -11.33 -1.11
C ASN A 51 3.35 -12.17 0.13
N ASP A 52 4.32 -12.28 1.04
CA ASP A 52 4.05 -12.83 2.36
C ASP A 52 3.34 -11.77 3.16
N PHE A 53 3.67 -10.53 2.82
CA PHE A 53 2.94 -9.36 3.30
C PHE A 53 1.94 -8.95 2.24
N GLY A 54 1.05 -8.04 2.58
CA GLY A 54 0.08 -7.58 1.62
C GLY A 54 -0.52 -6.25 1.99
N LEU A 55 -1.15 -5.60 1.02
CA LEU A 55 -1.85 -4.36 1.26
C LEU A 55 -3.27 -4.64 1.70
N PHE A 56 -3.63 -4.09 2.84
CA PHE A 56 -4.97 -4.27 3.38
C PHE A 56 -5.77 -2.98 3.20
N LEU A 57 -6.80 -3.04 2.38
CA LEU A 57 -7.65 -1.89 2.13
C LEU A 57 -8.59 -1.68 3.31
N SER A 58 -8.38 -0.61 4.05
CA SER A 58 -9.20 -0.29 5.19
C SER A 58 -10.60 0.13 4.71
N ASP A 59 -11.61 -0.26 5.47
CA ASP A 59 -12.97 0.14 5.18
C ASP A 59 -13.55 0.82 6.41
N ASP A 60 -14.70 1.45 6.28
CA ASP A 60 -15.39 2.06 7.41
C ASP A 60 -15.64 1.01 8.49
N ASP A 61 -15.85 -0.23 8.05
CA ASP A 61 -16.00 -1.34 8.96
C ASP A 61 -14.84 -2.31 8.78
N PRO A 62 -14.20 -2.75 9.88
CA PRO A 62 -13.02 -3.63 9.85
C PRO A 62 -13.26 -4.95 9.13
N LYS A 63 -14.49 -5.46 9.18
CA LYS A 63 -14.80 -6.75 8.58
C LYS A 63 -14.91 -6.61 7.06
N LYS A 64 -15.23 -5.40 6.63
CA LYS A 64 -15.34 -5.10 5.21
C LYS A 64 -13.98 -4.73 4.62
N GLY A 65 -12.95 -4.72 5.46
CA GLY A 65 -11.61 -4.52 4.98
C GLY A 65 -11.13 -5.71 4.19
N ILE A 66 -10.55 -5.45 3.02
CA ILE A 66 -10.20 -6.52 2.10
C ILE A 66 -8.73 -6.49 1.71
N TRP A 67 -8.22 -7.63 1.28
CA TRP A 67 -6.89 -7.73 0.72
C TRP A 67 -6.95 -7.43 -0.77
N LEU A 68 -6.09 -6.52 -1.23
CA LEU A 68 -6.06 -6.15 -2.64
C LEU A 68 -5.41 -7.26 -3.47
N GLU A 69 -5.93 -7.46 -4.68
CA GLU A 69 -5.41 -8.49 -5.56
C GLU A 69 -4.15 -8.00 -6.28
N ALA A 70 -3.15 -8.87 -6.35
CA ALA A 70 -1.85 -8.54 -6.92
C ALA A 70 -1.98 -7.99 -8.34
N GLY A 71 -2.81 -8.63 -9.15
CA GLY A 71 -2.91 -8.28 -10.55
C GLY A 71 -3.74 -7.03 -10.80
N LYS A 72 -4.20 -6.39 -9.74
CA LYS A 72 -4.98 -5.16 -9.88
C LYS A 72 -4.10 -3.95 -9.64
N ALA A 73 -4.53 -2.80 -10.13
CA ALA A 73 -3.80 -1.56 -9.95
C ALA A 73 -4.39 -0.76 -8.78
N LEU A 74 -3.64 0.22 -8.30
CA LEU A 74 -4.08 1.04 -7.18
C LEU A 74 -5.28 1.89 -7.55
N ASP A 75 -5.23 2.50 -8.73
CA ASP A 75 -6.31 3.37 -9.19
C ASP A 75 -7.58 2.56 -9.44
N TYR A 76 -7.41 1.27 -9.67
CA TYR A 76 -8.53 0.35 -9.86
C TYR A 76 -9.41 0.32 -8.61
N TYR A 77 -8.75 0.41 -7.47
CA TYR A 77 -9.44 0.42 -6.18
C TYR A 77 -9.79 1.85 -5.78
N MET A 78 -9.59 2.78 -6.71
CA MET A 78 -9.87 4.20 -6.49
C MET A 78 -9.02 4.76 -5.36
N LEU A 79 -7.84 4.19 -5.16
CA LEU A 79 -6.93 4.68 -4.13
C LEU A 79 -6.47 6.08 -4.49
N ARG A 80 -6.50 6.96 -3.51
CA ARG A 80 -6.17 8.37 -3.72
C ARG A 80 -5.35 8.91 -2.56
N ASN A 81 -5.00 10.19 -2.63
CA ASN A 81 -4.20 10.82 -1.60
C ASN A 81 -5.01 10.91 -0.30
N GLY A 82 -4.49 10.30 0.75
CA GLY A 82 -5.15 10.36 2.04
C GLY A 82 -5.68 9.02 2.48
N ASP A 83 -5.68 8.04 1.58
CA ASP A 83 -6.18 6.71 1.90
C ASP A 83 -5.27 5.99 2.87
N THR A 84 -5.78 4.97 3.52
CA THR A 84 -5.02 4.24 4.52
C THR A 84 -5.07 2.73 4.26
N MET A 85 -3.92 2.13 4.05
CA MET A 85 -3.83 0.69 3.86
C MET A 85 -2.79 0.11 4.80
N GLU A 86 -3.11 -1.02 5.39
CA GLU A 86 -2.20 -1.68 6.31
C GLU A 86 -1.32 -2.68 5.56
N TYR A 87 -0.08 -2.31 5.30
CA TYR A 87 0.88 -3.26 4.75
C TYR A 87 1.33 -4.17 5.87
N ARG A 88 0.81 -5.37 5.87
CA ARG A 88 0.96 -6.27 7.00
C ARG A 88 1.23 -7.69 6.52
N LYS A 89 1.69 -8.54 7.43
CA LYS A 89 1.99 -9.91 7.09
C LYS A 89 0.71 -10.73 7.02
N LYS A 90 0.45 -11.30 5.85
CA LYS A 90 -0.75 -12.10 5.62
C LYS A 90 -0.70 -13.37 6.46
N GLN A 91 -1.76 -13.62 7.23
CA GLN A 91 -1.83 -14.82 8.05
C GLN A 91 -1.78 -16.06 7.16
N GLY A 1 15.05 10.36 1.83
CA GLY A 1 14.35 11.67 1.74
C GLY A 1 12.85 11.51 1.87
N ILE A 2 12.11 12.54 1.53
CA ILE A 2 10.65 12.49 1.58
C ILE A 2 10.11 12.03 0.24
N ASP A 3 9.24 11.03 0.27
CA ASP A 3 8.64 10.49 -0.95
C ASP A 3 7.94 11.60 -1.73
N PRO A 4 8.40 11.87 -2.96
CA PRO A 4 7.95 13.03 -3.75
C PRO A 4 6.46 13.03 -4.07
N PHE A 5 5.94 14.22 -4.38
CA PHE A 5 4.54 14.38 -4.70
C PHE A 5 4.35 14.65 -6.18
N THR A 6 5.43 14.46 -6.94
CA THR A 6 5.41 14.66 -8.38
C THR A 6 4.38 13.76 -9.04
N MET A 7 3.77 14.26 -10.14
CA MET A 7 2.77 13.51 -10.90
C MET A 7 1.48 13.35 -10.09
N VAL A 8 0.58 12.55 -10.59
CA VAL A 8 -0.66 12.25 -9.88
C VAL A 8 -0.45 11.10 -8.91
N ALA A 9 0.55 11.25 -8.06
CA ALA A 9 0.91 10.21 -7.13
C ALA A 9 -0.11 10.10 -6.00
N LEU A 10 -0.49 8.89 -5.70
CA LEU A 10 -1.49 8.61 -4.68
C LEU A 10 -0.83 8.60 -3.31
N SER A 11 -1.06 9.66 -2.55
CA SER A 11 -0.49 9.77 -1.22
C SER A 11 -1.29 8.96 -0.22
N LEU A 12 -0.77 7.81 0.17
CA LEU A 12 -1.47 6.96 1.11
C LEU A 12 -0.63 6.68 2.33
N LYS A 13 -1.30 6.29 3.40
CA LYS A 13 -0.65 5.93 4.63
C LYS A 13 -0.48 4.42 4.69
N ILE A 14 0.76 3.96 4.71
CA ILE A 14 1.06 2.55 4.76
C ILE A 14 1.35 2.14 6.20
N SER A 15 0.47 1.32 6.75
CA SER A 15 0.64 0.83 8.10
C SER A 15 1.20 -0.58 8.09
N ILE A 16 2.48 -0.71 8.38
CA ILE A 16 3.10 -2.02 8.53
C ILE A 16 2.97 -2.47 9.97
N GLY A 17 2.00 -3.33 10.23
CA GLY A 17 1.72 -3.76 11.59
C GLY A 17 1.05 -2.66 12.39
N ASN A 18 1.85 -1.80 12.98
CA ASN A 18 1.36 -0.66 13.74
C ASN A 18 2.12 0.60 13.39
N VAL A 19 3.09 0.48 12.49
CA VAL A 19 3.93 1.60 12.11
C VAL A 19 3.47 2.19 10.78
N VAL A 20 3.06 3.46 10.81
CA VAL A 20 2.48 4.10 9.64
C VAL A 20 3.46 5.06 8.97
N LYS A 21 3.63 4.90 7.67
CA LYS A 21 4.44 5.82 6.86
C LYS A 21 3.62 6.29 5.66
N THR A 22 3.76 7.56 5.30
CA THR A 22 3.07 8.09 4.14
C THR A 22 3.90 7.86 2.87
N MET A 23 3.31 7.15 1.92
CA MET A 23 3.97 6.86 0.66
C MET A 23 3.09 7.28 -0.51
N GLN A 24 3.68 7.77 -1.57
CA GLN A 24 2.92 8.16 -2.73
C GLN A 24 3.23 7.23 -3.91
N PHE A 25 2.22 6.46 -4.29
CA PHE A 25 2.38 5.48 -5.35
C PHE A 25 1.83 6.04 -6.66
N GLU A 26 2.14 5.39 -7.77
CA GLU A 26 1.58 5.79 -9.06
C GLU A 26 0.24 5.09 -9.24
N PRO A 27 -0.71 5.74 -9.92
CA PRO A 27 -2.02 5.15 -10.19
C PRO A 27 -1.92 3.88 -11.03
N SER A 28 -0.89 3.84 -11.87
CA SER A 28 -0.67 2.71 -12.76
C SER A 28 0.08 1.57 -12.06
N THR A 29 0.43 1.79 -10.81
CA THR A 29 1.18 0.79 -10.04
C THR A 29 0.28 -0.38 -9.64
N MET A 30 0.80 -1.59 -9.85
CA MET A 30 0.09 -2.80 -9.46
C MET A 30 0.24 -3.03 -7.97
N VAL A 31 -0.67 -3.80 -7.38
CA VAL A 31 -0.67 -4.04 -5.94
C VAL A 31 0.61 -4.74 -5.48
N TYR A 32 1.03 -5.78 -6.20
CA TYR A 32 2.25 -6.50 -5.83
C TYR A 32 3.46 -5.58 -5.97
N ASP A 33 3.34 -4.63 -6.89
CA ASP A 33 4.42 -3.69 -7.16
C ASP A 33 4.47 -2.63 -6.07
N ALA A 34 3.29 -2.21 -5.62
CA ALA A 34 3.17 -1.28 -4.51
C ALA A 34 3.75 -1.91 -3.24
N CYS A 35 3.48 -3.21 -3.07
CA CYS A 35 4.07 -3.97 -1.97
C CYS A 35 5.59 -3.94 -2.06
N ARG A 36 6.11 -4.06 -3.29
CA ARG A 36 7.54 -3.97 -3.51
C ARG A 36 8.04 -2.57 -3.20
N MET A 37 7.24 -1.56 -3.56
CA MET A 37 7.60 -0.17 -3.28
C MET A 37 7.75 0.07 -1.79
N ILE A 38 6.90 -0.58 -0.99
CA ILE A 38 7.03 -0.49 0.46
C ILE A 38 8.31 -1.18 0.92
N ARG A 39 8.63 -2.30 0.28
CA ARG A 39 9.87 -3.01 0.54
C ARG A 39 11.06 -2.11 0.21
N GLU A 40 10.86 -1.22 -0.74
CA GLU A 40 11.88 -0.26 -1.13
C GLU A 40 11.96 0.89 -0.14
N ARG A 41 10.79 1.41 0.24
CA ARG A 41 10.71 2.56 1.13
C ARG A 41 11.08 2.16 2.55
N ILE A 42 10.44 1.12 3.03
CA ILE A 42 10.62 0.65 4.39
C ILE A 42 11.24 -0.74 4.37
N PRO A 43 12.31 -0.98 5.13
CA PRO A 43 13.02 -2.26 5.13
C PRO A 43 12.18 -3.35 5.75
N GLU A 44 11.18 -2.92 6.50
CA GLU A 44 10.35 -3.82 7.27
C GLU A 44 9.66 -4.83 6.37
N ALA A 45 9.12 -4.36 5.24
CA ALA A 45 8.38 -5.20 4.31
C ALA A 45 9.29 -6.16 3.54
N LEU A 46 10.60 -5.98 3.68
CA LEU A 46 11.56 -6.86 3.00
C LEU A 46 11.64 -8.22 3.69
N ALA A 47 10.90 -8.36 4.78
CA ALA A 47 10.83 -9.62 5.51
C ALA A 47 9.52 -10.34 5.20
N GLY A 48 8.75 -9.80 4.26
CA GLY A 48 7.46 -10.37 3.96
C GLY A 48 7.22 -10.52 2.46
N PRO A 49 6.96 -11.75 2.01
CA PRO A 49 6.62 -12.04 0.62
C PRO A 49 5.14 -11.89 0.35
N PRO A 50 4.81 -11.44 -0.85
CA PRO A 50 3.45 -11.05 -1.19
C PRO A 50 2.48 -12.23 -1.33
N ASN A 51 3.00 -13.45 -1.22
CA ASN A 51 2.16 -14.64 -1.22
C ASN A 51 1.63 -14.88 0.19
N ASP A 52 2.32 -14.33 1.18
CA ASP A 52 1.95 -14.49 2.57
C ASP A 52 1.34 -13.20 3.10
N PHE A 53 1.91 -12.09 2.69
CA PHE A 53 1.42 -10.76 3.10
C PHE A 53 0.65 -10.12 1.97
N GLY A 54 -0.14 -9.11 2.31
CA GLY A 54 -0.92 -8.43 1.31
C GLY A 54 -1.25 -7.02 1.73
N LEU A 55 -1.76 -6.22 0.81
CA LEU A 55 -2.19 -4.88 1.11
C LEU A 55 -3.66 -4.88 1.50
N PHE A 56 -3.95 -4.23 2.60
CA PHE A 56 -5.31 -4.17 3.11
C PHE A 56 -5.86 -2.76 2.97
N LEU A 57 -6.85 -2.60 2.11
CA LEU A 57 -7.46 -1.30 1.88
C LEU A 57 -8.42 -1.00 3.01
N SER A 58 -7.99 -0.17 3.94
CA SER A 58 -8.81 0.15 5.09
C SER A 58 -9.78 1.27 4.78
N ASP A 59 -11.04 1.06 5.11
CA ASP A 59 -12.05 2.08 4.94
C ASP A 59 -12.37 2.67 6.30
N ASP A 60 -11.30 2.90 7.07
CA ASP A 60 -11.37 3.33 8.48
C ASP A 60 -11.88 2.19 9.36
N ASP A 61 -13.01 1.61 8.97
CA ASP A 61 -13.54 0.43 9.62
C ASP A 61 -12.88 -0.82 9.02
N PRO A 62 -12.39 -1.74 9.88
CA PRO A 62 -11.67 -2.93 9.43
C PRO A 62 -12.53 -3.91 8.63
N LYS A 63 -13.84 -3.88 8.86
CA LYS A 63 -14.73 -4.82 8.19
C LYS A 63 -15.20 -4.25 6.85
N LYS A 64 -15.06 -2.95 6.70
CA LYS A 64 -15.34 -2.29 5.44
C LYS A 64 -14.09 -2.28 4.57
N GLY A 65 -13.00 -2.80 5.14
CA GLY A 65 -11.75 -2.90 4.42
C GLY A 65 -11.65 -4.18 3.63
N ILE A 66 -10.90 -4.15 2.55
CA ILE A 66 -10.76 -5.30 1.67
C ILE A 66 -9.31 -5.58 1.33
N TRP A 67 -9.05 -6.73 0.75
CA TRP A 67 -7.70 -7.11 0.36
C TRP A 67 -7.44 -6.82 -1.12
N LEU A 68 -6.29 -6.24 -1.40
CA LEU A 68 -5.91 -5.94 -2.78
C LEU A 68 -5.18 -7.13 -3.39
N GLU A 69 -5.55 -7.48 -4.61
CA GLU A 69 -4.94 -8.59 -5.31
C GLU A 69 -3.67 -8.14 -6.04
N ALA A 70 -2.65 -8.97 -5.97
CA ALA A 70 -1.34 -8.67 -6.58
C ALA A 70 -1.48 -8.31 -8.05
N GLY A 71 -2.38 -9.00 -8.75
CA GLY A 71 -2.53 -8.79 -10.18
C GLY A 71 -3.45 -7.64 -10.52
N LYS A 72 -3.86 -6.88 -9.52
CA LYS A 72 -4.68 -5.70 -9.74
C LYS A 72 -3.85 -4.44 -9.56
N ALA A 73 -4.35 -3.31 -10.04
CA ALA A 73 -3.66 -2.04 -9.91
C ALA A 73 -4.24 -1.22 -8.77
N LEU A 74 -3.53 -0.19 -8.35
CA LEU A 74 -3.98 0.69 -7.28
C LEU A 74 -5.19 1.50 -7.71
N ASP A 75 -5.14 2.03 -8.94
CA ASP A 75 -6.24 2.82 -9.49
C ASP A 75 -7.52 2.00 -9.55
N TYR A 76 -7.35 0.69 -9.74
CA TYR A 76 -8.46 -0.25 -9.78
C TYR A 76 -9.27 -0.20 -8.50
N TYR A 77 -8.58 -0.07 -7.38
CA TYR A 77 -9.22 -0.06 -6.08
C TYR A 77 -9.60 1.35 -5.67
N MET A 78 -9.18 2.33 -6.47
CA MET A 78 -9.49 3.74 -6.23
C MET A 78 -8.90 4.21 -4.91
N LEU A 79 -7.65 4.62 -4.95
CA LEU A 79 -6.98 5.09 -3.76
C LEU A 79 -6.88 6.62 -3.79
N ARG A 80 -7.00 7.23 -2.64
CA ARG A 80 -7.06 8.68 -2.56
C ARG A 80 -5.91 9.22 -1.71
N ASN A 81 -5.54 10.47 -1.95
CA ASN A 81 -4.52 11.12 -1.15
C ASN A 81 -5.05 11.36 0.26
N GLY A 82 -4.50 10.64 1.22
CA GLY A 82 -5.02 10.69 2.57
C GLY A 82 -5.50 9.34 3.03
N ASP A 83 -5.76 8.49 2.07
CA ASP A 83 -6.29 7.16 2.31
C ASP A 83 -5.22 6.28 2.94
N THR A 84 -5.65 5.17 3.47
CA THR A 84 -4.80 4.35 4.32
C THR A 84 -4.91 2.86 4.00
N MET A 85 -3.77 2.22 3.81
CA MET A 85 -3.73 0.77 3.63
C MET A 85 -2.81 0.15 4.66
N GLU A 86 -3.12 -1.05 5.08
CA GLU A 86 -2.31 -1.73 6.06
C GLU A 86 -1.57 -2.90 5.41
N TYR A 87 -0.25 -2.78 5.34
CA TYR A 87 0.59 -3.89 4.93
C TYR A 87 0.65 -4.91 6.07
N ARG A 88 0.08 -6.07 5.84
CA ARG A 88 -0.03 -7.09 6.87
C ARG A 88 -0.12 -8.48 6.24
N LYS A 89 -0.04 -9.52 7.07
CA LYS A 89 -0.20 -10.88 6.61
C LYS A 89 -1.66 -11.08 6.22
N LYS A 90 -1.90 -11.57 5.01
CA LYS A 90 -3.25 -11.69 4.51
C LYS A 90 -3.92 -12.97 5.01
N GLN A 91 -5.13 -12.81 5.53
CA GLN A 91 -5.92 -13.93 6.02
C GLN A 91 -6.62 -14.62 4.88
N GLY A 1 13.65 13.93 2.08
CA GLY A 1 12.83 15.01 2.68
C GLY A 1 11.47 15.11 2.01
N ILE A 2 11.38 15.96 1.01
CA ILE A 2 10.18 16.06 0.19
C ILE A 2 10.52 15.61 -1.23
N ASP A 3 9.98 14.48 -1.63
CA ASP A 3 10.24 13.96 -2.96
C ASP A 3 9.17 14.43 -3.92
N PRO A 4 9.59 14.85 -5.14
CA PRO A 4 8.66 15.33 -6.16
C PRO A 4 7.78 14.20 -6.72
N PHE A 5 6.56 14.12 -6.21
CA PHE A 5 5.63 13.11 -6.67
C PHE A 5 5.02 13.49 -8.01
N THR A 6 4.80 12.50 -8.85
CA THR A 6 4.37 12.72 -10.22
C THR A 6 2.89 13.13 -10.29
N MET A 7 2.39 13.27 -11.52
CA MET A 7 1.01 13.66 -11.77
C MET A 7 0.05 12.71 -11.08
N VAL A 8 -0.88 13.29 -10.32
CA VAL A 8 -1.87 12.55 -9.53
C VAL A 8 -1.26 11.32 -8.85
N ALA A 9 -0.19 11.56 -8.12
CA ALA A 9 0.48 10.51 -7.37
C ALA A 9 -0.36 10.13 -6.16
N LEU A 10 -0.43 8.84 -5.89
CA LEU A 10 -1.25 8.36 -4.80
C LEU A 10 -0.42 8.21 -3.54
N SER A 11 -0.53 9.16 -2.64
CA SER A 11 0.19 9.09 -1.38
C SER A 11 -0.71 8.48 -0.32
N LEU A 12 -0.49 7.21 -0.02
CA LEU A 12 -1.33 6.52 0.94
C LEU A 12 -0.59 6.34 2.25
N LYS A 13 -1.37 6.24 3.30
CA LYS A 13 -0.83 5.97 4.63
C LYS A 13 -0.83 4.48 4.86
N ILE A 14 0.34 3.88 4.78
CA ILE A 14 0.47 2.45 4.88
C ILE A 14 0.89 2.06 6.29
N SER A 15 -0.02 1.43 7.01
CA SER A 15 0.27 0.98 8.36
C SER A 15 0.97 -0.38 8.31
N ILE A 16 2.29 -0.35 8.48
CA ILE A 16 3.07 -1.58 8.50
C ILE A 16 3.06 -2.16 9.90
N GLY A 17 2.17 -3.11 10.13
CA GLY A 17 2.05 -3.72 11.43
C GLY A 17 1.32 -2.83 12.41
N ASN A 18 2.00 -1.81 12.91
CA ASN A 18 1.39 -0.85 13.82
C ASN A 18 1.97 0.54 13.59
N VAL A 19 2.70 0.70 12.51
CA VAL A 19 3.36 1.96 12.20
C VAL A 19 2.86 2.53 10.88
N VAL A 20 2.25 3.69 10.93
CA VAL A 20 1.67 4.32 9.74
C VAL A 20 2.74 5.09 8.96
N LYS A 21 2.97 4.67 7.72
CA LYS A 21 3.98 5.29 6.87
C LYS A 21 3.33 5.80 5.58
N THR A 22 3.45 7.09 5.33
CA THR A 22 2.92 7.66 4.10
C THR A 22 3.91 7.47 2.95
N MET A 23 3.45 6.87 1.86
CA MET A 23 4.32 6.56 0.74
C MET A 23 3.71 7.05 -0.57
N GLN A 24 4.56 7.26 -1.56
CA GLN A 24 4.13 7.80 -2.85
C GLN A 24 3.98 6.70 -3.90
N PHE A 25 2.74 6.37 -4.21
CA PHE A 25 2.44 5.38 -5.23
C PHE A 25 1.92 6.07 -6.48
N GLU A 26 1.66 5.29 -7.52
CA GLU A 26 1.09 5.82 -8.73
C GLU A 26 -0.20 5.05 -9.07
N PRO A 27 -1.11 5.67 -9.81
CA PRO A 27 -2.36 5.02 -10.24
C PRO A 27 -2.10 3.70 -10.96
N SER A 28 -1.08 3.67 -11.81
CA SER A 28 -0.76 2.49 -12.59
C SER A 28 0.05 1.47 -11.77
N THR A 29 0.26 1.77 -10.50
CA THR A 29 0.99 0.87 -9.62
C THR A 29 0.10 -0.27 -9.17
N MET A 30 0.51 -1.49 -9.49
CA MET A 30 -0.22 -2.68 -9.08
C MET A 30 0.11 -3.03 -7.64
N VAL A 31 -0.77 -3.80 -7.01
CA VAL A 31 -0.65 -4.10 -5.60
C VAL A 31 0.68 -4.77 -5.24
N TYR A 32 1.11 -5.76 -6.01
CA TYR A 32 2.38 -6.43 -5.70
C TYR A 32 3.56 -5.49 -5.93
N ASP A 33 3.36 -4.50 -6.79
CA ASP A 33 4.40 -3.51 -7.04
C ASP A 33 4.37 -2.45 -5.95
N ALA A 34 3.18 -2.15 -5.47
CA ALA A 34 3.01 -1.28 -4.32
C ALA A 34 3.72 -1.88 -3.09
N CYS A 35 3.60 -3.19 -2.93
CA CYS A 35 4.33 -3.90 -1.89
C CYS A 35 5.84 -3.80 -2.14
N ARG A 36 6.21 -3.84 -3.41
CA ARG A 36 7.60 -3.68 -3.82
C ARG A 36 8.09 -2.28 -3.44
N MET A 37 7.22 -1.29 -3.61
CA MET A 37 7.54 0.08 -3.25
C MET A 37 7.73 0.21 -1.74
N ILE A 38 6.90 -0.48 -0.96
CA ILE A 38 7.00 -0.45 0.49
C ILE A 38 8.35 -1.00 0.95
N ARG A 39 8.75 -2.15 0.41
CA ARG A 39 9.99 -2.80 0.82
C ARG A 39 11.22 -2.04 0.32
N GLU A 40 11.10 -1.36 -0.81
CA GLU A 40 12.23 -0.61 -1.35
C GLU A 40 12.38 0.74 -0.64
N ARG A 41 11.25 1.30 -0.22
CA ARG A 41 11.23 2.60 0.45
C ARG A 41 11.57 2.46 1.92
N ILE A 42 10.91 1.51 2.56
CA ILE A 42 11.03 1.33 4.00
C ILE A 42 11.64 -0.04 4.32
N PRO A 43 12.79 -0.05 5.00
CA PRO A 43 13.50 -1.29 5.34
C PRO A 43 12.82 -2.03 6.47
N GLU A 44 11.99 -1.30 7.20
CA GLU A 44 11.37 -1.80 8.41
C GLU A 44 10.43 -2.96 8.10
N ALA A 45 9.80 -2.90 6.92
CA ALA A 45 8.80 -3.90 6.54
C ALA A 45 9.44 -5.23 6.13
N LEU A 46 10.74 -5.22 5.91
CA LEU A 46 11.44 -6.41 5.44
C LEU A 46 11.48 -7.49 6.52
N ALA A 47 10.61 -8.47 6.37
CA ALA A 47 10.57 -9.63 7.25
C ALA A 47 10.23 -10.87 6.44
N GLY A 48 10.37 -10.75 5.14
CA GLY A 48 10.00 -11.82 4.23
C GLY A 48 9.67 -11.30 2.86
N PRO A 49 9.29 -12.18 1.92
CA PRO A 49 8.96 -11.79 0.55
C PRO A 49 7.59 -11.15 0.45
N PRO A 50 7.45 -10.24 -0.53
CA PRO A 50 6.29 -9.36 -0.59
C PRO A 50 4.97 -10.10 -0.86
N ASN A 51 5.05 -11.29 -1.45
CA ASN A 51 3.86 -12.06 -1.78
C ASN A 51 3.38 -12.83 -0.55
N ASP A 52 4.26 -12.97 0.45
CA ASP A 52 3.89 -13.59 1.71
C ASP A 52 3.21 -12.56 2.60
N PHE A 53 3.47 -11.30 2.30
CA PHE A 53 2.76 -10.19 2.92
C PHE A 53 1.59 -9.81 2.03
N GLY A 54 0.98 -8.68 2.30
CA GLY A 54 -0.06 -8.18 1.44
C GLY A 54 -0.54 -6.81 1.85
N LEU A 55 -1.30 -6.17 0.97
CA LEU A 55 -1.89 -4.89 1.26
C LEU A 55 -3.34 -5.05 1.65
N PHE A 56 -3.71 -4.43 2.74
CA PHE A 56 -5.05 -4.52 3.28
C PHE A 56 -5.68 -3.13 3.32
N LEU A 57 -6.69 -2.92 2.48
CA LEU A 57 -7.38 -1.64 2.46
C LEU A 57 -8.25 -1.52 3.70
N SER A 58 -7.80 -0.70 4.64
CA SER A 58 -8.46 -0.61 5.93
C SER A 58 -9.60 0.40 5.89
N ASP A 59 -10.50 0.25 6.84
CA ASP A 59 -11.64 1.13 6.98
C ASP A 59 -11.99 1.22 8.45
N ASP A 60 -12.86 2.16 8.83
CA ASP A 60 -13.31 2.24 10.21
C ASP A 60 -14.11 0.99 10.58
N ASP A 61 -14.68 0.38 9.55
CA ASP A 61 -15.34 -0.91 9.68
C ASP A 61 -14.48 -1.99 9.03
N PRO A 62 -13.96 -2.93 9.83
CA PRO A 62 -13.07 -3.98 9.35
C PRO A 62 -13.73 -4.88 8.32
N LYS A 63 -15.06 -4.89 8.30
CA LYS A 63 -15.81 -5.70 7.35
C LYS A 63 -15.63 -5.15 5.94
N LYS A 64 -15.41 -3.84 5.84
CA LYS A 64 -15.15 -3.19 4.56
C LYS A 64 -13.68 -3.26 4.20
N GLY A 65 -12.88 -3.75 5.14
CA GLY A 65 -11.46 -3.92 4.90
C GLY A 65 -11.21 -5.12 4.02
N ILE A 66 -10.52 -4.91 2.90
CA ILE A 66 -10.34 -5.96 1.92
C ILE A 66 -8.87 -6.12 1.54
N TRP A 67 -8.49 -7.35 1.24
CA TRP A 67 -7.17 -7.64 0.70
C TRP A 67 -7.17 -7.33 -0.79
N LEU A 68 -6.21 -6.52 -1.23
CA LEU A 68 -6.13 -6.12 -2.63
C LEU A 68 -5.44 -7.20 -3.45
N GLU A 69 -6.01 -7.50 -4.62
CA GLU A 69 -5.40 -8.45 -5.55
C GLU A 69 -4.14 -7.85 -6.16
N ALA A 70 -3.04 -8.59 -6.07
CA ALA A 70 -1.73 -8.14 -6.54
C ALA A 70 -1.76 -7.70 -8.00
N GLY A 71 -2.56 -8.39 -8.82
CA GLY A 71 -2.59 -8.12 -10.24
C GLY A 71 -3.37 -6.86 -10.59
N LYS A 72 -4.05 -6.30 -9.60
CA LYS A 72 -4.84 -5.10 -9.80
C LYS A 72 -4.00 -3.87 -9.46
N ALA A 73 -4.34 -2.74 -10.06
CA ALA A 73 -3.65 -1.50 -9.77
C ALA A 73 -4.36 -0.74 -8.65
N LEU A 74 -3.65 0.19 -8.02
CA LEU A 74 -4.24 0.98 -6.95
C LEU A 74 -5.35 1.89 -7.48
N ASP A 75 -5.24 2.26 -8.75
CA ASP A 75 -6.25 3.08 -9.41
C ASP A 75 -7.58 2.32 -9.51
N TYR A 76 -7.48 0.99 -9.58
CA TYR A 76 -8.65 0.12 -9.67
C TYR A 76 -9.57 0.34 -8.48
N TYR A 77 -8.94 0.48 -7.31
CA TYR A 77 -9.66 0.56 -6.05
C TYR A 77 -10.01 2.00 -5.70
N MET A 78 -9.74 2.91 -6.65
CA MET A 78 -10.01 4.33 -6.46
C MET A 78 -9.22 4.89 -5.28
N LEU A 79 -8.00 4.40 -5.12
CA LEU A 79 -7.13 4.87 -4.05
C LEU A 79 -6.47 6.17 -4.45
N ARG A 80 -6.33 7.09 -3.50
CA ARG A 80 -5.76 8.40 -3.78
C ARG A 80 -4.86 8.83 -2.63
N ASN A 81 -4.37 10.06 -2.71
CA ASN A 81 -3.55 10.62 -1.64
C ASN A 81 -4.42 10.89 -0.41
N GLY A 82 -4.07 10.24 0.69
CA GLY A 82 -4.83 10.39 1.91
C GLY A 82 -5.51 9.11 2.34
N ASP A 83 -5.52 8.11 1.45
CA ASP A 83 -6.10 6.82 1.78
C ASP A 83 -5.19 6.04 2.71
N THR A 84 -5.75 5.06 3.40
CA THR A 84 -4.99 4.28 4.35
C THR A 84 -5.07 2.78 4.02
N MET A 85 -3.91 2.13 3.99
CA MET A 85 -3.85 0.69 3.82
C MET A 85 -2.90 0.11 4.85
N GLU A 86 -3.07 -1.16 5.17
CA GLU A 86 -2.21 -1.82 6.11
C GLU A 86 -1.33 -2.85 5.41
N TYR A 87 -0.05 -2.56 5.33
CA TYR A 87 0.92 -3.54 4.85
C TYR A 87 1.19 -4.54 5.96
N ARG A 88 0.62 -5.72 5.81
CA ARG A 88 0.71 -6.75 6.83
C ARG A 88 0.84 -8.12 6.20
N LYS A 89 1.31 -9.08 6.97
CA LYS A 89 1.47 -10.44 6.48
C LYS A 89 0.12 -11.12 6.36
N LYS A 90 -0.19 -11.62 5.17
CA LYS A 90 -1.47 -12.27 4.95
C LYS A 90 -1.51 -13.60 5.72
N GLN A 91 -2.60 -13.82 6.44
CA GLN A 91 -2.73 -15.01 7.26
C GLN A 91 -3.49 -16.09 6.50
N GLY A 1 4.59 25.74 0.69
CA GLY A 1 4.22 26.61 -0.46
C GLY A 1 3.53 25.83 -1.56
N ILE A 2 4.27 25.56 -2.63
CA ILE A 2 3.75 24.79 -3.74
C ILE A 2 4.16 23.33 -3.58
N ASP A 3 3.17 22.45 -3.45
CA ASP A 3 3.42 21.02 -3.33
C ASP A 3 3.39 20.36 -4.71
N PRO A 4 4.56 19.94 -5.20
CA PRO A 4 4.68 19.29 -6.50
C PRO A 4 4.51 17.76 -6.42
N PHE A 5 4.96 17.18 -5.31
CA PHE A 5 4.95 15.73 -5.11
C PHE A 5 5.84 15.02 -6.14
N THR A 6 5.87 13.69 -6.10
CA THR A 6 6.67 12.92 -7.03
C THR A 6 5.79 12.42 -8.17
N MET A 7 5.67 13.24 -9.22
CA MET A 7 4.83 12.92 -10.37
C MET A 7 3.37 12.80 -9.94
N VAL A 8 2.51 12.24 -10.78
CA VAL A 8 1.14 12.00 -10.38
C VAL A 8 1.05 10.68 -9.62
N ALA A 9 1.06 10.78 -8.30
CA ALA A 9 1.04 9.61 -7.45
C ALA A 9 0.06 9.78 -6.30
N LEU A 10 -0.51 8.67 -5.87
CA LEU A 10 -1.47 8.67 -4.80
C LEU A 10 -0.76 8.61 -3.45
N SER A 11 -0.84 9.69 -2.70
CA SER A 11 -0.20 9.76 -1.39
C SER A 11 -1.08 9.07 -0.34
N LEU A 12 -0.70 7.87 0.04
CA LEU A 12 -1.46 7.13 1.04
C LEU A 12 -0.60 6.79 2.24
N LYS A 13 -1.26 6.46 3.33
CA LYS A 13 -0.59 6.09 4.55
C LYS A 13 -0.56 4.58 4.68
N ILE A 14 0.63 4.01 4.65
CA ILE A 14 0.79 2.57 4.70
C ILE A 14 1.22 2.13 6.09
N SER A 15 0.32 1.44 6.78
CA SER A 15 0.59 1.01 8.14
C SER A 15 1.10 -0.42 8.15
N ILE A 16 2.39 -0.58 8.43
CA ILE A 16 2.99 -1.90 8.59
C ILE A 16 2.60 -2.45 9.95
N GLY A 17 1.56 -3.25 9.97
CA GLY A 17 1.02 -3.76 11.22
C GLY A 17 0.27 -2.67 11.97
N ASN A 18 1.00 -1.77 12.60
CA ASN A 18 0.42 -0.62 13.28
C ASN A 18 1.33 0.59 13.17
N VAL A 19 2.39 0.45 12.38
CA VAL A 19 3.36 1.53 12.19
C VAL A 19 3.23 2.08 10.77
N VAL A 20 2.74 3.30 10.65
CA VAL A 20 2.32 3.84 9.36
C VAL A 20 3.34 4.80 8.74
N LYS A 21 3.60 4.61 7.47
CA LYS A 21 4.47 5.50 6.69
C LYS A 21 3.68 6.12 5.54
N THR A 22 3.97 7.38 5.22
CA THR A 22 3.27 8.06 4.13
C THR A 22 4.10 7.99 2.85
N MET A 23 3.59 7.28 1.84
CA MET A 23 4.30 7.13 0.59
C MET A 23 3.39 7.44 -0.60
N GLN A 24 4.01 7.69 -1.74
CA GLN A 24 3.26 8.05 -2.95
C GLN A 24 3.29 6.90 -3.95
N PHE A 25 2.14 6.32 -4.21
CA PHE A 25 2.03 5.23 -5.16
C PHE A 25 1.32 5.70 -6.42
N GLU A 26 1.93 5.48 -7.57
CA GLU A 26 1.33 5.88 -8.84
C GLU A 26 0.04 5.09 -9.08
N PRO A 27 -1.00 5.74 -9.62
CA PRO A 27 -2.29 5.09 -9.87
C PRO A 27 -2.18 3.88 -10.79
N SER A 28 -1.20 3.91 -11.69
CA SER A 28 -1.01 2.82 -12.63
C SER A 28 -0.20 1.67 -12.00
N THR A 29 0.26 1.89 -10.78
CA THR A 29 1.01 0.88 -10.05
C THR A 29 0.11 -0.29 -9.65
N MET A 30 0.56 -1.50 -9.93
CA MET A 30 -0.14 -2.69 -9.51
C MET A 30 0.23 -3.04 -8.08
N VAL A 31 -0.63 -3.79 -7.41
CA VAL A 31 -0.46 -4.06 -5.99
C VAL A 31 0.81 -4.85 -5.69
N TYR A 32 1.17 -5.81 -6.53
CA TYR A 32 2.40 -6.58 -6.33
C TYR A 32 3.61 -5.67 -6.44
N ASP A 33 3.45 -4.60 -7.20
CA ASP A 33 4.52 -3.63 -7.41
C ASP A 33 4.62 -2.73 -6.19
N ALA A 34 3.46 -2.33 -5.69
CA ALA A 34 3.38 -1.49 -4.50
C ALA A 34 3.88 -2.23 -3.25
N CYS A 35 3.59 -3.54 -3.18
CA CYS A 35 4.07 -4.36 -2.09
C CYS A 35 5.59 -4.42 -2.09
N ARG A 36 6.18 -4.37 -3.28
CA ARG A 36 7.63 -4.33 -3.43
C ARG A 36 8.15 -3.01 -2.92
N MET A 37 7.45 -1.92 -3.25
CA MET A 37 7.88 -0.58 -2.87
C MET A 37 8.13 -0.46 -1.38
N ILE A 38 7.19 -0.98 -0.59
CA ILE A 38 7.33 -0.92 0.86
C ILE A 38 8.55 -1.68 1.34
N ARG A 39 8.75 -2.89 0.81
CA ARG A 39 9.84 -3.74 1.29
C ARG A 39 11.21 -3.23 0.81
N GLU A 40 11.24 -2.58 -0.35
CA GLU A 40 12.49 -2.05 -0.89
C GLU A 40 12.88 -0.75 -0.22
N ARG A 41 11.88 0.07 0.11
CA ARG A 41 12.13 1.38 0.70
C ARG A 41 12.23 1.28 2.21
N ILE A 42 11.37 0.48 2.80
CA ILE A 42 11.31 0.34 4.24
C ILE A 42 11.69 -1.07 4.65
N PRO A 43 12.81 -1.23 5.39
CA PRO A 43 13.30 -2.55 5.82
C PRO A 43 12.44 -3.09 6.95
N GLU A 44 11.66 -2.19 7.53
CA GLU A 44 10.83 -2.50 8.67
C GLU A 44 9.77 -3.54 8.29
N ALA A 45 9.31 -3.48 7.05
CA ALA A 45 8.30 -4.40 6.56
C ALA A 45 8.89 -5.76 6.17
N LEU A 46 10.21 -5.83 6.13
CA LEU A 46 10.90 -7.06 5.74
C LEU A 46 10.86 -8.09 6.86
N ALA A 47 9.81 -8.91 6.85
CA ALA A 47 9.65 -9.97 7.82
C ALA A 47 9.06 -11.21 7.15
N GLY A 48 9.15 -11.25 5.83
CA GLY A 48 8.57 -12.34 5.07
C GLY A 48 8.34 -11.95 3.62
N PRO A 49 7.82 -12.87 2.80
CA PRO A 49 7.59 -12.63 1.38
C PRO A 49 6.31 -11.86 1.12
N PRO A 50 6.31 -11.07 0.04
CA PRO A 50 5.26 -10.11 -0.23
C PRO A 50 3.93 -10.78 -0.60
N ASN A 51 3.99 -12.07 -0.91
CA ASN A 51 2.79 -12.81 -1.28
C ASN A 51 2.12 -13.40 -0.04
N ASP A 52 2.86 -13.45 1.06
CA ASP A 52 2.30 -13.90 2.32
C ASP A 52 1.88 -12.69 3.14
N PHE A 53 2.46 -11.56 2.80
CA PHE A 53 2.00 -10.27 3.27
C PHE A 53 1.01 -9.71 2.25
N GLY A 54 0.57 -8.48 2.44
CA GLY A 54 -0.32 -7.88 1.47
C GLY A 54 -0.72 -6.48 1.85
N LEU A 55 -1.43 -5.82 0.95
CA LEU A 55 -1.93 -4.48 1.18
C LEU A 55 -3.41 -4.56 1.56
N PHE A 56 -3.73 -4.13 2.76
CA PHE A 56 -5.11 -4.16 3.24
C PHE A 56 -5.71 -2.76 3.22
N LEU A 57 -6.76 -2.60 2.44
CA LEU A 57 -7.46 -1.32 2.36
C LEU A 57 -8.25 -1.11 3.64
N SER A 58 -7.91 -0.06 4.38
CA SER A 58 -8.55 0.20 5.66
C SER A 58 -9.87 0.93 5.50
N ASP A 59 -10.85 0.52 6.26
CA ASP A 59 -12.17 1.12 6.23
C ASP A 59 -12.73 1.21 7.65
N ASP A 60 -13.84 1.92 7.82
CA ASP A 60 -14.49 2.03 9.12
C ASP A 60 -15.04 0.67 9.54
N ASP A 61 -15.32 -0.17 8.56
CA ASP A 61 -15.86 -1.50 8.81
C ASP A 61 -14.92 -2.57 8.27
N PRO A 62 -14.57 -3.56 9.11
CA PRO A 62 -13.60 -4.60 8.75
C PRO A 62 -14.08 -5.55 7.65
N LYS A 63 -15.38 -5.51 7.36
CA LYS A 63 -15.93 -6.37 6.32
C LYS A 63 -15.85 -5.66 4.97
N LYS A 64 -15.79 -4.32 5.01
CA LYS A 64 -15.62 -3.55 3.79
C LYS A 64 -14.14 -3.37 3.48
N GLY A 65 -13.31 -3.51 4.50
CA GLY A 65 -11.88 -3.51 4.31
C GLY A 65 -11.44 -4.73 3.53
N ILE A 66 -10.71 -4.52 2.45
CA ILE A 66 -10.37 -5.61 1.54
C ILE A 66 -8.88 -5.70 1.27
N TRP A 67 -8.42 -6.89 0.93
CA TRP A 67 -7.04 -7.11 0.55
C TRP A 67 -6.84 -6.83 -0.93
N LEU A 68 -5.96 -5.91 -1.25
CA LEU A 68 -5.67 -5.58 -2.63
C LEU A 68 -4.87 -6.71 -3.28
N GLU A 69 -5.43 -7.28 -4.34
CA GLU A 69 -4.80 -8.40 -5.04
C GLU A 69 -3.56 -7.93 -5.79
N ALA A 70 -2.50 -8.74 -5.71
CA ALA A 70 -1.21 -8.40 -6.31
C ALA A 70 -1.33 -8.09 -7.81
N GLY A 71 -2.19 -8.82 -8.50
CA GLY A 71 -2.33 -8.64 -9.93
C GLY A 71 -3.28 -7.51 -10.29
N LYS A 72 -3.81 -6.83 -9.28
CA LYS A 72 -4.71 -5.71 -9.50
C LYS A 72 -3.94 -4.40 -9.43
N ALA A 73 -4.53 -3.33 -9.93
CA ALA A 73 -3.90 -2.02 -9.89
C ALA A 73 -4.51 -1.16 -8.79
N LEU A 74 -3.74 -0.19 -8.32
CA LEU A 74 -4.21 0.74 -7.28
C LEU A 74 -5.42 1.53 -7.77
N ASP A 75 -5.33 2.02 -9.00
CA ASP A 75 -6.42 2.78 -9.63
C ASP A 75 -7.73 2.03 -9.55
N TYR A 76 -7.65 0.72 -9.77
CA TYR A 76 -8.83 -0.14 -9.76
C TYR A 76 -9.56 -0.07 -8.42
N TYR A 77 -8.80 0.05 -7.36
CA TYR A 77 -9.35 0.05 -6.01
C TYR A 77 -9.78 1.44 -5.59
N MET A 78 -9.46 2.43 -6.42
CA MET A 78 -9.83 3.83 -6.17
C MET A 78 -9.23 4.35 -4.87
N LEU A 79 -8.02 4.89 -4.96
CA LEU A 79 -7.33 5.40 -3.78
C LEU A 79 -7.26 6.91 -3.83
N ARG A 80 -7.14 7.52 -2.65
CA ARG A 80 -7.10 8.97 -2.55
C ARG A 80 -6.00 9.39 -1.58
N ASN A 81 -5.47 10.60 -1.77
CA ASN A 81 -4.43 11.10 -0.90
C ASN A 81 -4.96 11.23 0.53
N GLY A 82 -4.27 10.60 1.47
CA GLY A 82 -4.71 10.64 2.85
C GLY A 82 -5.32 9.32 3.30
N ASP A 83 -5.61 8.45 2.34
CA ASP A 83 -6.23 7.17 2.62
C ASP A 83 -5.22 6.22 3.25
N THR A 84 -5.73 5.18 3.86
CA THR A 84 -4.89 4.29 4.66
C THR A 84 -4.93 2.85 4.15
N MET A 85 -3.75 2.33 3.82
CA MET A 85 -3.58 0.94 3.46
C MET A 85 -2.60 0.28 4.41
N GLU A 86 -2.96 -0.87 4.94
CA GLU A 86 -2.09 -1.56 5.87
C GLU A 86 -1.24 -2.59 5.14
N TYR A 87 0.06 -2.34 5.06
CA TYR A 87 0.98 -3.35 4.58
C TYR A 87 1.27 -4.28 5.74
N ARG A 88 0.65 -5.45 5.70
CA ARG A 88 0.68 -6.36 6.82
C ARG A 88 0.65 -7.79 6.33
N LYS A 89 0.95 -8.73 7.22
CA LYS A 89 0.93 -10.12 6.87
C LYS A 89 -0.52 -10.58 6.73
N LYS A 90 -0.80 -11.40 5.73
CA LYS A 90 -2.17 -11.84 5.46
C LYS A 90 -2.76 -12.60 6.63
N GLN A 91 -3.70 -11.95 7.32
CA GLN A 91 -4.43 -12.54 8.43
C GLN A 91 -3.49 -13.02 9.53
N GLY A 1 -1.30 27.22 -0.80
CA GLY A 1 0.10 26.84 -1.10
C GLY A 1 0.31 25.34 -1.08
N ILE A 2 0.09 24.70 -2.22
CA ILE A 2 0.25 23.26 -2.33
C ILE A 2 1.29 22.93 -3.40
N ASP A 3 2.28 22.13 -3.04
CA ASP A 3 3.30 21.70 -3.99
C ASP A 3 2.89 20.39 -4.64
N PRO A 4 3.23 20.20 -5.92
CA PRO A 4 2.87 18.99 -6.66
C PRO A 4 3.51 17.73 -6.08
N PHE A 5 2.91 16.59 -6.37
CA PHE A 5 3.35 15.33 -5.82
C PHE A 5 4.20 14.59 -6.85
N THR A 6 4.51 15.29 -7.93
CA THR A 6 5.21 14.71 -9.08
C THR A 6 4.30 13.71 -9.78
N MET A 7 3.61 14.18 -10.82
CA MET A 7 2.59 13.40 -11.52
C MET A 7 1.37 13.20 -10.62
N VAL A 8 0.35 12.53 -11.14
CA VAL A 8 -0.78 12.14 -10.32
C VAL A 8 -0.37 10.97 -9.42
N ALA A 9 0.03 11.30 -8.21
CA ALA A 9 0.52 10.29 -7.29
C ALA A 9 -0.48 10.01 -6.17
N LEU A 10 -0.52 8.78 -5.73
CA LEU A 10 -1.43 8.35 -4.70
C LEU A 10 -0.71 8.26 -3.36
N SER A 11 -0.94 9.24 -2.51
CA SER A 11 -0.32 9.26 -1.19
C SER A 11 -1.20 8.50 -0.20
N LEU A 12 -0.74 7.33 0.21
CA LEU A 12 -1.50 6.55 1.17
C LEU A 12 -0.69 6.31 2.43
N LYS A 13 -1.41 6.07 3.51
CA LYS A 13 -0.82 5.76 4.79
C LYS A 13 -0.67 4.25 4.92
N ILE A 14 0.56 3.77 4.86
CA ILE A 14 0.82 2.35 4.99
C ILE A 14 1.01 1.97 6.45
N SER A 15 0.05 1.24 6.99
CA SER A 15 0.09 0.85 8.38
C SER A 15 0.81 -0.49 8.53
N ILE A 16 2.06 -0.43 8.96
CA ILE A 16 2.84 -1.63 9.23
C ILE A 16 2.92 -1.84 10.73
N GLY A 17 2.07 -2.72 11.24
CA GLY A 17 1.98 -2.94 12.67
C GLY A 17 1.26 -1.80 13.34
N ASN A 18 2.01 -0.97 14.07
CA ASN A 18 1.44 0.21 14.71
C ASN A 18 2.07 1.47 14.15
N VAL A 19 2.95 1.30 13.17
CA VAL A 19 3.66 2.41 12.56
C VAL A 19 3.07 2.73 11.20
N VAL A 20 2.73 3.99 10.99
CA VAL A 20 2.10 4.42 9.76
C VAL A 20 3.09 5.15 8.86
N LYS A 21 3.27 4.64 7.66
CA LYS A 21 4.21 5.22 6.69
C LYS A 21 3.48 5.97 5.59
N THR A 22 3.74 7.26 5.50
CA THR A 22 3.17 8.08 4.45
C THR A 22 4.02 7.99 3.18
N MET A 23 3.50 7.35 2.15
CA MET A 23 4.27 7.16 0.92
C MET A 23 3.48 7.50 -0.32
N GLN A 24 4.21 7.76 -1.40
CA GLN A 24 3.62 8.09 -2.69
C GLN A 24 3.67 6.90 -3.63
N PHE A 25 2.53 6.54 -4.18
CA PHE A 25 2.43 5.47 -5.16
C PHE A 25 1.95 6.04 -6.49
N GLU A 26 2.08 5.26 -7.55
CA GLU A 26 1.57 5.65 -8.85
C GLU A 26 0.25 4.92 -9.14
N PRO A 27 -0.65 5.53 -9.92
CA PRO A 27 -1.95 4.95 -10.23
C PRO A 27 -1.86 3.70 -11.10
N SER A 28 -0.92 3.72 -12.04
CA SER A 28 -0.74 2.62 -12.97
C SER A 28 -0.05 1.44 -12.29
N THR A 29 0.43 1.67 -11.08
CA THR A 29 1.11 0.64 -10.31
C THR A 29 0.14 -0.46 -9.88
N MET A 30 0.55 -1.70 -10.10
CA MET A 30 -0.23 -2.85 -9.68
C MET A 30 0.03 -3.12 -8.21
N VAL A 31 -0.93 -3.76 -7.55
CA VAL A 31 -0.87 -3.97 -6.10
C VAL A 31 0.39 -4.74 -5.68
N TYR A 32 0.75 -5.79 -6.41
CA TYR A 32 1.93 -6.58 -6.06
C TYR A 32 3.18 -5.72 -6.14
N ASP A 33 3.17 -4.77 -7.06
CA ASP A 33 4.31 -3.90 -7.28
C ASP A 33 4.34 -2.80 -6.24
N ALA A 34 3.16 -2.39 -5.80
CA ALA A 34 3.05 -1.42 -4.71
C ALA A 34 3.56 -2.03 -3.41
N CYS A 35 3.28 -3.31 -3.20
CA CYS A 35 3.81 -4.04 -2.06
C CYS A 35 5.33 -4.09 -2.13
N ARG A 36 5.84 -4.19 -3.35
CA ARG A 36 7.28 -4.23 -3.58
C ARG A 36 7.91 -2.87 -3.28
N MET A 37 7.16 -1.80 -3.52
CA MET A 37 7.63 -0.44 -3.23
C MET A 37 7.93 -0.29 -1.75
N ILE A 38 7.05 -0.84 -0.91
CA ILE A 38 7.27 -0.83 0.53
C ILE A 38 8.57 -1.56 0.88
N ARG A 39 8.87 -2.61 0.12
CA ARG A 39 10.07 -3.40 0.36
C ARG A 39 11.32 -2.62 -0.06
N GLU A 40 11.16 -1.73 -1.03
CA GLU A 40 12.27 -0.89 -1.46
C GLU A 40 12.59 0.17 -0.42
N ARG A 41 11.56 0.84 0.07
CA ARG A 41 11.73 1.98 0.97
C ARG A 41 11.86 1.55 2.41
N ILE A 42 11.30 0.40 2.74
CA ILE A 42 11.30 -0.09 4.11
C ILE A 42 11.85 -1.51 4.16
N PRO A 43 12.87 -1.76 4.99
CA PRO A 43 13.51 -3.07 5.08
C PRO A 43 12.63 -4.07 5.81
N GLU A 44 11.74 -3.53 6.64
CA GLU A 44 10.89 -4.34 7.48
C GLU A 44 9.96 -5.20 6.64
N ALA A 45 9.62 -4.68 5.47
CA ALA A 45 8.75 -5.39 4.54
C ALA A 45 9.38 -6.68 4.02
N LEU A 46 10.70 -6.75 4.11
CA LEU A 46 11.45 -7.90 3.61
C LEU A 46 11.56 -8.98 4.67
N ALA A 47 10.63 -8.97 5.62
CA ALA A 47 10.65 -9.93 6.72
C ALA A 47 10.17 -11.30 6.28
N GLY A 48 9.48 -11.37 5.15
CA GLY A 48 8.94 -12.64 4.70
C GLY A 48 8.72 -12.68 3.19
N PRO A 49 8.21 -13.82 2.68
CA PRO A 49 7.98 -14.01 1.25
C PRO A 49 6.95 -13.07 0.68
N PRO A 50 7.07 -12.78 -0.62
CA PRO A 50 6.24 -11.80 -1.27
C PRO A 50 4.76 -12.16 -1.25
N ASN A 51 4.45 -13.44 -1.46
CA ASN A 51 3.07 -13.91 -1.51
C ASN A 51 2.55 -14.23 -0.11
N ASP A 52 3.30 -13.84 0.89
CA ASP A 52 2.92 -14.07 2.28
C ASP A 52 2.41 -12.77 2.91
N PHE A 53 2.80 -11.66 2.30
CA PHE A 53 2.36 -10.33 2.73
C PHE A 53 1.38 -9.76 1.71
N GLY A 54 0.86 -8.58 1.97
CA GLY A 54 -0.04 -7.95 1.03
C GLY A 54 -0.55 -6.60 1.50
N LEU A 55 -1.29 -5.92 0.64
CA LEU A 55 -1.88 -4.64 0.99
C LEU A 55 -3.33 -4.83 1.44
N PHE A 56 -3.64 -4.28 2.59
CA PHE A 56 -4.97 -4.39 3.16
C PHE A 56 -5.61 -3.01 3.23
N LEU A 57 -6.62 -2.78 2.39
CA LEU A 57 -7.31 -1.51 2.37
C LEU A 57 -8.05 -1.32 3.69
N SER A 58 -7.62 -0.33 4.46
CA SER A 58 -8.16 -0.13 5.80
C SER A 58 -9.46 0.67 5.76
N ASP A 59 -10.39 0.29 6.61
CA ASP A 59 -11.66 0.98 6.73
C ASP A 59 -11.99 1.11 8.22
N ASP A 60 -13.17 1.59 8.54
CA ASP A 60 -13.60 1.70 9.92
C ASP A 60 -14.30 0.42 10.33
N ASP A 61 -14.86 -0.26 9.35
CA ASP A 61 -15.50 -1.55 9.57
C ASP A 61 -14.52 -2.65 9.17
N PRO A 62 -14.15 -3.52 10.12
CA PRO A 62 -13.08 -4.51 9.95
C PRO A 62 -13.29 -5.44 8.75
N LYS A 63 -14.54 -5.81 8.50
CA LYS A 63 -14.84 -6.75 7.42
C LYS A 63 -15.04 -6.01 6.09
N LYS A 64 -15.02 -4.69 6.13
CA LYS A 64 -15.13 -3.88 4.92
C LYS A 64 -13.75 -3.67 4.30
N GLY A 65 -12.72 -3.81 5.13
CA GLY A 65 -11.36 -3.73 4.63
C GLY A 65 -11.03 -4.92 3.76
N ILE A 66 -10.43 -4.68 2.61
CA ILE A 66 -10.19 -5.75 1.64
C ILE A 66 -8.72 -5.88 1.29
N TRP A 67 -8.30 -7.10 1.03
CA TRP A 67 -6.95 -7.37 0.55
C TRP A 67 -6.90 -7.16 -0.95
N LEU A 68 -6.08 -6.23 -1.39
CA LEU A 68 -6.00 -5.87 -2.80
C LEU A 68 -5.34 -6.98 -3.61
N GLU A 69 -5.93 -7.29 -4.76
CA GLU A 69 -5.40 -8.34 -5.64
C GLU A 69 -4.12 -7.88 -6.32
N ALA A 70 -3.14 -8.77 -6.37
CA ALA A 70 -1.84 -8.48 -6.98
C ALA A 70 -2.00 -8.13 -8.46
N GLY A 71 -2.96 -8.77 -9.11
CA GLY A 71 -3.17 -8.56 -10.53
C GLY A 71 -4.00 -7.32 -10.84
N LYS A 72 -4.29 -6.53 -9.82
CA LYS A 72 -5.04 -5.30 -10.01
C LYS A 72 -4.14 -4.10 -9.75
N ALA A 73 -4.52 -2.95 -10.27
CA ALA A 73 -3.75 -1.73 -10.07
C ALA A 73 -4.32 -0.91 -8.92
N LEU A 74 -3.53 0.06 -8.45
CA LEU A 74 -3.95 0.93 -7.36
C LEU A 74 -5.09 1.85 -7.79
N ASP A 75 -5.05 2.30 -9.04
CA ASP A 75 -6.09 3.16 -9.59
C ASP A 75 -7.39 2.38 -9.78
N TYR A 76 -7.26 1.07 -9.92
CA TYR A 76 -8.41 0.19 -10.05
C TYR A 76 -9.28 0.27 -8.79
N TYR A 77 -8.61 0.30 -7.66
CA TYR A 77 -9.28 0.39 -6.37
C TYR A 77 -9.58 1.84 -6.03
N MET A 78 -9.11 2.74 -6.90
CA MET A 78 -9.31 4.18 -6.75
C MET A 78 -8.83 4.66 -5.38
N LEU A 79 -7.54 4.52 -5.13
CA LEU A 79 -6.95 4.98 -3.90
C LEU A 79 -6.71 6.49 -3.96
N ARG A 80 -6.92 7.16 -2.84
CA ARG A 80 -6.85 8.61 -2.80
C ARG A 80 -5.68 9.07 -1.94
N ASN A 81 -5.34 10.35 -2.04
CA ASN A 81 -4.33 10.93 -1.17
C ASN A 81 -4.90 11.07 0.23
N GLY A 82 -4.36 10.28 1.15
CA GLY A 82 -4.85 10.32 2.51
C GLY A 82 -5.46 9.00 2.97
N ASP A 83 -5.67 8.08 2.03
CA ASP A 83 -6.23 6.76 2.37
C ASP A 83 -5.22 5.94 3.15
N THR A 84 -5.70 4.92 3.86
CA THR A 84 -4.84 4.07 4.65
C THR A 84 -4.92 2.62 4.20
N MET A 85 -3.76 1.98 4.07
CA MET A 85 -3.69 0.56 3.77
C MET A 85 -2.66 -0.09 4.68
N GLU A 86 -3.00 -1.26 5.20
CA GLU A 86 -2.07 -1.99 6.04
C GLU A 86 -1.25 -2.94 5.21
N TYR A 87 0.00 -2.60 4.95
CA TYR A 87 0.90 -3.57 4.35
C TYR A 87 1.40 -4.47 5.46
N ARG A 88 0.88 -5.67 5.50
CA ARG A 88 1.13 -6.57 6.62
C ARG A 88 1.18 -8.01 6.15
N LYS A 89 1.58 -8.89 7.05
CA LYS A 89 1.61 -10.31 6.77
C LYS A 89 0.17 -10.84 6.75
N LYS A 90 -0.19 -11.53 5.69
CA LYS A 90 -1.57 -12.00 5.54
C LYS A 90 -1.88 -13.12 6.52
N GLN A 91 -2.90 -12.93 7.34
CA GLN A 91 -3.35 -13.96 8.26
C GLN A 91 -4.22 -14.97 7.53
N GLY A 1 15.35 6.23 -4.64
CA GLY A 1 15.62 7.68 -4.43
C GLY A 1 14.50 8.35 -3.68
N ILE A 2 13.66 9.08 -4.39
CA ILE A 2 12.51 9.73 -3.80
C ILE A 2 11.23 9.02 -4.25
N ASP A 3 10.20 9.05 -3.40
CA ASP A 3 8.92 8.43 -3.71
C ASP A 3 8.38 8.95 -5.04
N PRO A 4 7.74 8.07 -5.83
CA PRO A 4 7.17 8.41 -7.14
C PRO A 4 6.38 9.71 -7.12
N PHE A 5 6.96 10.77 -7.66
CA PHE A 5 6.32 12.07 -7.68
C PHE A 5 5.67 12.29 -9.04
N THR A 6 4.49 11.72 -9.21
CA THR A 6 3.71 11.91 -10.42
C THR A 6 2.84 13.15 -10.26
N MET A 7 2.41 13.74 -11.38
CA MET A 7 1.55 14.91 -11.33
C MET A 7 0.16 14.51 -10.86
N VAL A 8 -0.03 13.22 -10.67
CA VAL A 8 -1.24 12.65 -10.14
C VAL A 8 -0.89 11.45 -9.26
N ALA A 9 0.14 11.65 -8.46
CA ALA A 9 0.66 10.61 -7.58
C ALA A 9 -0.27 10.38 -6.41
N LEU A 10 -0.38 9.13 -5.99
CA LEU A 10 -1.28 8.77 -4.90
C LEU A 10 -0.50 8.64 -3.60
N SER A 11 -0.75 9.56 -2.68
CA SER A 11 -0.07 9.54 -1.39
C SER A 11 -0.91 8.83 -0.34
N LEU A 12 -0.53 7.60 0.00
CA LEU A 12 -1.31 6.82 0.94
C LEU A 12 -0.57 6.60 2.26
N LYS A 13 -1.35 6.29 3.28
CA LYS A 13 -0.83 5.97 4.60
C LYS A 13 -0.72 4.46 4.74
N ILE A 14 0.49 3.94 4.74
CA ILE A 14 0.70 2.51 4.83
C ILE A 14 1.02 2.11 6.27
N SER A 15 0.08 1.42 6.90
CA SER A 15 0.25 0.98 8.27
C SER A 15 0.80 -0.45 8.30
N ILE A 16 2.08 -0.57 8.53
CA ILE A 16 2.72 -1.87 8.67
C ILE A 16 2.57 -2.36 10.10
N GLY A 17 1.51 -3.12 10.35
CA GLY A 17 1.23 -3.59 11.69
C GLY A 17 0.87 -2.46 12.63
N ASN A 18 1.88 -1.87 13.25
CA ASN A 18 1.68 -0.80 14.23
C ASN A 18 2.36 0.48 13.77
N VAL A 19 3.02 0.44 12.63
CA VAL A 19 3.79 1.58 12.15
C VAL A 19 3.19 2.16 10.87
N VAL A 20 2.77 3.42 10.94
CA VAL A 20 2.17 4.08 9.80
C VAL A 20 3.22 4.90 9.05
N LYS A 21 3.41 4.58 7.77
CA LYS A 21 4.34 5.29 6.92
C LYS A 21 3.61 5.94 5.75
N THR A 22 4.04 7.11 5.35
CA THR A 22 3.42 7.80 4.23
C THR A 22 4.30 7.70 2.99
N MET A 23 3.75 7.18 1.91
CA MET A 23 4.50 7.02 0.67
C MET A 23 3.66 7.43 -0.53
N GLN A 24 4.33 7.78 -1.61
CA GLN A 24 3.67 8.16 -2.84
C GLN A 24 3.74 7.03 -3.86
N PHE A 25 2.58 6.65 -4.38
CA PHE A 25 2.50 5.63 -5.41
C PHE A 25 1.92 6.24 -6.68
N GLU A 26 1.76 5.42 -7.71
CA GLU A 26 1.10 5.85 -8.93
C GLU A 26 -0.22 5.10 -9.08
N PRO A 27 -1.23 5.73 -9.67
CA PRO A 27 -2.50 5.06 -9.96
C PRO A 27 -2.29 3.83 -10.85
N SER A 28 -1.30 3.93 -11.73
CA SER A 28 -0.97 2.86 -12.66
C SER A 28 -0.22 1.72 -11.97
N THR A 29 0.28 1.99 -10.77
CA THR A 29 1.06 1.00 -10.03
C THR A 29 0.20 -0.20 -9.65
N MET A 30 0.71 -1.38 -9.95
CA MET A 30 0.04 -2.62 -9.60
C MET A 30 0.28 -2.93 -8.12
N VAL A 31 -0.59 -3.72 -7.53
CA VAL A 31 -0.48 -4.02 -6.10
C VAL A 31 0.80 -4.80 -5.79
N TYR A 32 1.16 -5.75 -6.65
CA TYR A 32 2.40 -6.50 -6.45
C TYR A 32 3.60 -5.57 -6.54
N ASP A 33 3.42 -4.49 -7.29
CA ASP A 33 4.48 -3.52 -7.51
C ASP A 33 4.58 -2.56 -6.33
N ALA A 34 3.42 -2.06 -5.90
CA ALA A 34 3.34 -1.18 -4.74
C ALA A 34 3.80 -1.89 -3.48
N CYS A 35 3.47 -3.17 -3.39
CA CYS A 35 3.90 -4.00 -2.26
C CYS A 35 5.42 -4.11 -2.24
N ARG A 36 6.03 -4.13 -3.42
CA ARG A 36 7.47 -4.19 -3.53
C ARG A 36 8.07 -2.87 -3.05
N MET A 37 7.41 -1.77 -3.38
CA MET A 37 7.87 -0.44 -2.98
C MET A 37 7.99 -0.34 -1.47
N ILE A 38 7.02 -0.91 -0.75
CA ILE A 38 7.06 -0.92 0.70
C ILE A 38 8.27 -1.70 1.20
N ARG A 39 8.55 -2.82 0.53
CA ARG A 39 9.68 -3.67 0.91
C ARG A 39 11.03 -2.97 0.65
N GLU A 40 11.09 -2.22 -0.44
CA GLU A 40 12.33 -1.56 -0.84
C GLU A 40 12.57 -0.29 -0.04
N ARG A 41 11.50 0.39 0.31
CA ARG A 41 11.60 1.65 1.05
C ARG A 41 11.68 1.41 2.54
N ILE A 42 10.86 0.50 3.05
CA ILE A 42 10.75 0.28 4.47
C ILE A 42 11.25 -1.12 4.83
N PRO A 43 12.28 -1.21 5.69
CA PRO A 43 12.84 -2.50 6.12
C PRO A 43 11.93 -3.15 7.14
N GLU A 44 11.11 -2.32 7.77
CA GLU A 44 10.25 -2.76 8.84
C GLU A 44 9.18 -3.72 8.32
N ALA A 45 8.82 -3.54 7.05
CA ALA A 45 7.84 -4.41 6.40
C ALA A 45 8.42 -5.78 6.11
N LEU A 46 9.74 -5.87 6.14
CA LEU A 46 10.43 -7.12 5.84
C LEU A 46 10.46 -8.01 7.08
N ALA A 47 9.49 -8.90 7.15
CA ALA A 47 9.41 -9.88 8.23
C ALA A 47 8.99 -11.23 7.67
N GLY A 48 9.17 -11.39 6.37
CA GLY A 48 8.76 -12.61 5.70
C GLY A 48 8.57 -12.39 4.22
N PRO A 49 8.13 -13.41 3.48
CA PRO A 49 7.91 -13.32 2.03
C PRO A 49 6.78 -12.38 1.67
N PRO A 50 6.88 -11.77 0.49
CA PRO A 50 5.99 -10.70 0.10
C PRO A 50 4.55 -11.16 -0.10
N ASN A 51 4.37 -12.47 -0.30
CA ASN A 51 3.05 -13.04 -0.54
C ASN A 51 2.41 -13.45 0.79
N ASP A 52 3.20 -13.45 1.86
CA ASP A 52 2.69 -13.78 3.18
C ASP A 52 1.95 -12.58 3.73
N PHE A 53 2.47 -11.40 3.41
CA PHE A 53 1.85 -10.14 3.76
C PHE A 53 1.10 -9.61 2.54
N GLY A 54 0.47 -8.46 2.68
CA GLY A 54 -0.21 -7.85 1.57
C GLY A 54 -0.74 -6.48 1.90
N LEU A 55 -1.34 -5.82 0.92
CA LEU A 55 -1.91 -4.51 1.13
C LEU A 55 -3.39 -4.63 1.48
N PHE A 56 -3.76 -4.01 2.58
CA PHE A 56 -5.12 -4.05 3.06
C PHE A 56 -5.71 -2.65 3.02
N LEU A 57 -6.68 -2.44 2.14
CA LEU A 57 -7.33 -1.15 2.03
C LEU A 57 -8.21 -0.92 3.25
N SER A 58 -7.71 -0.11 4.17
CA SER A 58 -8.42 0.14 5.41
C SER A 58 -9.69 0.95 5.18
N ASP A 59 -10.67 0.67 5.98
CA ASP A 59 -11.94 1.34 5.90
C ASP A 59 -12.32 1.90 7.28
N ASP A 60 -13.57 2.31 7.44
CA ASP A 60 -14.03 2.87 8.72
C ASP A 60 -14.33 1.76 9.73
N ASP A 61 -14.68 0.60 9.22
CA ASP A 61 -14.99 -0.56 10.04
C ASP A 61 -14.23 -1.76 9.51
N PRO A 62 -13.14 -2.18 10.19
CA PRO A 62 -12.08 -3.09 9.68
C PRO A 62 -12.56 -4.40 9.04
N LYS A 63 -13.85 -4.59 8.97
CA LYS A 63 -14.44 -5.79 8.40
C LYS A 63 -14.86 -5.51 6.95
N LYS A 64 -14.92 -4.24 6.60
CA LYS A 64 -15.33 -3.82 5.26
C LYS A 64 -14.12 -3.57 4.39
N GLY A 65 -12.97 -3.38 5.02
CA GLY A 65 -11.72 -3.22 4.30
C GLY A 65 -11.40 -4.45 3.48
N ILE A 66 -10.74 -4.24 2.35
CA ILE A 66 -10.50 -5.31 1.40
C ILE A 66 -9.01 -5.48 1.11
N TRP A 67 -8.62 -6.71 0.82
CA TRP A 67 -7.24 -7.01 0.46
C TRP A 67 -7.01 -6.76 -1.02
N LEU A 68 -5.99 -6.00 -1.33
CA LEU A 68 -5.66 -5.70 -2.71
C LEU A 68 -4.96 -6.89 -3.36
N GLU A 69 -5.48 -7.31 -4.50
CA GLU A 69 -4.88 -8.41 -5.24
C GLU A 69 -3.63 -7.92 -5.95
N ALA A 70 -2.54 -8.66 -5.81
CA ALA A 70 -1.25 -8.30 -6.39
C ALA A 70 -1.37 -8.06 -7.89
N GLY A 71 -2.23 -8.82 -8.55
CA GLY A 71 -2.39 -8.70 -9.99
C GLY A 71 -3.38 -7.61 -10.38
N LYS A 72 -3.78 -6.80 -9.42
CA LYS A 72 -4.65 -5.66 -9.69
C LYS A 72 -3.87 -4.37 -9.49
N ALA A 73 -4.43 -3.25 -9.90
CA ALA A 73 -3.75 -1.96 -9.79
C ALA A 73 -4.30 -1.14 -8.63
N LEU A 74 -3.62 -0.05 -8.30
CA LEU A 74 -4.07 0.84 -7.23
C LEU A 74 -5.32 1.61 -7.65
N ASP A 75 -5.33 2.06 -8.90
CA ASP A 75 -6.49 2.79 -9.45
C ASP A 75 -7.74 1.91 -9.43
N TYR A 76 -7.51 0.61 -9.53
CA TYR A 76 -8.57 -0.39 -9.50
C TYR A 76 -9.44 -0.25 -8.25
N TYR A 77 -8.79 0.08 -7.14
CA TYR A 77 -9.47 0.16 -5.85
C TYR A 77 -9.88 1.60 -5.54
N MET A 78 -9.53 2.52 -6.43
CA MET A 78 -9.92 3.93 -6.33
C MET A 78 -9.40 4.57 -5.04
N LEU A 79 -8.25 4.09 -4.58
CA LEU A 79 -7.61 4.67 -3.40
C LEU A 79 -7.03 6.04 -3.74
N ARG A 80 -6.92 6.92 -2.75
CA ARG A 80 -6.57 8.30 -3.01
C ARG A 80 -5.46 8.80 -2.09
N ASN A 81 -5.14 10.08 -2.25
CA ASN A 81 -4.16 10.74 -1.41
C ASN A 81 -4.77 11.01 -0.05
N GLY A 82 -4.26 10.32 0.96
CA GLY A 82 -4.83 10.41 2.28
C GLY A 82 -5.44 9.09 2.70
N ASP A 83 -5.58 8.18 1.73
CA ASP A 83 -6.15 6.86 1.98
C ASP A 83 -5.22 6.05 2.89
N THR A 84 -5.79 5.13 3.63
CA THR A 84 -5.00 4.29 4.53
C THR A 84 -5.00 2.84 4.06
N MET A 85 -3.82 2.27 3.91
CA MET A 85 -3.68 0.85 3.63
C MET A 85 -2.75 0.21 4.63
N GLU A 86 -3.18 -0.90 5.18
CA GLU A 86 -2.38 -1.61 6.15
C GLU A 86 -1.56 -2.70 5.47
N TYR A 87 -0.27 -2.48 5.39
CA TYR A 87 0.64 -3.53 4.96
C TYR A 87 0.82 -4.50 6.12
N ARG A 88 0.17 -5.65 6.01
CA ARG A 88 0.11 -6.60 7.11
C ARG A 88 0.03 -8.01 6.55
N LYS A 89 0.23 -8.99 7.43
CA LYS A 89 0.14 -10.38 7.06
C LYS A 89 -1.29 -10.69 6.62
N LYS A 90 -1.44 -11.38 5.50
CA LYS A 90 -2.76 -11.72 4.98
C LYS A 90 -3.53 -12.57 5.99
N GLN A 91 -4.66 -12.06 6.44
CA GLN A 91 -5.50 -12.75 7.41
C GLN A 91 -6.77 -13.25 6.73
N GLY A 1 13.73 19.86 0.44
CA GLY A 1 12.54 20.13 1.30
C GLY A 1 11.58 18.97 1.30
N ILE A 2 10.52 19.07 0.51
CA ILE A 2 9.55 17.98 0.40
C ILE A 2 9.96 17.04 -0.71
N ASP A 3 9.58 15.78 -0.58
CA ASP A 3 9.88 14.78 -1.60
C ASP A 3 8.92 14.94 -2.78
N PRO A 4 9.46 15.21 -3.97
CA PRO A 4 8.65 15.41 -5.18
C PRO A 4 7.96 14.14 -5.62
N PHE A 5 6.64 14.14 -5.57
CA PHE A 5 5.85 13.01 -6.02
C PHE A 5 5.71 13.04 -7.54
N THR A 6 5.95 11.91 -8.17
CA THR A 6 5.89 11.80 -9.62
C THR A 6 4.45 11.91 -10.13
N MET A 7 4.18 12.99 -10.90
CA MET A 7 2.88 13.21 -11.50
C MET A 7 1.77 13.22 -10.44
N VAL A 8 0.57 12.82 -10.83
CA VAL A 8 -0.51 12.66 -9.87
C VAL A 8 -0.31 11.35 -9.09
N ALA A 9 0.34 11.46 -7.95
CA ALA A 9 0.72 10.30 -7.17
C ALA A 9 -0.28 10.02 -6.06
N LEU A 10 -0.57 8.74 -5.87
CA LEU A 10 -1.47 8.29 -4.83
C LEU A 10 -0.72 8.18 -3.51
N SER A 11 -0.94 9.14 -2.63
CA SER A 11 -0.26 9.15 -1.34
C SER A 11 -1.15 8.52 -0.27
N LEU A 12 -0.81 7.30 0.10
CA LEU A 12 -1.60 6.57 1.07
C LEU A 12 -0.81 6.31 2.34
N LYS A 13 -1.53 6.19 3.43
CA LYS A 13 -0.94 5.89 4.72
C LYS A 13 -0.78 4.39 4.87
N ILE A 14 0.44 3.90 4.81
CA ILE A 14 0.69 2.48 4.90
C ILE A 14 1.00 2.06 6.33
N SER A 15 0.11 1.28 6.90
CA SER A 15 0.26 0.79 8.25
C SER A 15 1.04 -0.51 8.25
N ILE A 16 2.23 -0.49 8.84
CA ILE A 16 3.01 -1.70 9.02
C ILE A 16 3.06 -2.05 10.50
N GLY A 17 2.20 -2.97 10.90
CA GLY A 17 2.08 -3.30 12.31
C GLY A 17 1.33 -2.23 13.06
N ASN A 18 2.06 -1.28 13.62
CA ASN A 18 1.46 -0.12 14.27
C ASN A 18 2.18 1.15 13.83
N VAL A 19 3.05 1.01 12.85
CA VAL A 19 3.79 2.15 12.32
C VAL A 19 3.23 2.54 10.96
N VAL A 20 2.68 3.73 10.86
CA VAL A 20 2.08 4.19 9.62
C VAL A 20 3.03 5.11 8.88
N LYS A 21 3.37 4.69 7.68
CA LYS A 21 4.26 5.42 6.83
C LYS A 21 3.53 5.92 5.59
N THR A 22 3.62 7.22 5.33
CA THR A 22 3.00 7.80 4.15
C THR A 22 3.82 7.47 2.91
N MET A 23 3.24 6.72 2.00
CA MET A 23 3.93 6.33 0.78
C MET A 23 3.16 6.82 -0.43
N GLN A 24 3.90 7.33 -1.42
CA GLN A 24 3.27 7.87 -2.62
C GLN A 24 3.54 6.95 -3.80
N PHE A 25 2.48 6.32 -4.28
CA PHE A 25 2.59 5.38 -5.39
C PHE A 25 2.03 6.00 -6.66
N GLU A 26 2.13 5.29 -7.78
CA GLU A 26 1.55 5.75 -9.03
C GLU A 26 0.21 5.05 -9.28
N PRO A 27 -0.71 5.72 -9.98
CA PRO A 27 -2.02 5.15 -10.27
C PRO A 27 -1.94 3.89 -11.12
N SER A 28 -0.92 3.83 -11.96
CA SER A 28 -0.74 2.68 -12.85
C SER A 28 0.08 1.58 -12.17
N THR A 29 0.42 1.80 -10.90
CA THR A 29 1.20 0.83 -10.14
C THR A 29 0.33 -0.37 -9.76
N MET A 30 0.84 -1.56 -10.06
CA MET A 30 0.18 -2.80 -9.68
C MET A 30 0.24 -2.98 -8.17
N VAL A 31 -0.68 -3.74 -7.61
CA VAL A 31 -0.69 -3.97 -6.17
C VAL A 31 0.56 -4.73 -5.72
N TYR A 32 0.99 -5.71 -6.50
CA TYR A 32 2.22 -6.44 -6.18
C TYR A 32 3.42 -5.52 -6.34
N ASP A 33 3.26 -4.52 -7.18
CA ASP A 33 4.33 -3.55 -7.43
C ASP A 33 4.33 -2.47 -6.33
N ALA A 34 3.17 -2.24 -5.75
CA ALA A 34 3.03 -1.27 -4.66
C ALA A 34 3.58 -1.85 -3.36
N CYS A 35 3.22 -3.09 -3.05
CA CYS A 35 3.76 -3.76 -1.88
C CYS A 35 5.25 -4.00 -2.07
N ARG A 36 5.66 -4.11 -3.33
CA ARG A 36 7.07 -4.17 -3.71
C ARG A 36 7.81 -2.96 -3.18
N MET A 37 7.24 -1.78 -3.38
CA MET A 37 7.88 -0.55 -2.95
C MET A 37 8.10 -0.53 -1.44
N ILE A 38 7.16 -1.12 -0.70
CA ILE A 38 7.28 -1.17 0.75
C ILE A 38 8.45 -2.04 1.17
N ARG A 39 8.58 -3.24 0.60
CA ARG A 39 9.66 -4.14 0.99
C ARG A 39 11.02 -3.67 0.47
N GLU A 40 11.04 -2.97 -0.66
CA GLU A 40 12.30 -2.50 -1.22
C GLU A 40 12.78 -1.21 -0.56
N ARG A 41 11.86 -0.32 -0.23
CA ARG A 41 12.22 0.96 0.38
C ARG A 41 12.28 0.86 1.89
N ILE A 42 11.60 -0.13 2.44
CA ILE A 42 11.58 -0.34 3.89
C ILE A 42 12.02 -1.76 4.21
N PRO A 43 13.13 -1.91 4.94
CA PRO A 43 13.72 -3.22 5.25
C PRO A 43 12.90 -3.95 6.29
N GLU A 44 12.08 -3.18 7.00
CA GLU A 44 11.28 -3.71 8.08
C GLU A 44 10.24 -4.68 7.54
N ALA A 45 9.79 -4.42 6.32
CA ALA A 45 8.80 -5.25 5.66
C ALA A 45 9.37 -6.64 5.34
N LEU A 46 10.70 -6.73 5.28
CA LEU A 46 11.36 -7.98 4.92
C LEU A 46 11.57 -8.87 6.14
N ALA A 47 10.89 -8.53 7.24
CA ALA A 47 10.87 -9.39 8.41
C ALA A 47 10.03 -10.63 8.13
N GLY A 48 9.20 -10.52 7.10
CA GLY A 48 8.41 -11.64 6.65
C GLY A 48 8.56 -11.85 5.17
N PRO A 49 8.04 -12.96 4.62
CA PRO A 49 8.14 -13.26 3.20
C PRO A 49 7.24 -12.39 2.36
N PRO A 50 7.80 -11.87 1.27
CA PRO A 50 7.12 -10.87 0.45
C PRO A 50 5.79 -11.36 -0.14
N ASN A 51 5.67 -12.65 -0.38
CA ASN A 51 4.46 -13.21 -0.96
C ASN A 51 3.49 -13.67 0.12
N ASP A 52 3.87 -13.44 1.37
CA ASP A 52 3.00 -13.75 2.50
C ASP A 52 2.52 -12.47 3.14
N PHE A 53 2.94 -11.35 2.58
CA PHE A 53 2.49 -10.04 3.00
C PHE A 53 1.76 -9.36 1.85
N GLY A 54 0.76 -8.55 2.17
CA GLY A 54 -0.02 -7.92 1.14
C GLY A 54 -0.57 -6.59 1.56
N LEU A 55 -1.25 -5.91 0.66
CA LEU A 55 -1.86 -4.63 0.95
C LEU A 55 -3.29 -4.81 1.42
N PHE A 56 -3.59 -4.26 2.56
CA PHE A 56 -4.91 -4.35 3.15
C PHE A 56 -5.55 -2.98 3.21
N LEU A 57 -6.52 -2.75 2.33
CA LEU A 57 -7.21 -1.47 2.29
C LEU A 57 -7.99 -1.27 3.59
N SER A 58 -7.50 -0.35 4.41
CA SER A 58 -8.04 -0.16 5.74
C SER A 58 -9.26 0.74 5.73
N ASP A 59 -10.11 0.56 6.73
CA ASP A 59 -11.32 1.35 6.86
C ASP A 59 -11.49 1.72 8.33
N ASP A 60 -12.51 2.52 8.65
CA ASP A 60 -12.82 2.86 10.03
C ASP A 60 -13.09 1.59 10.83
N ASP A 61 -13.70 0.62 10.17
CA ASP A 61 -13.92 -0.70 10.75
C ASP A 61 -13.04 -1.72 10.03
N PRO A 62 -12.22 -2.46 10.77
CA PRO A 62 -11.25 -3.42 10.19
C PRO A 62 -11.91 -4.59 9.46
N LYS A 63 -13.22 -4.77 9.63
CA LYS A 63 -13.93 -5.84 8.96
C LYS A 63 -14.33 -5.42 7.55
N LYS A 64 -14.54 -4.12 7.37
CA LYS A 64 -14.86 -3.58 6.06
C LYS A 64 -13.63 -3.58 5.16
N GLY A 65 -12.47 -3.56 5.80
CA GLY A 65 -11.22 -3.57 5.08
C GLY A 65 -11.04 -4.81 4.23
N ILE A 66 -10.41 -4.65 3.07
CA ILE A 66 -10.27 -5.74 2.12
C ILE A 66 -8.83 -5.90 1.67
N TRP A 67 -8.47 -7.09 1.26
CA TRP A 67 -7.15 -7.35 0.69
C TRP A 67 -7.14 -6.96 -0.78
N LEU A 68 -6.03 -6.42 -1.25
CA LEU A 68 -5.92 -6.02 -2.63
C LEU A 68 -5.31 -7.14 -3.47
N GLU A 69 -5.84 -7.33 -4.67
CA GLU A 69 -5.30 -8.32 -5.59
C GLU A 69 -4.02 -7.80 -6.21
N ALA A 70 -2.94 -8.56 -6.02
CA ALA A 70 -1.60 -8.15 -6.47
C ALA A 70 -1.55 -7.87 -7.97
N GLY A 71 -2.43 -8.52 -8.73
CA GLY A 71 -2.42 -8.36 -10.18
C GLY A 71 -3.27 -7.18 -10.65
N LYS A 72 -3.83 -6.43 -9.71
CA LYS A 72 -4.64 -5.28 -10.04
C LYS A 72 -3.83 -4.00 -9.86
N ALA A 73 -4.39 -2.88 -10.30
CA ALA A 73 -3.75 -1.58 -10.11
C ALA A 73 -4.29 -0.89 -8.88
N LEU A 74 -3.59 0.14 -8.42
CA LEU A 74 -4.06 0.93 -7.30
C LEU A 74 -5.25 1.80 -7.73
N ASP A 75 -5.25 2.20 -8.99
CA ASP A 75 -6.36 2.96 -9.55
C ASP A 75 -7.62 2.11 -9.63
N TYR A 76 -7.43 0.80 -9.73
CA TYR A 76 -8.53 -0.16 -9.80
C TYR A 76 -9.45 -0.01 -8.60
N TYR A 77 -8.85 0.23 -7.44
CA TYR A 77 -9.58 0.33 -6.19
C TYR A 77 -9.93 1.78 -5.88
N MET A 78 -9.49 2.69 -6.75
CA MET A 78 -9.73 4.13 -6.59
C MET A 78 -9.15 4.64 -5.27
N LEU A 79 -7.85 4.88 -5.26
CA LEU A 79 -7.16 5.38 -4.08
C LEU A 79 -6.69 6.81 -4.31
N ARG A 80 -6.63 7.60 -3.24
CA ARG A 80 -6.22 8.99 -3.33
C ARG A 80 -5.33 9.36 -2.16
N ASN A 81 -4.85 10.60 -2.15
CA ASN A 81 -4.08 11.14 -1.04
C ASN A 81 -4.92 11.16 0.23
N GLY A 82 -4.51 10.38 1.21
CA GLY A 82 -5.21 10.36 2.48
C GLY A 82 -5.75 9.00 2.85
N ASP A 83 -5.89 8.12 1.86
CA ASP A 83 -6.40 6.77 2.10
C ASP A 83 -5.41 5.98 2.94
N THR A 84 -5.88 4.90 3.55
CA THR A 84 -5.04 4.11 4.44
C THR A 84 -5.03 2.64 4.03
N MET A 85 -3.84 2.08 3.90
CA MET A 85 -3.69 0.66 3.63
C MET A 85 -2.68 0.06 4.57
N GLU A 86 -3.02 -1.06 5.17
CA GLU A 86 -2.12 -1.73 6.08
C GLU A 86 -1.39 -2.84 5.36
N TYR A 87 -0.13 -2.62 5.07
CA TYR A 87 0.71 -3.67 4.50
C TYR A 87 1.08 -4.62 5.63
N ARG A 88 0.42 -5.77 5.64
CA ARG A 88 0.53 -6.70 6.75
C ARG A 88 0.63 -8.13 6.23
N LYS A 89 0.89 -9.06 7.14
CA LYS A 89 1.01 -10.46 6.78
C LYS A 89 -0.36 -11.03 6.47
N LYS A 90 -0.47 -11.73 5.35
CA LYS A 90 -1.72 -12.33 4.93
C LYS A 90 -2.01 -13.57 5.76
N GLN A 91 -3.25 -14.03 5.74
CA GLN A 91 -3.64 -15.21 6.47
C GLN A 91 -3.87 -16.36 5.49
N GLY A 1 13.22 16.94 2.35
CA GLY A 1 14.03 16.35 1.25
C GLY A 1 13.32 15.18 0.59
N ILE A 2 12.06 15.37 0.25
CA ILE A 2 11.31 14.34 -0.44
C ILE A 2 10.79 14.89 -1.77
N ASP A 3 10.69 14.03 -2.77
CA ASP A 3 10.31 14.45 -4.12
C ASP A 3 8.82 14.69 -4.24
N PRO A 4 8.41 15.93 -4.54
CA PRO A 4 7.03 16.25 -4.88
C PRO A 4 6.72 15.74 -6.27
N PHE A 5 5.78 14.81 -6.37
CA PHE A 5 5.50 14.14 -7.62
C PHE A 5 4.81 15.08 -8.59
N THR A 6 5.35 15.20 -9.80
CA THR A 6 4.80 16.08 -10.82
C THR A 6 3.41 15.63 -11.22
N MET A 7 3.29 14.38 -11.64
CA MET A 7 2.00 13.79 -11.97
C MET A 7 1.19 13.58 -10.68
N VAL A 8 -0.13 13.54 -10.81
CA VAL A 8 -0.99 13.23 -9.68
C VAL A 8 -0.65 11.84 -9.11
N ALA A 9 -0.03 11.83 -7.94
CA ALA A 9 0.39 10.60 -7.30
C ALA A 9 -0.49 10.28 -6.11
N LEU A 10 -0.91 9.04 -6.04
CA LEU A 10 -1.75 8.58 -4.95
C LEU A 10 -0.90 8.37 -3.70
N SER A 11 -1.00 9.32 -2.79
CA SER A 11 -0.19 9.30 -1.58
C SER A 11 -0.98 8.73 -0.42
N LEU A 12 -0.69 7.49 -0.07
CA LEU A 12 -1.43 6.83 1.01
C LEU A 12 -0.52 6.57 2.20
N LYS A 13 -1.14 6.37 3.35
CA LYS A 13 -0.42 6.04 4.56
C LYS A 13 -0.34 4.52 4.69
N ILE A 14 0.86 4.00 4.71
CA ILE A 14 1.07 2.57 4.83
C ILE A 14 1.20 2.18 6.29
N SER A 15 0.25 1.40 6.76
CA SER A 15 0.23 0.95 8.13
C SER A 15 0.80 -0.47 8.22
N ILE A 16 2.04 -0.58 8.63
CA ILE A 16 2.68 -1.88 8.79
C ILE A 16 2.54 -2.34 10.24
N GLY A 17 1.52 -3.15 10.50
CA GLY A 17 1.25 -3.60 11.86
C GLY A 17 0.65 -2.50 12.70
N ASN A 18 1.49 -1.58 13.14
CA ASN A 18 1.05 -0.40 13.87
C ASN A 18 1.84 0.83 13.42
N VAL A 19 2.74 0.62 12.46
CA VAL A 19 3.60 1.70 11.99
C VAL A 19 3.04 2.33 10.72
N VAL A 20 2.58 3.56 10.85
CA VAL A 20 2.02 4.29 9.71
C VAL A 20 3.08 5.19 9.07
N LYS A 21 3.46 4.84 7.85
CA LYS A 21 4.44 5.63 7.10
C LYS A 21 3.83 6.09 5.77
N THR A 22 4.17 7.30 5.36
CA THR A 22 3.60 7.89 4.15
C THR A 22 4.33 7.41 2.89
N MET A 23 3.56 7.05 1.87
CA MET A 23 4.13 6.59 0.61
C MET A 23 3.44 7.23 -0.59
N GLN A 24 4.23 7.56 -1.61
CA GLN A 24 3.70 8.09 -2.85
C GLN A 24 3.65 7.00 -3.90
N PHE A 25 2.45 6.64 -4.32
CA PHE A 25 2.27 5.61 -5.32
C PHE A 25 1.72 6.19 -6.61
N GLU A 26 2.03 5.54 -7.72
CA GLU A 26 1.41 5.88 -8.99
C GLU A 26 0.13 5.08 -9.16
N PRO A 27 -0.92 5.67 -9.74
CA PRO A 27 -2.22 5.02 -9.87
C PRO A 27 -2.16 3.72 -10.69
N SER A 28 -1.20 3.66 -11.61
CA SER A 28 -1.06 2.51 -12.50
C SER A 28 -0.06 1.50 -11.95
N THR A 29 0.28 1.63 -10.67
CA THR A 29 1.19 0.68 -10.04
C THR A 29 0.43 -0.60 -9.68
N MET A 30 1.05 -1.74 -9.96
CA MET A 30 0.47 -3.03 -9.60
C MET A 30 0.54 -3.21 -8.09
N VAL A 31 -0.48 -3.85 -7.52
CA VAL A 31 -0.55 -4.01 -6.07
C VAL A 31 0.67 -4.72 -5.50
N TYR A 32 1.12 -5.78 -6.15
CA TYR A 32 2.29 -6.51 -5.67
C TYR A 32 3.55 -5.65 -5.81
N ASP A 33 3.53 -4.74 -6.77
CA ASP A 33 4.67 -3.87 -7.01
C ASP A 33 4.65 -2.71 -6.03
N ALA A 34 3.45 -2.30 -5.63
CA ALA A 34 3.29 -1.29 -4.60
C ALA A 34 3.83 -1.82 -3.27
N CYS A 35 3.52 -3.08 -2.98
CA CYS A 35 4.08 -3.76 -1.81
C CYS A 35 5.59 -3.84 -1.95
N ARG A 36 6.03 -4.11 -3.17
CA ARG A 36 7.45 -4.13 -3.51
C ARG A 36 8.09 -2.77 -3.21
N MET A 37 7.38 -1.70 -3.54
CA MET A 37 7.87 -0.34 -3.33
C MET A 37 8.07 -0.05 -1.84
N ILE A 38 7.18 -0.57 -1.00
CA ILE A 38 7.30 -0.33 0.44
C ILE A 38 8.51 -1.05 0.99
N ARG A 39 8.71 -2.29 0.54
CA ARG A 39 9.89 -3.07 0.90
C ARG A 39 11.15 -2.30 0.52
N GLU A 40 11.08 -1.59 -0.59
CA GLU A 40 12.21 -0.83 -1.09
C GLU A 40 12.38 0.48 -0.32
N ARG A 41 11.27 1.09 0.07
CA ARG A 41 11.30 2.39 0.71
C ARG A 41 11.52 2.26 2.21
N ILE A 42 10.74 1.40 2.81
CA ILE A 42 10.73 1.24 4.26
C ILE A 42 11.21 -0.16 4.63
N PRO A 43 12.19 -0.26 5.53
CA PRO A 43 12.76 -1.56 5.92
C PRO A 43 11.78 -2.33 6.80
N GLU A 44 10.79 -1.60 7.28
CA GLU A 44 9.84 -2.13 8.22
C GLU A 44 8.87 -3.09 7.53
N ALA A 45 8.73 -2.93 6.21
CA ALA A 45 7.87 -3.81 5.43
C ALA A 45 8.56 -5.13 5.11
N LEU A 46 9.86 -5.18 5.35
CA LEU A 46 10.65 -6.36 5.05
C LEU A 46 10.47 -7.42 6.13
N ALA A 47 10.14 -8.63 5.71
CA ALA A 47 9.84 -9.73 6.62
C ALA A 47 9.67 -11.03 5.86
N GLY A 48 9.08 -10.94 4.68
CA GLY A 48 8.85 -12.11 3.86
C GLY A 48 8.39 -11.76 2.47
N PRO A 49 8.07 -12.75 1.65
CA PRO A 49 7.63 -12.55 0.27
C PRO A 49 6.32 -11.80 0.18
N PRO A 50 6.19 -10.98 -0.86
CA PRO A 50 5.06 -10.08 -1.01
C PRO A 50 3.75 -10.83 -1.25
N ASN A 51 3.83 -12.14 -1.38
CA ASN A 51 2.65 -12.96 -1.60
C ASN A 51 2.08 -13.44 -0.27
N ASP A 52 2.90 -13.43 0.76
CA ASP A 52 2.44 -13.78 2.11
C ASP A 52 1.85 -12.56 2.78
N PHE A 53 2.22 -11.40 2.27
CA PHE A 53 1.69 -10.14 2.75
C PHE A 53 0.81 -9.52 1.66
N GLY A 54 0.26 -8.36 1.94
CA GLY A 54 -0.52 -7.67 0.93
C GLY A 54 -1.01 -6.33 1.41
N LEU A 55 -1.56 -5.56 0.49
CA LEU A 55 -2.14 -4.28 0.84
C LEU A 55 -3.59 -4.47 1.28
N PHE A 56 -3.91 -3.89 2.43
CA PHE A 56 -5.25 -3.99 2.96
C PHE A 56 -5.84 -2.59 3.10
N LEU A 57 -6.87 -2.31 2.31
CA LEU A 57 -7.54 -1.03 2.38
C LEU A 57 -8.34 -0.96 3.67
N SER A 58 -7.81 -0.23 4.65
CA SER A 58 -8.39 -0.21 5.98
C SER A 58 -9.74 0.49 6.01
N ASP A 59 -10.63 -0.02 6.84
CA ASP A 59 -11.95 0.57 7.03
C ASP A 59 -12.31 0.46 8.51
N ASP A 60 -13.55 0.76 8.87
CA ASP A 60 -14.00 0.61 10.24
C ASP A 60 -14.11 -0.87 10.60
N ASP A 61 -14.54 -1.66 9.63
CA ASP A 61 -14.75 -3.08 9.86
C ASP A 61 -13.95 -3.90 8.85
N PRO A 62 -13.30 -4.99 9.32
CA PRO A 62 -12.45 -5.84 8.46
C PRO A 62 -13.22 -6.53 7.33
N LYS A 63 -14.54 -6.54 7.42
CA LYS A 63 -15.38 -7.08 6.36
C LYS A 63 -15.48 -6.09 5.21
N LYS A 64 -15.42 -4.81 5.55
CA LYS A 64 -15.50 -3.75 4.56
C LYS A 64 -14.11 -3.40 4.06
N GLY A 65 -13.10 -3.71 4.88
CA GLY A 65 -11.73 -3.61 4.43
C GLY A 65 -11.42 -4.66 3.39
N ILE A 66 -10.79 -4.26 2.30
CA ILE A 66 -10.57 -5.16 1.19
C ILE A 66 -9.09 -5.41 0.94
N TRP A 67 -8.77 -6.68 0.67
CA TRP A 67 -7.41 -7.07 0.31
C TRP A 67 -7.17 -6.87 -1.17
N LEU A 68 -6.18 -6.08 -1.52
CA LEU A 68 -5.86 -5.80 -2.90
C LEU A 68 -5.15 -6.98 -3.56
N GLU A 69 -5.61 -7.34 -4.75
CA GLU A 69 -5.02 -8.44 -5.50
C GLU A 69 -3.75 -7.99 -6.21
N ALA A 70 -2.73 -8.84 -6.19
CA ALA A 70 -1.47 -8.54 -6.86
C ALA A 70 -1.68 -8.27 -8.34
N GLY A 71 -2.63 -8.98 -8.94
CA GLY A 71 -2.88 -8.85 -10.36
C GLY A 71 -3.70 -7.63 -10.71
N LYS A 72 -3.98 -6.79 -9.72
CA LYS A 72 -4.75 -5.58 -9.95
C LYS A 72 -3.89 -4.35 -9.70
N ALA A 73 -4.39 -3.19 -10.10
CA ALA A 73 -3.67 -1.94 -9.93
C ALA A 73 -4.26 -1.12 -8.80
N LEU A 74 -3.57 -0.04 -8.44
CA LEU A 74 -3.97 0.80 -7.32
C LEU A 74 -5.24 1.60 -7.61
N ASP A 75 -5.26 2.29 -8.75
CA ASP A 75 -6.42 3.11 -9.14
C ASP A 75 -7.68 2.26 -9.26
N TYR A 76 -7.47 0.97 -9.50
CA TYR A 76 -8.57 0.02 -9.63
C TYR A 76 -9.37 -0.09 -8.34
N TYR A 77 -8.70 0.20 -7.23
CA TYR A 77 -9.32 0.06 -5.91
C TYR A 77 -9.78 1.42 -5.37
N MET A 78 -9.61 2.46 -6.19
CA MET A 78 -10.03 3.81 -5.84
C MET A 78 -9.40 4.28 -4.53
N LEU A 79 -8.17 3.88 -4.29
CA LEU A 79 -7.43 4.38 -3.15
C LEU A 79 -6.93 5.79 -3.45
N ARG A 80 -6.90 6.65 -2.44
CA ARG A 80 -6.76 8.08 -2.66
C ARG A 80 -5.66 8.67 -1.78
N ASN A 81 -5.12 9.81 -2.17
CA ASN A 81 -4.12 10.50 -1.36
C ASN A 81 -4.74 10.91 -0.02
N GLY A 82 -4.06 10.57 1.06
CA GLY A 82 -4.59 10.83 2.38
C GLY A 82 -5.19 9.58 3.00
N ASP A 83 -5.47 8.60 2.16
CA ASP A 83 -6.07 7.36 2.60
C ASP A 83 -5.02 6.45 3.20
N THR A 84 -5.49 5.45 3.91
CA THR A 84 -4.62 4.57 4.66
C THR A 84 -4.79 3.11 4.21
N MET A 85 -3.67 2.42 4.05
CA MET A 85 -3.69 0.99 3.75
C MET A 85 -2.70 0.27 4.64
N GLU A 86 -3.10 -0.88 5.12
CA GLU A 86 -2.22 -1.68 5.96
C GLU A 86 -1.46 -2.69 5.13
N TYR A 87 -0.17 -2.49 4.95
CA TYR A 87 0.66 -3.54 4.38
C TYR A 87 0.96 -4.55 5.48
N ARG A 88 0.26 -5.66 5.42
CA ARG A 88 0.29 -6.66 6.49
C ARG A 88 0.20 -8.06 5.93
N LYS A 89 0.49 -9.04 6.76
CA LYS A 89 0.41 -10.44 6.38
C LYS A 89 -1.04 -10.80 6.07
N LYS A 90 -1.26 -11.42 4.92
CA LYS A 90 -2.61 -11.76 4.48
C LYS A 90 -2.96 -13.19 4.88
N GLN A 91 -4.24 -13.49 4.91
CA GLN A 91 -4.73 -14.83 5.26
C GLN A 91 -6.21 -14.93 4.96
N GLY A 1 16.80 12.97 -9.30
CA GLY A 1 16.52 11.62 -9.84
C GLY A 1 15.09 11.20 -9.63
N ILE A 2 14.62 11.34 -8.39
CA ILE A 2 13.24 10.98 -8.06
C ILE A 2 12.31 12.18 -8.27
N ASP A 3 11.31 11.99 -9.12
CA ASP A 3 10.34 13.06 -9.42
C ASP A 3 9.57 13.45 -8.17
N PRO A 4 9.23 14.75 -8.04
CA PRO A 4 8.38 15.23 -6.96
C PRO A 4 6.99 14.62 -7.02
N PHE A 5 6.41 14.31 -5.88
CA PHE A 5 5.12 13.64 -5.84
C PHE A 5 4.06 14.55 -5.23
N THR A 6 3.17 15.04 -6.07
CA THR A 6 2.04 15.85 -5.63
C THR A 6 0.90 15.75 -6.64
N MET A 7 1.25 15.56 -7.91
CA MET A 7 0.27 15.40 -8.98
C MET A 7 0.45 14.04 -9.64
N VAL A 8 -0.66 13.33 -9.83
CA VAL A 8 -0.64 11.98 -10.40
C VAL A 8 0.27 11.09 -9.55
N ALA A 9 -0.04 11.02 -8.26
CA ALA A 9 0.74 10.23 -7.32
C ALA A 9 -0.12 9.86 -6.12
N LEU A 10 -0.44 8.58 -6.02
CA LEU A 10 -1.33 8.11 -4.97
C LEU A 10 -0.60 8.03 -3.64
N SER A 11 -0.92 8.96 -2.75
CA SER A 11 -0.26 9.05 -1.47
C SER A 11 -1.16 8.49 -0.37
N LEU A 12 -0.84 7.30 0.10
CA LEU A 12 -1.67 6.65 1.11
C LEU A 12 -0.91 6.43 2.40
N LYS A 13 -1.65 6.35 3.49
CA LYS A 13 -1.10 6.07 4.79
C LYS A 13 -0.95 4.56 4.95
N ILE A 14 0.28 4.08 4.86
CA ILE A 14 0.53 2.66 4.95
C ILE A 14 0.91 2.29 6.37
N SER A 15 0.05 1.52 7.02
CA SER A 15 0.30 1.09 8.38
C SER A 15 0.98 -0.27 8.39
N ILE A 16 2.30 -0.26 8.60
CA ILE A 16 3.06 -1.49 8.74
C ILE A 16 3.21 -1.81 10.21
N GLY A 17 2.31 -2.61 10.75
CA GLY A 17 2.31 -2.88 12.18
C GLY A 17 1.94 -1.65 12.97
N ASN A 18 2.95 -0.98 13.52
CA ASN A 18 2.74 0.27 14.24
C ASN A 18 3.31 1.44 13.45
N VAL A 19 4.13 1.12 12.45
CA VAL A 19 4.79 2.14 11.67
C VAL A 19 3.88 2.61 10.52
N VAL A 20 3.23 3.74 10.73
CA VAL A 20 2.39 4.33 9.69
C VAL A 20 3.19 5.33 8.88
N LYS A 21 3.40 5.03 7.60
CA LYS A 21 4.15 5.90 6.72
C LYS A 21 3.30 6.31 5.53
N THR A 22 3.35 7.58 5.15
CA THR A 22 2.66 8.04 3.97
C THR A 22 3.50 7.74 2.73
N MET A 23 3.01 6.86 1.90
CA MET A 23 3.74 6.42 0.72
C MET A 23 3.07 6.92 -0.53
N GLN A 24 3.86 7.40 -1.46
CA GLN A 24 3.34 7.96 -2.69
C GLN A 24 3.72 7.08 -3.87
N PHE A 25 2.73 6.38 -4.40
CA PHE A 25 2.94 5.49 -5.52
C PHE A 25 2.43 6.14 -6.80
N GLU A 26 2.56 5.43 -7.91
CA GLU A 26 1.96 5.85 -9.16
C GLU A 26 0.55 5.29 -9.25
N PRO A 27 -0.38 6.00 -9.89
CA PRO A 27 -1.74 5.50 -10.09
C PRO A 27 -1.75 4.13 -10.78
N SER A 28 -0.85 3.95 -11.73
CA SER A 28 -0.77 2.72 -12.50
C SER A 28 0.14 1.69 -11.85
N THR A 29 0.50 1.90 -10.59
CA THR A 29 1.30 0.93 -9.86
C THR A 29 0.48 -0.30 -9.49
N MET A 30 1.03 -1.47 -9.75
CA MET A 30 0.36 -2.72 -9.46
C MET A 30 0.40 -3.01 -7.97
N VAL A 31 -0.63 -3.66 -7.44
CA VAL A 31 -0.75 -3.92 -6.00
C VAL A 31 0.46 -4.68 -5.46
N TYR A 32 0.82 -5.80 -6.10
CA TYR A 32 1.93 -6.62 -5.61
C TYR A 32 3.25 -5.85 -5.74
N ASP A 33 3.29 -4.94 -6.70
CA ASP A 33 4.49 -4.16 -6.94
C ASP A 33 4.62 -3.06 -5.90
N ALA A 34 3.49 -2.45 -5.56
CA ALA A 34 3.44 -1.48 -4.48
C ALA A 34 3.79 -2.14 -3.17
N CYS A 35 3.34 -3.38 -3.02
CA CYS A 35 3.67 -4.19 -1.87
C CYS A 35 5.18 -4.40 -1.79
N ARG A 36 5.80 -4.65 -2.95
CA ARG A 36 7.25 -4.78 -3.04
C ARG A 36 7.91 -3.46 -2.69
N MET A 37 7.39 -2.36 -3.23
CA MET A 37 7.93 -1.03 -2.98
C MET A 37 8.05 -0.74 -1.49
N ILE A 38 7.04 -1.16 -0.73
CA ILE A 38 7.06 -0.98 0.71
C ILE A 38 8.28 -1.65 1.34
N ARG A 39 8.64 -2.83 0.86
CA ARG A 39 9.80 -3.54 1.38
C ARG A 39 11.09 -2.85 0.94
N GLU A 40 11.12 -2.42 -0.31
CA GLU A 40 12.31 -1.82 -0.89
C GLU A 40 12.64 -0.50 -0.19
N ARG A 41 11.60 0.23 0.20
CA ARG A 41 11.78 1.51 0.87
C ARG A 41 11.95 1.32 2.37
N ILE A 42 11.21 0.38 2.94
CA ILE A 42 11.26 0.12 4.36
C ILE A 42 11.64 -1.34 4.62
N PRO A 43 12.77 -1.57 5.31
CA PRO A 43 13.34 -2.92 5.48
C PRO A 43 12.48 -3.78 6.39
N GLU A 44 11.58 -3.11 7.09
CA GLU A 44 10.71 -3.77 8.03
C GLU A 44 9.81 -4.77 7.30
N ALA A 45 9.50 -4.48 6.05
CA ALA A 45 8.63 -5.33 5.26
C ALA A 45 9.43 -6.37 4.45
N LEU A 46 10.75 -6.32 4.56
CA LEU A 46 11.61 -7.25 3.81
C LEU A 46 11.72 -8.60 4.50
N ALA A 47 10.67 -8.98 5.23
CA ALA A 47 10.66 -10.25 5.93
C ALA A 47 10.32 -11.40 4.98
N GLY A 48 9.66 -11.06 3.88
CA GLY A 48 9.27 -12.08 2.92
C GLY A 48 8.98 -11.50 1.55
N PRO A 49 8.63 -12.35 0.58
CA PRO A 49 8.31 -11.93 -0.78
C PRO A 49 6.97 -11.22 -0.87
N PRO A 50 6.79 -10.42 -1.93
CA PRO A 50 5.66 -9.54 -2.07
C PRO A 50 4.31 -10.26 -2.15
N ASN A 51 4.35 -11.56 -2.43
CA ASN A 51 3.13 -12.36 -2.52
C ASN A 51 2.79 -13.00 -1.18
N ASP A 52 3.71 -12.92 -0.23
CA ASP A 52 3.48 -13.47 1.11
C ASP A 52 2.77 -12.44 1.96
N PHE A 53 3.09 -11.18 1.71
CA PHE A 53 2.39 -10.07 2.33
C PHE A 53 1.32 -9.56 1.37
N GLY A 54 0.63 -8.50 1.75
CA GLY A 54 -0.34 -7.91 0.87
C GLY A 54 -0.83 -6.57 1.35
N LEU A 55 -1.34 -5.78 0.44
CA LEU A 55 -1.93 -4.50 0.79
C LEU A 55 -3.39 -4.68 1.17
N PHE A 56 -3.71 -4.33 2.40
CA PHE A 56 -5.05 -4.48 2.91
C PHE A 56 -5.73 -3.13 2.94
N LEU A 57 -6.78 -2.98 2.14
CA LEU A 57 -7.51 -1.73 2.08
C LEU A 57 -8.33 -1.55 3.35
N SER A 58 -7.82 -0.74 4.25
CA SER A 58 -8.46 -0.50 5.53
C SER A 58 -9.69 0.38 5.35
N ASP A 59 -10.68 0.18 6.20
CA ASP A 59 -11.92 0.91 6.12
C ASP A 59 -12.44 1.20 7.53
N ASP A 60 -13.44 2.06 7.64
CA ASP A 60 -14.09 2.34 8.92
C ASP A 60 -14.81 1.09 9.39
N ASP A 61 -15.21 0.27 8.42
CA ASP A 61 -15.80 -1.02 8.69
C ASP A 61 -14.81 -2.12 8.32
N PRO A 62 -14.47 -3.00 9.28
CA PRO A 62 -13.46 -4.05 9.10
C PRO A 62 -13.83 -5.05 7.99
N LYS A 63 -15.12 -5.16 7.70
CA LYS A 63 -15.58 -6.11 6.69
C LYS A 63 -15.54 -5.46 5.31
N LYS A 64 -15.56 -4.13 5.28
CA LYS A 64 -15.39 -3.39 4.03
C LYS A 64 -13.92 -3.39 3.62
N GLY A 65 -13.06 -3.75 4.56
CA GLY A 65 -11.65 -3.89 4.26
C GLY A 65 -11.37 -5.14 3.46
N ILE A 66 -10.70 -4.98 2.34
CA ILE A 66 -10.46 -6.10 1.43
C ILE A 66 -8.98 -6.22 1.07
N TRP A 67 -8.58 -7.41 0.64
CA TRP A 67 -7.23 -7.64 0.16
C TRP A 67 -7.15 -7.27 -1.33
N LEU A 68 -6.24 -6.39 -1.66
CA LEU A 68 -6.13 -5.91 -3.04
C LEU A 68 -5.49 -6.97 -3.92
N GLU A 69 -6.05 -7.17 -5.11
CA GLU A 69 -5.55 -8.16 -6.05
C GLU A 69 -4.21 -7.72 -6.64
N ALA A 70 -3.24 -8.62 -6.59
CA ALA A 70 -1.90 -8.36 -7.11
C ALA A 70 -1.94 -7.99 -8.59
N GLY A 71 -2.82 -8.65 -9.33
CA GLY A 71 -2.94 -8.41 -10.76
C GLY A 71 -3.77 -7.18 -11.07
N LYS A 72 -3.99 -6.34 -10.08
CA LYS A 72 -4.72 -5.11 -10.27
C LYS A 72 -3.85 -3.93 -9.85
N ALA A 73 -4.22 -2.74 -10.31
CA ALA A 73 -3.48 -1.54 -9.98
C ALA A 73 -4.08 -0.85 -8.76
N LEU A 74 -3.37 0.12 -8.21
CA LEU A 74 -3.83 0.85 -7.04
C LEU A 74 -5.00 1.77 -7.40
N ASP A 75 -4.87 2.48 -8.53
CA ASP A 75 -5.94 3.37 -9.01
C ASP A 75 -7.23 2.60 -9.24
N TYR A 76 -7.07 1.32 -9.55
CA TYR A 76 -8.20 0.43 -9.83
C TYR A 76 -9.17 0.39 -8.65
N TYR A 77 -8.63 0.50 -7.44
CA TYR A 77 -9.43 0.37 -6.23
C TYR A 77 -9.92 1.71 -5.70
N MET A 78 -9.73 2.76 -6.51
CA MET A 78 -10.29 4.09 -6.21
C MET A 78 -9.71 4.68 -4.92
N LEU A 79 -8.56 4.19 -4.50
CA LEU A 79 -7.88 4.75 -3.33
C LEU A 79 -7.22 6.07 -3.70
N ARG A 80 -7.13 6.98 -2.75
CA ARG A 80 -6.70 8.35 -3.04
C ARG A 80 -5.65 8.82 -2.05
N ASN A 81 -5.25 10.08 -2.17
CA ASN A 81 -4.31 10.69 -1.23
C ASN A 81 -4.99 10.90 0.12
N GLY A 82 -4.44 10.28 1.15
CA GLY A 82 -5.00 10.41 2.47
C GLY A 82 -5.68 9.15 2.94
N ASP A 83 -5.88 8.20 2.03
CA ASP A 83 -6.49 6.93 2.37
C ASP A 83 -5.50 6.07 3.14
N THR A 84 -6.00 5.06 3.84
CA THR A 84 -5.17 4.24 4.70
C THR A 84 -5.23 2.77 4.28
N MET A 85 -4.07 2.16 4.15
CA MET A 85 -3.98 0.73 3.91
C MET A 85 -3.00 0.11 4.89
N GLU A 86 -3.35 -1.04 5.40
CA GLU A 86 -2.48 -1.74 6.31
C GLU A 86 -1.65 -2.76 5.56
N TYR A 87 -0.37 -2.48 5.42
CA TYR A 87 0.55 -3.44 4.84
C TYR A 87 0.84 -4.52 5.87
N ARG A 88 0.33 -5.71 5.61
CA ARG A 88 0.47 -6.81 6.54
C ARG A 88 0.61 -8.12 5.79
N LYS A 89 1.04 -9.14 6.51
CA LYS A 89 1.17 -10.48 5.94
C LYS A 89 -0.20 -11.11 5.80
N LYS A 90 -0.50 -11.66 4.63
CA LYS A 90 -1.79 -12.28 4.39
C LYS A 90 -1.82 -13.68 4.98
N GLN A 91 -3.00 -14.28 5.01
CA GLN A 91 -3.18 -15.60 5.59
C GLN A 91 -4.23 -16.38 4.81
N GLY A 1 16.60 20.90 -5.80
CA GLY A 1 15.50 21.89 -5.78
C GLY A 1 14.32 21.40 -4.97
N ILE A 2 13.13 21.50 -5.55
CA ILE A 2 11.93 20.99 -4.90
C ILE A 2 11.74 19.53 -5.25
N ASP A 3 11.65 18.68 -4.23
CA ASP A 3 11.51 17.24 -4.45
C ASP A 3 10.24 16.92 -5.23
N PRO A 4 10.40 16.36 -6.43
CA PRO A 4 9.27 16.00 -7.30
C PRO A 4 8.46 14.84 -6.74
N PHE A 5 7.15 15.05 -6.63
CA PHE A 5 6.26 14.04 -6.08
C PHE A 5 5.30 13.52 -7.13
N THR A 6 5.68 13.71 -8.40
CA THR A 6 4.93 13.20 -9.55
C THR A 6 3.65 14.02 -9.82
N MET A 7 3.23 14.81 -8.83
CA MET A 7 2.00 15.60 -8.90
C MET A 7 0.78 14.70 -8.84
N VAL A 8 0.52 14.03 -9.92
CA VAL A 8 -0.56 13.06 -10.02
C VAL A 8 -0.08 11.69 -9.49
N ALA A 9 -0.04 11.58 -8.17
CA ALA A 9 0.42 10.38 -7.51
C ALA A 9 -0.48 10.05 -6.33
N LEU A 10 -0.52 8.77 -5.97
CA LEU A 10 -1.39 8.33 -4.90
C LEU A 10 -0.63 8.28 -3.59
N SER A 11 -0.86 9.26 -2.74
CA SER A 11 -0.19 9.30 -1.45
C SER A 11 -1.08 8.67 -0.38
N LEU A 12 -0.75 7.44 -0.02
CA LEU A 12 -1.53 6.71 0.97
C LEU A 12 -0.70 6.46 2.21
N LYS A 13 -1.39 6.31 3.32
CA LYS A 13 -0.74 6.01 4.58
C LYS A 13 -0.68 4.51 4.76
N ILE A 14 0.51 3.95 4.63
CA ILE A 14 0.70 2.53 4.71
C ILE A 14 1.05 2.12 6.13
N SER A 15 0.16 1.38 6.76
CA SER A 15 0.36 0.93 8.11
C SER A 15 0.99 -0.46 8.13
N ILE A 16 2.30 -0.50 8.36
CA ILE A 16 2.98 -1.75 8.57
C ILE A 16 2.86 -2.10 10.04
N GLY A 17 1.93 -2.98 10.35
CA GLY A 17 1.64 -3.28 11.73
C GLY A 17 0.97 -2.11 12.41
N ASN A 18 1.64 -1.55 13.40
CA ASN A 18 1.10 -0.43 14.16
C ASN A 18 1.76 0.88 13.74
N VAL A 19 2.77 0.80 12.88
CA VAL A 19 3.52 1.97 12.47
C VAL A 19 3.16 2.36 11.04
N VAL A 20 2.79 3.61 10.84
CA VAL A 20 2.28 4.06 9.55
C VAL A 20 3.29 4.95 8.81
N LYS A 21 3.45 4.68 7.52
CA LYS A 21 4.28 5.50 6.65
C LYS A 21 3.44 6.08 5.52
N THR A 22 3.48 7.39 5.35
CA THR A 22 2.81 8.01 4.22
C THR A 22 3.65 7.78 2.97
N MET A 23 3.13 6.97 2.06
CA MET A 23 3.88 6.54 0.88
C MET A 23 3.26 7.08 -0.39
N GLN A 24 4.11 7.50 -1.31
CA GLN A 24 3.67 8.01 -2.59
C GLN A 24 3.76 6.92 -3.66
N PHE A 25 2.61 6.49 -4.15
CA PHE A 25 2.54 5.49 -5.19
C PHE A 25 2.06 6.13 -6.50
N GLU A 26 2.04 5.36 -7.56
CA GLU A 26 1.49 5.82 -8.82
C GLU A 26 0.15 5.13 -9.06
N PRO A 27 -0.79 5.79 -9.75
CA PRO A 27 -2.10 5.21 -10.05
C PRO A 27 -2.03 3.83 -10.67
N SER A 28 -1.16 3.67 -11.66
CA SER A 28 -1.05 2.42 -12.38
C SER A 28 -0.14 1.42 -11.65
N THR A 29 0.33 1.77 -10.46
CA THR A 29 1.12 0.86 -9.66
C THR A 29 0.25 -0.31 -9.21
N MET A 30 0.64 -1.52 -9.58
CA MET A 30 -0.10 -2.72 -9.23
C MET A 30 0.18 -3.10 -7.78
N VAL A 31 -0.76 -3.81 -7.17
CA VAL A 31 -0.67 -4.15 -5.75
C VAL A 31 0.60 -4.93 -5.42
N TYR A 32 0.94 -5.92 -6.24
CA TYR A 32 2.15 -6.71 -6.00
C TYR A 32 3.38 -5.83 -6.14
N ASP A 33 3.26 -4.82 -6.98
CA ASP A 33 4.36 -3.92 -7.28
C ASP A 33 4.50 -2.86 -6.19
N ALA A 34 3.37 -2.42 -5.66
CA ALA A 34 3.36 -1.47 -4.56
C ALA A 34 3.98 -2.10 -3.31
N CYS A 35 3.77 -3.40 -3.15
CA CYS A 35 4.40 -4.15 -2.07
C CYS A 35 5.92 -4.11 -2.25
N ARG A 36 6.36 -4.23 -3.49
CA ARG A 36 7.79 -4.13 -3.84
C ARG A 36 8.33 -2.77 -3.41
N MET A 37 7.57 -1.72 -3.68
CA MET A 37 7.95 -0.37 -3.28
C MET A 37 8.12 -0.27 -1.77
N ILE A 38 7.16 -0.81 -1.03
CA ILE A 38 7.21 -0.79 0.42
C ILE A 38 8.45 -1.50 0.95
N ARG A 39 8.84 -2.59 0.30
CA ARG A 39 9.98 -3.38 0.73
C ARG A 39 11.30 -2.62 0.54
N GLU A 40 11.40 -1.87 -0.54
CA GLU A 40 12.63 -1.12 -0.83
C GLU A 40 12.68 0.20 -0.06
N ARG A 41 11.52 0.80 0.16
CA ARG A 41 11.45 2.08 0.86
C ARG A 41 11.47 1.88 2.37
N ILE A 42 10.87 0.78 2.82
CA ILE A 42 10.75 0.49 4.25
C ILE A 42 11.29 -0.90 4.55
N PRO A 43 12.24 -1.02 5.50
CA PRO A 43 12.87 -2.31 5.83
C PRO A 43 11.93 -3.20 6.63
N GLU A 44 10.93 -2.57 7.22
CA GLU A 44 10.00 -3.27 8.10
C GLU A 44 9.19 -4.31 7.33
N ALA A 45 9.02 -4.06 6.04
CA ALA A 45 8.28 -4.97 5.17
C ALA A 45 9.12 -6.19 4.80
N LEU A 46 10.38 -6.17 5.15
CA LEU A 46 11.31 -7.25 4.79
C LEU A 46 11.35 -8.33 5.86
N ALA A 47 10.33 -8.35 6.71
CA ALA A 47 10.20 -9.38 7.74
C ALA A 47 9.93 -10.73 7.09
N GLY A 48 9.24 -10.69 5.96
CA GLY A 48 8.93 -11.89 5.22
C GLY A 48 8.77 -11.59 3.75
N PRO A 49 8.41 -12.58 2.91
CA PRO A 49 8.26 -12.38 1.48
C PRO A 49 7.02 -11.60 1.12
N PRO A 50 7.05 -10.92 -0.02
CA PRO A 50 6.01 -9.97 -0.38
C PRO A 50 4.63 -10.60 -0.53
N ASN A 51 4.59 -11.85 -0.98
CA ASN A 51 3.32 -12.54 -1.20
C ASN A 51 2.77 -13.11 0.11
N ASP A 52 3.66 -13.27 1.09
CA ASP A 52 3.23 -13.73 2.42
C ASP A 52 2.56 -12.57 3.15
N PHE A 53 2.97 -11.37 2.79
CA PHE A 53 2.32 -10.16 3.25
C PHE A 53 1.30 -9.72 2.22
N GLY A 54 0.73 -8.55 2.39
CA GLY A 54 -0.20 -8.04 1.40
C GLY A 54 -0.68 -6.64 1.74
N LEU A 55 -1.39 -6.03 0.81
CA LEU A 55 -1.95 -4.71 1.02
C LEU A 55 -3.40 -4.81 1.43
N PHE A 56 -3.68 -4.37 2.63
CA PHE A 56 -5.02 -4.43 3.21
C PHE A 56 -5.63 -3.04 3.25
N LEU A 57 -6.63 -2.81 2.42
CA LEU A 57 -7.29 -1.52 2.35
C LEU A 57 -8.14 -1.30 3.59
N SER A 58 -7.61 -0.54 4.53
CA SER A 58 -8.29 -0.28 5.79
C SER A 58 -9.45 0.69 5.58
N ASP A 59 -10.51 0.48 6.33
CA ASP A 59 -11.69 1.33 6.27
C ASP A 59 -12.15 1.65 7.68
N ASP A 60 -13.13 2.53 7.81
CA ASP A 60 -13.72 2.84 9.11
C ASP A 60 -14.38 1.60 9.67
N ASP A 61 -14.96 0.80 8.78
CA ASP A 61 -15.60 -0.45 9.16
C ASP A 61 -14.66 -1.62 8.89
N PRO A 62 -14.44 -2.48 9.88
CA PRO A 62 -13.50 -3.61 9.78
C PRO A 62 -13.89 -4.65 8.71
N LYS A 63 -15.16 -4.70 8.33
CA LYS A 63 -15.61 -5.64 7.32
C LYS A 63 -15.34 -5.10 5.94
N LYS A 64 -15.28 -3.77 5.83
CA LYS A 64 -15.00 -3.12 4.57
C LYS A 64 -13.52 -3.21 4.22
N GLY A 65 -12.71 -3.59 5.20
CA GLY A 65 -11.30 -3.82 4.95
C GLY A 65 -11.08 -5.01 4.05
N ILE A 66 -10.45 -4.77 2.91
CA ILE A 66 -10.29 -5.82 1.90
C ILE A 66 -8.83 -5.99 1.50
N TRP A 67 -8.46 -7.22 1.18
CA TRP A 67 -7.14 -7.52 0.65
C TRP A 67 -7.16 -7.29 -0.86
N LEU A 68 -6.22 -6.49 -1.34
CA LEU A 68 -6.19 -6.12 -2.75
C LEU A 68 -5.55 -7.23 -3.59
N GLU A 69 -5.96 -7.33 -4.85
CA GLU A 69 -5.43 -8.34 -5.76
C GLU A 69 -4.09 -7.89 -6.34
N ALA A 70 -3.12 -8.78 -6.33
CA ALA A 70 -1.78 -8.49 -6.85
C ALA A 70 -1.83 -8.07 -8.31
N GLY A 71 -2.74 -8.68 -9.07
CA GLY A 71 -2.85 -8.38 -10.48
C GLY A 71 -3.68 -7.14 -10.77
N LYS A 72 -4.00 -6.39 -9.73
CA LYS A 72 -4.75 -5.15 -9.88
C LYS A 72 -3.90 -3.97 -9.45
N ALA A 73 -4.23 -2.79 -9.97
CA ALA A 73 -3.50 -1.57 -9.63
C ALA A 73 -4.20 -0.84 -8.49
N LEU A 74 -3.54 0.20 -7.97
CA LEU A 74 -4.11 0.99 -6.90
C LEU A 74 -5.25 1.87 -7.41
N ASP A 75 -5.12 2.34 -8.65
CA ASP A 75 -6.17 3.12 -9.30
C ASP A 75 -7.43 2.28 -9.48
N TYR A 76 -7.24 0.97 -9.59
CA TYR A 76 -8.33 0.02 -9.72
C TYR A 76 -9.29 0.13 -8.54
N TYR A 77 -8.73 0.45 -7.39
CA TYR A 77 -9.50 0.54 -6.16
C TYR A 77 -9.81 1.99 -5.83
N MET A 78 -9.48 2.89 -6.76
CA MET A 78 -9.69 4.33 -6.60
C MET A 78 -9.02 4.85 -5.34
N LEU A 79 -7.84 4.33 -5.05
CA LEU A 79 -7.07 4.77 -3.91
C LEU A 79 -6.57 6.19 -4.16
N ARG A 80 -6.74 7.07 -3.18
CA ARG A 80 -6.40 8.47 -3.35
C ARG A 80 -5.53 8.95 -2.20
N ASN A 81 -4.96 10.13 -2.35
CA ASN A 81 -4.13 10.73 -1.32
C ASN A 81 -4.95 10.96 -0.05
N GLY A 82 -4.47 10.40 1.05
CA GLY A 82 -5.16 10.53 2.31
C GLY A 82 -5.70 9.21 2.81
N ASP A 83 -5.83 8.24 1.91
CA ASP A 83 -6.33 6.91 2.28
C ASP A 83 -5.31 6.16 3.13
N THR A 84 -5.78 5.16 3.85
CA THR A 84 -4.93 4.38 4.73
C THR A 84 -4.99 2.91 4.36
N MET A 85 -3.84 2.32 4.10
CA MET A 85 -3.77 0.92 3.74
C MET A 85 -2.72 0.22 4.58
N GLU A 86 -3.05 -0.92 5.11
CA GLU A 86 -2.13 -1.66 5.96
C GLU A 86 -1.33 -2.65 5.15
N TYR A 87 -0.04 -2.41 5.03
CA TYR A 87 0.87 -3.46 4.58
C TYR A 87 1.08 -4.42 5.74
N ARG A 88 0.43 -5.56 5.67
CA ARG A 88 0.46 -6.51 6.77
C ARG A 88 0.47 -7.94 6.24
N LYS A 89 0.80 -8.90 7.09
CA LYS A 89 0.93 -10.28 6.68
C LYS A 89 -0.45 -10.89 6.46
N LYS A 90 -0.68 -11.45 5.29
CA LYS A 90 -1.95 -12.08 5.00
C LYS A 90 -1.98 -13.48 5.59
N GLN A 91 -3.15 -13.85 6.13
CA GLN A 91 -3.36 -15.16 6.74
C GLN A 91 -2.42 -15.39 7.91
N GLY A 1 0.05 21.13 3.24
CA GLY A 1 -0.51 20.11 2.32
C GLY A 1 0.45 18.97 2.10
N ILE A 2 0.10 18.05 1.22
CA ILE A 2 0.97 16.92 0.92
C ILE A 2 1.32 16.91 -0.57
N ASP A 3 2.62 17.01 -0.86
CA ASP A 3 3.11 17.03 -2.23
C ASP A 3 3.18 15.61 -2.78
N PRO A 4 2.52 15.37 -3.93
CA PRO A 4 2.41 14.03 -4.53
C PRO A 4 3.68 13.56 -5.22
N PHE A 5 4.81 14.19 -4.90
CA PHE A 5 6.13 13.72 -5.32
C PHE A 5 6.35 13.84 -6.83
N THR A 6 6.79 15.02 -7.27
CA THR A 6 7.24 15.29 -8.65
C THR A 6 6.18 14.94 -9.71
N MET A 7 4.94 14.75 -9.29
CA MET A 7 3.86 14.37 -10.20
C MET A 7 2.57 14.23 -9.40
N VAL A 8 1.53 13.68 -10.01
CA VAL A 8 0.33 13.34 -9.27
C VAL A 8 0.35 11.85 -8.92
N ALA A 9 1.00 11.54 -7.81
CA ALA A 9 1.10 10.18 -7.35
C ALA A 9 0.12 9.93 -6.21
N LEU A 10 -0.31 8.68 -6.06
CA LEU A 10 -1.28 8.32 -5.05
C LEU A 10 -0.60 8.26 -3.69
N SER A 11 -0.82 9.29 -2.89
CA SER A 11 -0.21 9.40 -1.59
C SER A 11 -1.11 8.81 -0.52
N LEU A 12 -0.78 7.62 -0.07
CA LEU A 12 -1.59 6.92 0.91
C LEU A 12 -0.80 6.69 2.20
N LYS A 13 -1.52 6.45 3.27
CA LYS A 13 -0.90 6.18 4.55
C LYS A 13 -0.84 4.67 4.75
N ILE A 14 0.36 4.12 4.77
CA ILE A 14 0.54 2.69 4.90
C ILE A 14 0.91 2.32 6.33
N SER A 15 0.08 1.51 6.94
CA SER A 15 0.32 1.06 8.30
C SER A 15 0.84 -0.37 8.32
N ILE A 16 2.10 -0.52 8.69
CA ILE A 16 2.69 -1.84 8.86
C ILE A 16 2.69 -2.19 10.35
N GLY A 17 1.68 -2.94 10.76
CA GLY A 17 1.54 -3.29 12.17
C GLY A 17 1.07 -2.11 12.98
N ASN A 18 2.01 -1.34 13.51
CA ASN A 18 1.69 -0.13 14.25
C ASN A 18 2.41 1.07 13.64
N VAL A 19 3.26 0.81 12.65
CA VAL A 19 4.04 1.86 12.03
C VAL A 19 3.30 2.43 10.82
N VAL A 20 2.85 3.67 10.94
CA VAL A 20 2.14 4.34 9.85
C VAL A 20 3.08 5.27 9.10
N LYS A 21 3.39 4.89 7.86
CA LYS A 21 4.29 5.68 7.03
C LYS A 21 3.55 6.18 5.79
N THR A 22 3.80 7.43 5.42
CA THR A 22 3.22 7.98 4.21
C THR A 22 3.93 7.43 2.98
N MET A 23 3.20 6.68 2.18
CA MET A 23 3.77 6.08 0.98
C MET A 23 3.09 6.64 -0.26
N GLN A 24 3.89 6.96 -1.25
CA GLN A 24 3.40 7.58 -2.45
C GLN A 24 3.60 6.66 -3.64
N PHE A 25 2.51 6.09 -4.10
CA PHE A 25 2.54 5.14 -5.20
C PHE A 25 2.09 5.83 -6.48
N GLU A 26 2.10 5.12 -7.58
CA GLU A 26 1.61 5.65 -8.84
C GLU A 26 0.19 5.13 -9.09
N PRO A 27 -0.61 5.85 -9.88
CA PRO A 27 -1.94 5.39 -10.27
C PRO A 27 -1.86 4.07 -11.04
N SER A 28 -0.79 3.90 -11.79
CA SER A 28 -0.59 2.69 -12.58
C SER A 28 0.22 1.65 -11.81
N THR A 29 0.42 1.89 -10.52
CA THR A 29 1.11 0.94 -9.67
C THR A 29 0.21 -0.25 -9.38
N MET A 30 0.67 -1.43 -9.77
CA MET A 30 -0.04 -2.66 -9.49
C MET A 30 0.22 -3.05 -8.04
N VAL A 31 -0.65 -3.87 -7.46
CA VAL A 31 -0.51 -4.23 -6.05
C VAL A 31 0.80 -4.99 -5.78
N TYR A 32 1.21 -5.86 -6.71
CA TYR A 32 2.49 -6.58 -6.55
C TYR A 32 3.65 -5.61 -6.66
N ASP A 33 3.41 -4.49 -7.33
CA ASP A 33 4.42 -3.46 -7.49
C ASP A 33 4.46 -2.60 -6.22
N ALA A 34 3.30 -2.36 -5.66
CA ALA A 34 3.17 -1.57 -4.45
C ALA A 34 3.78 -2.28 -3.24
N CYS A 35 3.55 -3.59 -3.14
CA CYS A 35 4.14 -4.38 -2.06
C CYS A 35 5.66 -4.43 -2.22
N ARG A 36 6.11 -4.42 -3.47
CA ARG A 36 7.53 -4.41 -3.78
C ARG A 36 8.13 -3.06 -3.40
N MET A 37 7.34 -2.00 -3.52
CA MET A 37 7.77 -0.68 -3.08
C MET A 37 7.96 -0.66 -1.57
N ILE A 38 6.98 -1.20 -0.85
CA ILE A 38 7.05 -1.22 0.61
C ILE A 38 8.28 -1.97 1.12
N ARG A 39 8.58 -3.11 0.51
CA ARG A 39 9.71 -3.93 0.94
C ARG A 39 11.03 -3.16 0.80
N GLU A 40 11.11 -2.31 -0.22
CA GLU A 40 12.31 -1.53 -0.47
C GLU A 40 12.37 -0.30 0.42
N ARG A 41 11.21 0.28 0.71
CA ARG A 41 11.14 1.50 1.53
C ARG A 41 11.26 1.16 3.01
N ILE A 42 10.46 0.22 3.47
CA ILE A 42 10.43 -0.17 4.88
C ILE A 42 10.96 -1.59 5.02
N PRO A 43 11.98 -1.78 5.89
CA PRO A 43 12.65 -3.07 6.05
C PRO A 43 11.81 -4.07 6.82
N GLU A 44 10.76 -3.56 7.45
CA GLU A 44 9.89 -4.38 8.25
C GLU A 44 9.13 -5.38 7.37
N ALA A 45 8.92 -5.00 6.11
CA ALA A 45 8.31 -5.91 5.14
C ALA A 45 9.26 -7.03 4.75
N LEU A 46 10.54 -6.82 5.01
CA LEU A 46 11.56 -7.80 4.67
C LEU A 46 11.79 -8.78 5.81
N ALA A 47 10.94 -8.70 6.83
CA ALA A 47 11.00 -9.62 7.96
C ALA A 47 10.58 -11.00 7.52
N GLY A 48 9.83 -11.06 6.43
CA GLY A 48 9.39 -12.32 5.88
C GLY A 48 9.26 -12.23 4.37
N PRO A 49 8.64 -13.22 3.74
CA PRO A 49 8.43 -13.21 2.29
C PRO A 49 7.38 -12.21 1.89
N PRO A 50 7.66 -11.49 0.80
CA PRO A 50 6.87 -10.33 0.40
C PRO A 50 5.39 -10.67 0.17
N ASN A 51 5.12 -11.83 -0.39
CA ASN A 51 3.75 -12.21 -0.72
C ASN A 51 3.05 -12.88 0.45
N ASP A 52 3.78 -13.03 1.57
CA ASP A 52 3.16 -13.45 2.82
C ASP A 52 2.51 -12.25 3.47
N PHE A 53 3.01 -11.08 3.12
CA PHE A 53 2.39 -9.83 3.50
C PHE A 53 1.44 -9.40 2.39
N GLY A 54 0.88 -8.22 2.50
CA GLY A 54 0.04 -7.72 1.44
C GLY A 54 -0.55 -6.37 1.76
N LEU A 55 -1.29 -5.81 0.81
CA LEU A 55 -1.98 -4.57 1.02
C LEU A 55 -3.39 -4.83 1.51
N PHE A 56 -3.68 -4.32 2.69
CA PHE A 56 -4.98 -4.47 3.29
C PHE A 56 -5.78 -3.19 3.13
N LEU A 57 -6.89 -3.28 2.42
CA LEU A 57 -7.75 -2.14 2.19
C LEU A 57 -8.50 -1.80 3.47
N SER A 58 -8.15 -0.67 4.06
CA SER A 58 -8.73 -0.26 5.32
C SER A 58 -10.21 0.11 5.15
N ASP A 59 -11.02 -0.38 6.06
CA ASP A 59 -12.46 -0.16 6.01
C ASP A 59 -12.92 0.46 7.33
N ASP A 60 -14.17 0.92 7.38
CA ASP A 60 -14.75 1.45 8.61
C ASP A 60 -14.63 0.43 9.74
N ASP A 61 -14.74 -0.85 9.38
CA ASP A 61 -14.53 -1.93 10.33
C ASP A 61 -13.44 -2.87 9.82
N PRO A 62 -12.47 -3.19 10.67
CA PRO A 62 -11.32 -4.03 10.32
C PRO A 62 -11.71 -5.37 9.70
N LYS A 63 -12.83 -5.93 10.13
CA LYS A 63 -13.26 -7.24 9.65
C LYS A 63 -13.89 -7.14 8.27
N LYS A 64 -14.29 -5.94 7.89
CA LYS A 64 -14.93 -5.72 6.61
C LYS A 64 -13.90 -5.23 5.59
N GLY A 65 -12.66 -5.09 6.03
CA GLY A 65 -11.58 -4.74 5.14
C GLY A 65 -11.14 -5.93 4.30
N ILE A 66 -10.60 -5.67 3.12
CA ILE A 66 -10.26 -6.73 2.19
C ILE A 66 -8.81 -6.62 1.72
N TRP A 67 -8.31 -7.68 1.13
CA TRP A 67 -6.95 -7.70 0.61
C TRP A 67 -6.95 -7.44 -0.90
N LEU A 68 -6.13 -6.49 -1.33
CA LEU A 68 -6.04 -6.11 -2.74
C LEU A 68 -5.38 -7.21 -3.58
N GLU A 69 -5.83 -7.33 -4.82
CA GLU A 69 -5.29 -8.31 -5.75
C GLU A 69 -4.05 -7.76 -6.44
N ALA A 70 -2.96 -8.53 -6.41
CA ALA A 70 -1.70 -8.14 -7.05
C ALA A 70 -1.88 -7.84 -8.52
N GLY A 71 -2.85 -8.51 -9.14
CA GLY A 71 -3.10 -8.34 -10.56
C GLY A 71 -3.95 -7.13 -10.88
N LYS A 72 -4.15 -6.26 -9.89
CA LYS A 72 -4.90 -5.03 -10.10
C LYS A 72 -4.06 -3.82 -9.68
N ALA A 73 -4.38 -2.66 -10.23
CA ALA A 73 -3.65 -1.45 -9.91
C ALA A 73 -4.31 -0.73 -8.73
N LEU A 74 -3.60 0.25 -8.19
CA LEU A 74 -4.10 1.00 -7.05
C LEU A 74 -5.23 1.96 -7.46
N ASP A 75 -5.15 2.47 -8.68
CA ASP A 75 -6.20 3.36 -9.19
C ASP A 75 -7.48 2.56 -9.43
N TYR A 76 -7.32 1.25 -9.54
CA TYR A 76 -8.44 0.34 -9.74
C TYR A 76 -9.30 0.27 -8.48
N TYR A 77 -8.64 0.43 -7.34
CA TYR A 77 -9.31 0.33 -6.04
C TYR A 77 -9.73 1.69 -5.51
N MET A 78 -9.60 2.71 -6.36
CA MET A 78 -10.02 4.07 -6.03
C MET A 78 -9.22 4.63 -4.85
N LEU A 79 -7.98 4.18 -4.72
CA LEU A 79 -7.10 4.68 -3.67
C LEU A 79 -6.70 6.12 -3.97
N ARG A 80 -6.96 7.01 -3.02
CA ARG A 80 -6.77 8.44 -3.24
C ARG A 80 -5.73 9.01 -2.28
N ASN A 81 -5.21 10.18 -2.61
CA ASN A 81 -4.25 10.88 -1.76
C ASN A 81 -4.92 11.26 -0.45
N GLY A 82 -4.40 10.69 0.64
CA GLY A 82 -4.98 10.94 1.93
C GLY A 82 -5.61 9.69 2.52
N ASP A 83 -5.74 8.68 1.69
CA ASP A 83 -6.37 7.43 2.11
C ASP A 83 -5.38 6.55 2.85
N THR A 84 -5.90 5.58 3.56
CA THR A 84 -5.10 4.75 4.43
C THR A 84 -5.24 3.27 4.07
N MET A 85 -4.11 2.57 4.03
CA MET A 85 -4.09 1.12 3.87
C MET A 85 -3.13 0.51 4.87
N GLU A 86 -3.20 -0.80 5.02
CA GLU A 86 -2.29 -1.49 5.91
C GLU A 86 -1.48 -2.52 5.15
N TYR A 87 -0.18 -2.29 5.03
CA TYR A 87 0.69 -3.32 4.51
C TYR A 87 1.13 -4.20 5.66
N ARG A 88 0.55 -5.38 5.74
CA ARG A 88 0.77 -6.25 6.88
C ARG A 88 0.76 -7.70 6.44
N LYS A 89 1.29 -8.57 7.28
CA LYS A 89 1.28 -10.00 7.02
C LYS A 89 -0.16 -10.49 6.94
N LYS A 90 -0.47 -11.20 5.86
CA LYS A 90 -1.83 -11.69 5.64
C LYS A 90 -2.27 -12.59 6.78
N GLN A 91 -3.33 -12.19 7.47
CA GLN A 91 -3.81 -12.91 8.63
C GLN A 91 -5.24 -13.38 8.39
#